data_2KZV
#
_entry.id   2KZV
#
_entity_poly.entity_id   1
_entity_poly.type   'polypeptide(L)'
_entity_poly.pdbx_seq_one_letter_code
;MPHKEKHPLQDMFTSAIEAVARDSGWAELSAVGSYLAKNDPSFDPRNWGHGRLSQMVKKLDFLTVQESRNGSKLHSEIRL
RHDGLEHHHHHH
;
_entity_poly.pdbx_strand_id   A
#
# COMPACT_ATOMS: atom_id res chain seq x y z
N MET A 1 -5.34 0.85 -24.12
CA MET A 1 -4.21 1.77 -23.80
C MET A 1 -4.12 1.95 -22.28
N PRO A 2 -4.11 0.88 -21.53
CA PRO A 2 -4.03 0.95 -20.04
C PRO A 2 -2.71 1.60 -19.58
N HIS A 3 -2.76 2.36 -18.50
CA HIS A 3 -1.53 3.03 -17.97
C HIS A 3 -1.00 2.25 -16.77
N LYS A 4 0.28 2.00 -16.73
CA LYS A 4 0.89 1.24 -15.60
C LYS A 4 0.17 -0.11 -15.41
N GLU A 5 -0.97 -0.11 -14.76
CA GLU A 5 -1.72 -1.38 -14.54
C GLU A 5 -0.88 -2.37 -13.73
N LYS A 6 0.14 -2.93 -14.33
CA LYS A 6 1.04 -3.88 -13.61
C LYS A 6 0.23 -5.02 -12.98
N HIS A 7 0.33 -6.20 -13.52
CA HIS A 7 -0.43 -7.34 -12.95
C HIS A 7 0.11 -7.69 -11.55
N PRO A 8 1.42 -7.70 -11.35
CA PRO A 8 2.02 -8.04 -10.03
C PRO A 8 1.57 -7.07 -8.92
N LEU A 9 1.05 -7.57 -7.84
CA LEU A 9 0.60 -6.67 -6.74
C LEU A 9 1.81 -5.95 -6.15
N GLN A 10 2.90 -6.65 -5.96
CA GLN A 10 4.11 -6.02 -5.35
C GLN A 10 4.52 -4.78 -6.16
N ASP A 11 4.69 -4.93 -7.45
CA ASP A 11 5.09 -3.75 -8.27
C ASP A 11 3.95 -2.73 -8.30
N MET A 12 2.73 -3.18 -8.39
CA MET A 12 1.57 -2.24 -8.44
C MET A 12 1.52 -1.40 -7.17
N PHE A 13 1.58 -2.02 -6.01
CA PHE A 13 1.55 -1.23 -4.74
C PHE A 13 2.83 -0.40 -4.63
N THR A 14 3.95 -0.93 -5.03
CA THR A 14 5.22 -0.18 -4.92
C THR A 14 5.12 1.11 -5.74
N SER A 15 4.64 1.03 -6.94
CA SER A 15 4.54 2.24 -7.79
C SER A 15 3.60 3.26 -7.16
N ALA A 16 2.48 2.81 -6.65
CA ALA A 16 1.50 3.77 -6.04
C ALA A 16 2.09 4.39 -4.77
N ILE A 17 2.72 3.61 -3.94
CA ILE A 17 3.30 4.16 -2.68
C ILE A 17 4.40 5.17 -3.02
N GLU A 18 5.25 4.84 -3.94
CA GLU A 18 6.35 5.78 -4.30
C GLU A 18 5.78 7.03 -4.96
N ALA A 19 4.72 6.89 -5.71
CA ALA A 19 4.12 8.07 -6.38
C ALA A 19 3.60 9.08 -5.35
N VAL A 20 2.99 8.61 -4.28
CA VAL A 20 2.44 9.52 -3.23
C VAL A 20 3.38 9.57 -2.01
N ALA A 21 4.52 8.96 -2.10
CA ALA A 21 5.46 8.97 -0.93
C ALA A 21 5.96 10.40 -0.68
N ARG A 22 5.63 11.31 -1.54
CA ARG A 22 6.08 12.73 -1.37
C ARG A 22 5.31 13.35 -0.19
N ASP A 23 4.19 12.77 0.17
CA ASP A 23 3.40 13.33 1.31
C ASP A 23 4.24 13.28 2.59
N SER A 24 4.81 12.14 2.89
CA SER A 24 5.64 12.02 4.13
C SER A 24 6.18 10.59 4.24
N GLY A 25 7.18 10.24 3.47
CA GLY A 25 7.74 8.86 3.54
C GLY A 25 6.63 7.84 3.29
N TRP A 26 5.98 7.39 4.34
CA TRP A 26 4.89 6.38 4.17
C TRP A 26 3.84 6.91 3.19
N ALA A 27 2.75 6.19 3.03
CA ALA A 27 1.67 6.61 2.07
C ALA A 27 0.31 6.31 2.70
N GLU A 28 -0.61 7.24 2.62
CA GLU A 28 -1.96 7.00 3.20
C GLU A 28 -2.71 5.97 2.35
N LEU A 29 -3.35 5.02 2.97
CA LEU A 29 -4.07 3.97 2.21
C LEU A 29 -5.10 4.63 1.28
N SER A 30 -5.77 5.64 1.75
CA SER A 30 -6.78 6.33 0.89
C SER A 30 -6.08 6.87 -0.36
N ALA A 31 -4.93 7.46 -0.20
CA ALA A 31 -4.20 8.01 -1.38
C ALA A 31 -3.86 6.87 -2.35
N VAL A 32 -3.49 5.73 -1.83
CA VAL A 32 -3.14 4.59 -2.73
C VAL A 32 -4.37 4.18 -3.54
N GLY A 33 -5.51 4.04 -2.90
CA GLY A 33 -6.73 3.63 -3.64
C GLY A 33 -7.06 4.66 -4.73
N SER A 34 -7.07 5.92 -4.38
CA SER A 34 -7.38 6.96 -5.40
C SER A 34 -6.31 6.94 -6.50
N TYR A 35 -5.06 6.80 -6.12
CA TYR A 35 -3.97 6.79 -7.14
C TYR A 35 -4.18 5.61 -8.08
N LEU A 36 -4.42 4.45 -7.54
CA LEU A 36 -4.64 3.25 -8.40
C LEU A 36 -5.90 3.45 -9.23
N ALA A 37 -6.92 4.02 -8.65
CA ALA A 37 -8.18 4.24 -9.40
C ALA A 37 -7.88 5.10 -10.64
N LYS A 38 -7.19 6.19 -10.47
CA LYS A 38 -6.87 7.07 -11.64
C LYS A 38 -5.81 6.42 -12.54
N ASN A 39 -4.72 5.99 -11.97
CA ASN A 39 -3.63 5.36 -12.77
C ASN A 39 -4.14 4.04 -13.37
N ASP A 40 -4.88 3.29 -12.60
CA ASP A 40 -5.43 1.97 -13.07
C ASP A 40 -6.95 1.97 -12.95
N PRO A 41 -7.67 2.49 -13.92
CA PRO A 41 -9.16 2.53 -13.87
C PRO A 41 -9.75 1.13 -13.66
N SER A 42 -9.05 0.12 -14.11
CA SER A 42 -9.55 -1.27 -13.95
C SER A 42 -9.56 -1.64 -12.46
N PHE A 43 -8.93 -0.85 -11.63
CA PHE A 43 -8.89 -1.18 -10.17
C PHE A 43 -10.26 -0.84 -9.55
N ASP A 44 -10.89 -1.82 -8.95
CA ASP A 44 -12.24 -1.62 -8.32
C ASP A 44 -12.16 -1.92 -6.81
N PRO A 45 -11.87 -0.94 -5.98
CA PRO A 45 -11.79 -1.14 -4.50
C PRO A 45 -13.15 -1.57 -3.94
N ARG A 46 -14.19 -1.30 -4.66
CA ARG A 46 -15.57 -1.68 -4.21
C ARG A 46 -15.64 -3.21 -4.12
N ASN A 47 -15.04 -3.89 -5.04
CA ASN A 47 -15.08 -5.38 -4.99
C ASN A 47 -14.42 -5.86 -3.70
N TRP A 48 -13.37 -5.20 -3.28
CA TRP A 48 -12.68 -5.61 -2.02
C TRP A 48 -13.39 -4.98 -0.82
N GLY A 49 -14.53 -4.39 -1.05
CA GLY A 49 -15.29 -3.76 0.07
C GLY A 49 -14.55 -2.52 0.56
N HIS A 50 -15.26 -1.56 1.08
CA HIS A 50 -14.60 -0.32 1.58
C HIS A 50 -14.00 -0.58 2.96
N GLY A 51 -12.91 0.07 3.28
CA GLY A 51 -12.27 -0.13 4.61
C GLY A 51 -11.60 -1.50 4.68
N ARG A 52 -12.23 -2.52 4.14
CA ARG A 52 -11.62 -3.88 4.20
C ARG A 52 -10.36 -3.89 3.33
N LEU A 53 -10.08 -2.81 2.65
CA LEU A 53 -8.87 -2.76 1.80
C LEU A 53 -7.64 -2.89 2.71
N SER A 54 -7.67 -2.26 3.84
CA SER A 54 -6.51 -2.35 4.78
C SER A 54 -6.32 -3.82 5.19
N GLN A 55 -7.38 -4.50 5.48
CA GLN A 55 -7.26 -5.93 5.88
C GLN A 55 -6.81 -6.77 4.67
N MET A 56 -7.11 -6.34 3.48
CA MET A 56 -6.69 -7.14 2.28
C MET A 56 -5.16 -7.18 2.21
N VAL A 57 -4.52 -6.05 2.33
CA VAL A 57 -3.03 -6.01 2.25
C VAL A 57 -2.44 -6.71 3.49
N LYS A 58 -3.20 -6.77 4.55
CA LYS A 58 -2.69 -7.41 5.80
C LYS A 58 -2.42 -8.89 5.53
N LYS A 59 -3.13 -9.48 4.60
CA LYS A 59 -2.93 -10.92 4.29
C LYS A 59 -1.66 -11.10 3.44
N LEU A 60 -1.04 -10.00 3.06
CA LEU A 60 0.21 -10.07 2.23
C LEU A 60 1.43 -9.88 3.15
N ASP A 61 2.19 -10.92 3.36
CA ASP A 61 3.38 -10.82 4.25
C ASP A 61 4.44 -9.86 3.68
N PHE A 62 4.65 -9.87 2.39
CA PHE A 62 5.70 -8.98 1.80
C PHE A 62 5.28 -7.51 1.86
N LEU A 63 4.34 -7.17 2.71
CA LEU A 63 3.88 -5.74 2.86
C LEU A 63 3.69 -5.42 4.34
N THR A 64 4.32 -4.38 4.81
CA THR A 64 4.17 -4.00 6.25
C THR A 64 2.97 -3.06 6.40
N VAL A 65 2.09 -3.33 7.33
CA VAL A 65 0.87 -2.47 7.53
C VAL A 65 0.94 -1.79 8.91
N GLN A 66 0.73 -0.51 8.95
CA GLN A 66 0.76 0.25 10.24
C GLN A 66 -0.33 1.32 10.20
N GLU A 67 -0.81 1.72 11.36
CA GLU A 67 -1.89 2.76 11.42
C GLU A 67 -1.29 4.07 11.94
N SER A 68 -1.35 5.11 11.16
CA SER A 68 -0.80 6.43 11.62
C SER A 68 -1.88 7.15 12.41
N ARG A 69 -1.50 8.05 13.29
CA ARG A 69 -2.51 8.80 14.10
C ARG A 69 -2.85 10.11 13.38
N ASN A 70 -3.75 10.04 12.43
CA ASN A 70 -4.15 11.27 11.67
C ASN A 70 -5.40 11.89 12.32
N GLY A 71 -5.21 12.98 13.03
CA GLY A 71 -6.36 13.64 13.69
C GLY A 71 -7.05 12.66 14.63
N SER A 72 -8.35 12.71 14.71
CA SER A 72 -9.10 11.78 15.62
C SER A 72 -9.38 10.46 14.90
N LYS A 73 -9.06 10.38 13.62
CA LYS A 73 -9.30 9.11 12.84
C LYS A 73 -7.98 8.41 12.59
N LEU A 74 -7.99 7.10 12.65
CA LEU A 74 -6.74 6.32 12.40
C LEU A 74 -6.67 5.97 10.92
N HIS A 75 -5.62 6.35 10.24
CA HIS A 75 -5.48 6.07 8.78
C HIS A 75 -4.55 4.88 8.57
N SER A 76 -4.92 3.97 7.71
CA SER A 76 -4.05 2.78 7.45
C SER A 76 -2.91 3.18 6.51
N GLU A 77 -1.77 2.56 6.65
CA GLU A 77 -0.60 2.87 5.77
C GLU A 77 0.07 1.55 5.36
N ILE A 78 0.74 1.56 4.24
CA ILE A 78 1.44 0.31 3.75
C ILE A 78 2.84 0.68 3.29
N ARG A 79 3.75 -0.26 3.33
CA ARG A 79 5.15 -0.01 2.89
C ARG A 79 5.68 -1.27 2.20
N LEU A 80 6.55 -1.12 1.23
CA LEU A 80 7.09 -2.32 0.52
C LEU A 80 8.29 -2.84 1.31
N ARG A 81 8.23 -4.07 1.76
CA ARG A 81 9.34 -4.65 2.55
C ARG A 81 10.67 -4.51 1.79
N HIS A 82 11.69 -4.05 2.48
CA HIS A 82 13.03 -3.87 1.83
C HIS A 82 13.60 -5.24 1.48
N ASP A 83 13.43 -6.21 2.34
CA ASP A 83 13.98 -7.57 2.09
C ASP A 83 13.31 -8.18 0.87
N GLY A 84 14.03 -8.95 0.09
CA GLY A 84 13.44 -9.59 -1.11
C GLY A 84 12.53 -10.74 -0.68
N LEU A 85 12.19 -11.62 -1.58
CA LEU A 85 11.30 -12.77 -1.22
C LEU A 85 12.10 -13.78 -0.39
N GLU A 86 11.48 -14.36 0.61
CA GLU A 86 12.19 -15.37 1.45
C GLU A 86 11.16 -16.25 2.16
N HIS A 87 11.12 -17.52 1.84
CA HIS A 87 10.15 -18.45 2.48
C HIS A 87 10.69 -19.88 2.39
N HIS A 88 11.97 -20.01 2.19
CA HIS A 88 12.56 -21.38 2.08
C HIS A 88 12.44 -22.10 3.42
N HIS A 89 12.66 -21.40 4.50
CA HIS A 89 12.56 -22.03 5.86
C HIS A 89 13.42 -23.30 5.91
N HIS A 90 13.44 -23.97 7.03
CA HIS A 90 14.25 -25.21 7.15
C HIS A 90 13.67 -26.29 6.24
N HIS A 91 12.38 -26.38 6.16
CA HIS A 91 11.75 -27.44 5.29
C HIS A 91 12.30 -27.33 3.87
N HIS A 92 11.79 -26.39 3.10
CA HIS A 92 12.27 -26.24 1.70
C HIS A 92 13.60 -25.48 1.68
N MET A 1 -14.30 -13.91 -13.03
CA MET A 1 -14.65 -12.72 -12.20
C MET A 1 -13.39 -11.88 -11.94
N PRO A 2 -12.68 -11.52 -12.98
CA PRO A 2 -11.43 -10.71 -12.86
C PRO A 2 -11.71 -9.30 -12.27
N HIS A 3 -10.78 -8.77 -11.52
CA HIS A 3 -10.97 -7.41 -10.92
C HIS A 3 -9.61 -6.75 -10.71
N LYS A 4 -8.68 -7.47 -10.12
CA LYS A 4 -7.31 -6.89 -9.88
C LYS A 4 -6.48 -6.99 -11.17
N GLU A 5 -5.55 -6.09 -11.35
CA GLU A 5 -4.70 -6.14 -12.57
C GLU A 5 -3.93 -7.47 -12.60
N LYS A 6 -3.67 -7.99 -13.77
CA LYS A 6 -2.93 -9.29 -13.87
C LYS A 6 -1.44 -9.05 -13.63
N HIS A 7 -1.05 -7.81 -13.50
CA HIS A 7 0.40 -7.51 -13.27
C HIS A 7 0.77 -7.90 -11.82
N PRO A 8 2.03 -8.23 -11.54
CA PRO A 8 2.46 -8.61 -10.17
C PRO A 8 1.91 -7.64 -9.11
N LEU A 9 1.47 -8.15 -7.99
CA LEU A 9 0.93 -7.27 -6.92
C LEU A 9 2.05 -6.34 -6.40
N GLN A 10 3.23 -6.88 -6.22
CA GLN A 10 4.35 -6.04 -5.72
C GLN A 10 4.56 -4.85 -6.65
N ASP A 11 4.59 -5.09 -7.93
CA ASP A 11 4.80 -3.99 -8.89
C ASP A 11 3.61 -3.01 -8.80
N MET A 12 2.41 -3.52 -8.64
CA MET A 12 1.23 -2.63 -8.56
C MET A 12 1.34 -1.72 -7.33
N PHE A 13 1.57 -2.29 -6.16
CA PHE A 13 1.68 -1.43 -4.94
C PHE A 13 2.99 -0.63 -4.99
N THR A 14 4.05 -1.24 -5.42
CA THR A 14 5.36 -0.52 -5.48
C THR A 14 5.23 0.69 -6.41
N SER A 15 4.63 0.51 -7.55
CA SER A 15 4.49 1.64 -8.51
C SER A 15 3.64 2.75 -7.89
N ALA A 16 2.58 2.40 -7.21
CA ALA A 16 1.71 3.44 -6.60
C ALA A 16 2.43 4.15 -5.45
N ILE A 17 3.14 3.40 -4.64
CA ILE A 17 3.86 4.04 -3.49
C ILE A 17 4.91 5.00 -4.02
N GLU A 18 5.66 4.60 -5.01
CA GLU A 18 6.71 5.49 -5.57
C GLU A 18 6.06 6.68 -6.26
N ALA A 19 4.90 6.50 -6.82
CA ALA A 19 4.23 7.64 -7.52
C ALA A 19 3.88 8.75 -6.53
N VAL A 20 3.41 8.41 -5.34
CA VAL A 20 3.03 9.46 -4.32
C VAL A 20 3.80 9.24 -3.02
N ALA A 21 4.98 8.68 -3.07
CA ALA A 21 5.77 8.46 -1.82
C ALA A 21 5.92 9.78 -1.05
N ARG A 22 6.04 10.90 -1.75
CA ARG A 22 6.22 12.22 -1.06
C ARG A 22 7.26 12.09 0.06
N ASP A 23 8.52 12.04 -0.25
CA ASP A 23 9.56 11.93 0.81
C ASP A 23 9.34 10.66 1.64
N SER A 24 10.41 10.11 2.16
CA SER A 24 10.30 8.87 3.01
C SER A 24 9.63 7.75 2.22
N GLY A 25 9.86 6.53 2.62
CA GLY A 25 9.26 5.37 1.90
C GLY A 25 7.80 5.19 2.36
N TRP A 26 7.35 6.03 3.24
CA TRP A 26 5.94 5.91 3.75
C TRP A 26 4.99 6.66 2.80
N ALA A 27 3.80 6.15 2.62
CA ALA A 27 2.80 6.82 1.72
C ALA A 27 1.40 6.64 2.32
N GLU A 28 0.58 7.67 2.28
CA GLU A 28 -0.79 7.55 2.85
C GLU A 28 -1.61 6.56 2.01
N LEU A 29 -2.26 5.63 2.66
CA LEU A 29 -3.07 4.62 1.91
C LEU A 29 -4.13 5.33 1.06
N SER A 30 -4.70 6.40 1.56
CA SER A 30 -5.74 7.11 0.77
C SER A 30 -5.16 7.54 -0.58
N ALA A 31 -3.97 8.06 -0.58
CA ALA A 31 -3.34 8.48 -1.86
C ALA A 31 -3.13 7.25 -2.75
N VAL A 32 -2.75 6.14 -2.17
CA VAL A 32 -2.52 4.91 -2.98
C VAL A 32 -3.85 4.48 -3.62
N GLY A 33 -4.90 4.41 -2.84
CA GLY A 33 -6.21 3.97 -3.41
C GLY A 33 -6.65 4.94 -4.51
N SER A 34 -6.60 6.22 -4.26
CA SER A 34 -7.01 7.20 -5.30
C SER A 34 -6.08 7.08 -6.51
N TYR A 35 -4.80 6.95 -6.27
CA TYR A 35 -3.84 6.83 -7.41
C TYR A 35 -4.18 5.61 -8.26
N LEU A 36 -4.40 4.48 -7.62
CA LEU A 36 -4.73 3.25 -8.39
C LEU A 36 -6.05 3.47 -9.14
N ALA A 37 -7.01 4.08 -8.51
CA ALA A 37 -8.32 4.30 -9.21
C ALA A 37 -8.07 5.10 -10.51
N LYS A 38 -7.23 6.10 -10.46
CA LYS A 38 -6.95 6.89 -11.68
C LYS A 38 -6.28 6.00 -12.73
N ASN A 39 -5.35 5.17 -12.31
CA ASN A 39 -4.63 4.27 -13.27
C ASN A 39 -5.39 2.94 -13.38
N ASP A 40 -6.53 2.86 -12.74
CA ASP A 40 -7.33 1.61 -12.78
C ASP A 40 -8.77 1.93 -12.34
N PRO A 41 -9.55 2.60 -13.15
CA PRO A 41 -10.94 2.96 -12.76
C PRO A 41 -11.81 1.71 -12.62
N SER A 42 -11.37 0.59 -13.15
CA SER A 42 -12.17 -0.66 -13.02
C SER A 42 -12.03 -1.18 -11.59
N PHE A 43 -11.17 -0.56 -10.80
CA PHE A 43 -10.98 -1.01 -9.39
C PHE A 43 -12.17 -0.55 -8.54
N ASP A 44 -12.67 -1.42 -7.69
CA ASP A 44 -13.85 -1.09 -6.82
C ASP A 44 -13.45 -1.20 -5.33
N PRO A 45 -13.02 -0.13 -4.71
CA PRO A 45 -12.65 -0.14 -3.25
C PRO A 45 -13.86 -0.47 -2.35
N ARG A 46 -15.03 -0.35 -2.88
CA ARG A 46 -16.27 -0.63 -2.10
C ARG A 46 -16.26 -2.11 -1.72
N ASN A 47 -15.84 -2.95 -2.64
CA ASN A 47 -15.78 -4.40 -2.34
C ASN A 47 -14.77 -4.64 -1.22
N TRP A 48 -13.68 -3.90 -1.22
CA TRP A 48 -12.64 -4.06 -0.15
C TRP A 48 -12.94 -3.09 0.98
N GLY A 49 -14.17 -2.65 1.09
CA GLY A 49 -14.55 -1.70 2.16
C GLY A 49 -13.93 -0.33 1.89
N HIS A 50 -14.45 0.70 2.49
CA HIS A 50 -13.89 2.07 2.27
C HIS A 50 -12.61 2.24 3.09
N GLY A 51 -12.41 1.40 4.09
CA GLY A 51 -11.19 1.48 4.95
C GLY A 51 -10.62 0.08 5.17
N ARG A 52 -11.42 -0.94 4.96
CA ARG A 52 -10.92 -2.32 5.18
C ARG A 52 -9.87 -2.64 4.12
N LEU A 53 -9.55 -1.69 3.29
CA LEU A 53 -8.51 -1.91 2.25
C LEU A 53 -7.18 -2.21 2.96
N SER A 54 -6.90 -1.53 4.04
CA SER A 54 -5.62 -1.78 4.77
C SER A 54 -5.55 -3.25 5.19
N GLN A 55 -6.65 -3.78 5.67
CA GLN A 55 -6.66 -5.21 6.10
C GLN A 55 -6.47 -6.12 4.89
N MET A 56 -6.91 -5.70 3.72
CA MET A 56 -6.74 -6.57 2.52
C MET A 56 -5.25 -6.76 2.21
N VAL A 57 -4.50 -5.69 2.18
CA VAL A 57 -3.05 -5.81 1.87
C VAL A 57 -2.31 -6.45 3.06
N LYS A 58 -2.93 -6.47 4.20
CA LYS A 58 -2.28 -7.09 5.39
C LYS A 58 -2.03 -8.57 5.12
N LYS A 59 -2.85 -9.19 4.32
CA LYS A 59 -2.66 -10.64 4.01
C LYS A 59 -1.32 -10.83 3.30
N LEU A 60 -0.90 -9.86 2.52
CA LEU A 60 0.39 -9.99 1.79
C LEU A 60 1.55 -9.87 2.79
N ASP A 61 2.27 -10.94 2.99
CA ASP A 61 3.40 -10.92 3.97
C ASP A 61 4.52 -9.96 3.53
N PHE A 62 4.84 -9.92 2.26
CA PHE A 62 5.96 -9.02 1.80
C PHE A 62 5.55 -7.54 1.91
N LEU A 63 4.56 -7.22 2.71
CA LEU A 63 4.11 -5.80 2.89
C LEU A 63 3.84 -5.53 4.37
N THR A 64 4.33 -4.43 4.89
CA THR A 64 4.11 -4.08 6.32
C THR A 64 2.93 -3.09 6.41
N VAL A 65 2.03 -3.29 7.34
CA VAL A 65 0.84 -2.37 7.48
C VAL A 65 0.90 -1.72 8.87
N GLN A 66 0.71 -0.42 8.92
CA GLN A 66 0.73 0.32 10.22
C GLN A 66 -0.45 1.30 10.26
N GLU A 67 -1.35 1.11 11.19
CA GLU A 67 -2.55 2.02 11.30
C GLU A 67 -2.27 3.07 12.38
N SER A 68 -2.30 4.33 12.00
CA SER A 68 -2.04 5.43 12.98
C SER A 68 -3.36 6.09 13.35
N ARG A 69 -3.69 6.11 14.62
CA ARG A 69 -4.98 6.74 15.04
C ARG A 69 -4.85 8.27 14.94
N ASN A 70 -5.84 8.90 14.36
CA ASN A 70 -5.81 10.39 14.21
C ASN A 70 -7.24 10.93 14.23
N GLY A 71 -7.70 11.37 15.37
CA GLY A 71 -9.08 11.91 15.46
C GLY A 71 -10.10 10.82 15.11
N SER A 72 -11.12 11.17 14.38
CA SER A 72 -12.16 10.17 14.01
C SER A 72 -11.73 9.37 12.78
N LYS A 73 -10.63 9.75 12.15
CA LYS A 73 -10.14 9.03 10.92
C LYS A 73 -8.69 8.60 11.13
N LEU A 74 -8.40 7.33 11.01
CA LEU A 74 -6.99 6.85 11.19
C LEU A 74 -6.27 6.95 9.86
N HIS A 75 -4.96 7.09 9.89
CA HIS A 75 -4.17 7.20 8.62
C HIS A 75 -3.44 5.87 8.37
N SER A 76 -3.98 5.04 7.52
CA SER A 76 -3.33 3.75 7.22
C SER A 76 -2.11 3.97 6.32
N GLU A 77 -1.08 3.18 6.50
CA GLU A 77 0.17 3.33 5.68
C GLU A 77 0.69 1.94 5.31
N ILE A 78 1.43 1.85 4.23
CA ILE A 78 2.00 0.54 3.78
C ILE A 78 3.48 0.72 3.43
N ARG A 79 4.27 -0.32 3.59
CA ARG A 79 5.72 -0.26 3.25
C ARG A 79 6.18 -1.66 2.85
N LEU A 80 7.04 -1.77 1.87
CA LEU A 80 7.52 -3.11 1.43
C LEU A 80 8.51 -3.66 2.46
N ARG A 81 8.43 -4.93 2.76
CA ARG A 81 9.36 -5.52 3.75
C ARG A 81 10.80 -5.44 3.22
N HIS A 82 11.00 -5.74 1.96
CA HIS A 82 12.38 -5.68 1.38
C HIS A 82 12.64 -4.28 0.82
N ASP A 83 13.66 -3.62 1.32
CA ASP A 83 13.97 -2.24 0.82
C ASP A 83 15.32 -1.80 1.37
N GLY A 84 15.72 -2.33 2.50
CA GLY A 84 17.03 -1.95 3.10
C GLY A 84 17.13 -2.52 4.51
N LEU A 85 17.90 -1.90 5.36
CA LEU A 85 18.06 -2.40 6.76
C LEU A 85 18.42 -3.88 6.74
N GLU A 86 19.67 -4.21 6.65
CA GLU A 86 20.09 -5.62 6.63
C GLU A 86 21.61 -5.71 6.79
N HIS A 87 22.35 -5.35 5.76
CA HIS A 87 23.84 -5.40 5.86
C HIS A 87 24.34 -4.18 6.62
N HIS A 88 25.21 -4.38 7.58
CA HIS A 88 25.76 -3.24 8.37
C HIS A 88 27.13 -3.62 8.95
N HIS A 89 27.90 -2.66 9.38
CA HIS A 89 29.25 -2.96 9.94
C HIS A 89 30.05 -3.81 8.95
N HIS A 90 29.58 -3.93 7.73
CA HIS A 90 30.31 -4.75 6.70
C HIS A 90 31.23 -3.84 5.90
N HIS A 91 32.32 -3.41 6.48
CA HIS A 91 33.26 -2.51 5.76
C HIS A 91 33.90 -3.27 4.59
N HIS A 92 34.23 -4.52 4.80
CA HIS A 92 34.87 -5.33 3.71
C HIS A 92 36.11 -4.59 3.19
N MET A 1 -5.02 2.21 -26.05
CA MET A 1 -5.73 2.42 -24.76
C MET A 1 -5.15 1.48 -23.70
N PRO A 2 -3.96 1.76 -23.21
CA PRO A 2 -3.29 0.90 -22.18
C PRO A 2 -4.09 0.84 -20.86
N HIS A 3 -4.05 -0.28 -20.19
CA HIS A 3 -4.79 -0.40 -18.90
C HIS A 3 -4.33 -1.67 -18.19
N LYS A 4 -3.89 -1.56 -16.95
CA LYS A 4 -3.42 -2.76 -16.21
C LYS A 4 -4.63 -3.51 -15.63
N GLU A 5 -4.87 -4.70 -16.08
CA GLU A 5 -6.02 -5.48 -15.55
C GLU A 5 -5.75 -5.88 -14.10
N LYS A 6 -4.52 -6.22 -13.79
CA LYS A 6 -4.17 -6.62 -12.39
C LYS A 6 -2.65 -6.44 -12.20
N HIS A 7 -1.87 -6.94 -13.12
CA HIS A 7 -0.39 -6.80 -13.01
C HIS A 7 0.10 -7.41 -11.68
N PRO A 8 1.40 -7.52 -11.48
CA PRO A 8 1.97 -8.09 -10.21
C PRO A 8 1.51 -7.31 -8.97
N LEU A 9 1.26 -7.99 -7.88
CA LEU A 9 0.81 -7.29 -6.65
C LEU A 9 1.92 -6.33 -6.18
N GLN A 10 3.15 -6.79 -6.19
CA GLN A 10 4.27 -5.92 -5.73
C GLN A 10 4.40 -4.71 -6.66
N ASP A 11 4.40 -4.93 -7.94
CA ASP A 11 4.51 -3.79 -8.90
C ASP A 11 3.30 -2.87 -8.74
N MET A 12 2.15 -3.44 -8.49
CA MET A 12 0.93 -2.61 -8.34
C MET A 12 1.06 -1.69 -7.12
N PHE A 13 1.21 -2.24 -5.95
CA PHE A 13 1.34 -1.38 -4.73
C PHE A 13 2.64 -0.57 -4.81
N THR A 14 3.71 -1.16 -5.27
CA THR A 14 4.99 -0.41 -5.35
C THR A 14 4.84 0.81 -6.26
N SER A 15 4.23 0.63 -7.41
CA SER A 15 4.07 1.78 -8.34
C SER A 15 3.23 2.87 -7.67
N ALA A 16 2.16 2.50 -7.01
CA ALA A 16 1.30 3.52 -6.36
C ALA A 16 1.97 4.09 -5.10
N ILE A 17 2.48 3.24 -4.26
CA ILE A 17 3.14 3.74 -3.01
C ILE A 17 4.36 4.59 -3.39
N GLU A 18 5.16 4.13 -4.32
CA GLU A 18 6.36 4.90 -4.71
C GLU A 18 5.95 6.22 -5.39
N ALA A 19 4.88 6.20 -6.13
CA ALA A 19 4.44 7.44 -6.82
C ALA A 19 4.07 8.51 -5.79
N VAL A 20 3.43 8.11 -4.70
CA VAL A 20 3.02 9.10 -3.64
C VAL A 20 3.87 8.88 -2.38
N ALA A 21 4.92 8.10 -2.46
CA ALA A 21 5.78 7.88 -1.26
C ALA A 21 6.32 9.23 -0.78
N ARG A 22 6.40 10.19 -1.66
CA ARG A 22 6.92 11.54 -1.26
C ARG A 22 8.28 11.38 -0.56
N ASP A 23 9.02 10.36 -0.90
CA ASP A 23 10.35 10.13 -0.27
C ASP A 23 10.22 10.07 1.26
N SER A 24 9.02 10.05 1.77
CA SER A 24 8.85 9.97 3.26
C SER A 24 8.84 8.50 3.68
N GLY A 25 8.92 7.60 2.72
CA GLY A 25 8.91 6.14 3.04
C GLY A 25 7.47 5.66 3.20
N TRP A 26 6.76 6.24 4.13
CA TRP A 26 5.33 5.83 4.35
C TRP A 26 4.46 6.40 3.23
N ALA A 27 3.19 6.09 3.24
CA ALA A 27 2.26 6.62 2.19
C ALA A 27 0.83 6.52 2.70
N GLU A 28 0.04 7.54 2.49
CA GLU A 28 -1.37 7.50 2.97
C GLU A 28 -2.16 6.48 2.15
N LEU A 29 -2.80 5.55 2.81
CA LEU A 29 -3.58 4.52 2.08
C LEU A 29 -4.64 5.18 1.20
N SER A 30 -5.27 6.21 1.67
CA SER A 30 -6.31 6.89 0.85
C SER A 30 -5.68 7.36 -0.47
N ALA A 31 -4.49 7.90 -0.41
CA ALA A 31 -3.82 8.36 -1.65
C ALA A 31 -3.53 7.16 -2.56
N VAL A 32 -3.15 6.05 -1.97
CA VAL A 32 -2.83 4.84 -2.80
C VAL A 32 -4.09 4.39 -3.54
N GLY A 33 -5.20 4.28 -2.85
CA GLY A 33 -6.45 3.84 -3.52
C GLY A 33 -6.83 4.82 -4.62
N SER A 34 -6.73 6.10 -4.37
CA SER A 34 -7.08 7.09 -5.41
C SER A 34 -6.10 7.00 -6.58
N TYR A 35 -4.83 6.83 -6.29
CA TYR A 35 -3.82 6.74 -7.39
C TYR A 35 -4.13 5.54 -8.27
N LEU A 36 -4.43 4.41 -7.68
CA LEU A 36 -4.75 3.20 -8.49
C LEU A 36 -5.97 3.47 -9.36
N ALA A 37 -6.97 4.12 -8.81
CA ALA A 37 -8.18 4.41 -9.62
C ALA A 37 -7.78 5.26 -10.83
N LYS A 38 -6.89 6.19 -10.66
CA LYS A 38 -6.45 7.04 -11.80
C LYS A 38 -5.82 6.17 -12.88
N ASN A 39 -4.95 5.27 -12.52
CA ASN A 39 -4.29 4.38 -13.53
C ASN A 39 -5.16 3.14 -13.73
N ASP A 40 -6.21 3.01 -12.97
CA ASP A 40 -7.11 1.83 -13.11
C ASP A 40 -8.52 2.22 -12.65
N PRO A 41 -9.16 3.15 -13.33
CA PRO A 41 -10.53 3.59 -12.93
C PRO A 41 -11.55 2.44 -13.04
N SER A 42 -11.21 1.42 -13.79
CA SER A 42 -12.14 0.26 -13.91
C SER A 42 -12.08 -0.57 -12.62
N PHE A 43 -11.17 -0.23 -11.75
CA PHE A 43 -11.03 -0.99 -10.47
C PHE A 43 -12.16 -0.59 -9.52
N ASP A 44 -12.38 -1.38 -8.48
CA ASP A 44 -13.48 -1.07 -7.50
C ASP A 44 -12.94 -1.15 -6.05
N PRO A 45 -12.26 -0.11 -5.59
CA PRO A 45 -11.71 -0.09 -4.20
C PRO A 45 -12.81 -0.35 -3.16
N ARG A 46 -13.99 0.17 -3.43
CA ARG A 46 -15.13 -0.02 -2.50
C ARG A 46 -15.49 -1.51 -2.38
N ASN A 47 -15.34 -2.23 -3.45
CA ASN A 47 -15.69 -3.68 -3.41
C ASN A 47 -14.81 -4.37 -2.36
N TRP A 48 -13.57 -3.95 -2.23
CA TRP A 48 -12.67 -4.57 -1.22
C TRP A 48 -13.00 -3.99 0.16
N GLY A 49 -14.20 -3.53 0.35
CA GLY A 49 -14.60 -2.97 1.68
C GLY A 49 -13.97 -1.59 1.87
N HIS A 50 -14.49 -0.81 2.78
CA HIS A 50 -13.93 0.55 3.04
C HIS A 50 -12.86 0.47 4.13
N GLY A 51 -11.66 0.93 3.83
CA GLY A 51 -10.56 0.88 4.83
C GLY A 51 -10.12 -0.57 5.07
N ARG A 52 -10.97 -1.52 4.76
CA ARG A 52 -10.60 -2.95 4.97
C ARG A 52 -9.56 -3.35 3.94
N LEU A 53 -9.21 -2.45 3.08
CA LEU A 53 -8.19 -2.75 2.05
C LEU A 53 -6.87 -3.08 2.76
N SER A 54 -6.59 -2.39 3.83
CA SER A 54 -5.32 -2.66 4.57
C SER A 54 -5.30 -4.12 5.03
N GLN A 55 -6.42 -4.61 5.51
CA GLN A 55 -6.47 -6.02 5.98
C GLN A 55 -6.26 -6.97 4.80
N MET A 56 -6.69 -6.59 3.62
CA MET A 56 -6.52 -7.49 2.44
C MET A 56 -5.02 -7.68 2.14
N VAL A 57 -4.28 -6.61 2.08
CA VAL A 57 -2.82 -6.72 1.77
C VAL A 57 -2.07 -7.25 3.01
N LYS A 58 -2.70 -7.18 4.15
CA LYS A 58 -2.04 -7.66 5.40
C LYS A 58 -1.70 -9.14 5.27
N LYS A 59 -2.46 -9.86 4.49
CA LYS A 59 -2.18 -11.33 4.33
C LYS A 59 -0.87 -11.50 3.54
N LEU A 60 -0.29 -10.42 3.09
CA LEU A 60 0.98 -10.48 2.30
C LEU A 60 2.16 -10.16 3.22
N ASP A 61 3.12 -11.04 3.29
CA ASP A 61 4.30 -10.81 4.18
C ASP A 61 5.24 -9.75 3.62
N PHE A 62 5.42 -9.68 2.33
CA PHE A 62 6.36 -8.67 1.75
C PHE A 62 5.77 -7.25 1.82
N LEU A 63 4.77 -7.06 2.65
CA LEU A 63 4.14 -5.69 2.80
C LEU A 63 3.91 -5.39 4.29
N THR A 64 4.43 -4.28 4.76
CA THR A 64 4.26 -3.90 6.19
C THR A 64 2.97 -3.09 6.34
N VAL A 65 2.24 -3.28 7.42
CA VAL A 65 0.96 -2.53 7.65
C VAL A 65 1.11 -1.65 8.90
N GLN A 66 0.77 -0.40 8.79
CA GLN A 66 0.85 0.52 9.95
C GLN A 66 -0.17 1.64 9.74
N GLU A 67 -0.70 2.21 10.79
CA GLU A 67 -1.70 3.31 10.66
C GLU A 67 -1.44 4.37 11.72
N SER A 68 -1.33 5.61 11.33
CA SER A 68 -1.08 6.69 12.34
C SER A 68 -2.41 7.08 12.99
N ARG A 69 -2.37 7.59 14.19
CA ARG A 69 -3.63 8.02 14.88
C ARG A 69 -3.89 9.49 14.55
N ASN A 70 -5.11 9.83 14.17
CA ASN A 70 -5.42 11.27 13.85
C ASN A 70 -6.90 11.55 14.16
N GLY A 71 -7.16 12.13 15.28
CA GLY A 71 -8.57 12.45 15.66
C GLY A 71 -9.42 11.17 15.60
N SER A 72 -10.63 11.28 15.12
CA SER A 72 -11.53 10.08 15.02
C SER A 72 -11.25 9.35 13.69
N LYS A 73 -10.47 9.94 12.82
CA LYS A 73 -10.17 9.30 11.50
C LYS A 73 -8.76 8.68 11.54
N LEU A 74 -8.67 7.39 11.38
CA LEU A 74 -7.33 6.72 11.39
C LEU A 74 -6.77 6.75 9.97
N HIS A 75 -5.52 7.09 9.82
CA HIS A 75 -4.87 7.13 8.47
C HIS A 75 -4.05 5.86 8.28
N SER A 76 -4.55 4.93 7.51
CA SER A 76 -3.80 3.65 7.30
C SER A 76 -2.62 3.91 6.37
N GLU A 77 -1.55 3.18 6.53
CA GLU A 77 -0.33 3.37 5.66
C GLU A 77 0.28 1.99 5.36
N ILE A 78 0.93 1.87 4.23
CA ILE A 78 1.57 0.56 3.85
C ILE A 78 2.94 0.83 3.21
N ARG A 79 3.85 -0.10 3.32
CA ARG A 79 5.21 0.08 2.72
C ARG A 79 5.83 -1.29 2.50
N LEU A 80 6.73 -1.41 1.58
CA LEU A 80 7.36 -2.75 1.30
C LEU A 80 8.16 -3.21 2.51
N ARG A 81 8.06 -4.47 2.85
CA ARG A 81 8.81 -4.98 4.05
C ARG A 81 10.31 -5.01 3.75
N HIS A 82 10.96 -3.89 3.86
CA HIS A 82 12.43 -3.83 3.58
C HIS A 82 13.02 -2.57 4.23
N ASP A 83 14.30 -2.57 4.49
CA ASP A 83 14.96 -1.38 5.12
C ASP A 83 14.20 -1.00 6.40
N GLY A 84 13.68 -1.97 7.11
CA GLY A 84 12.94 -1.68 8.37
C GLY A 84 12.94 -2.92 9.27
N LEU A 85 13.91 -3.05 10.14
CA LEU A 85 13.97 -4.22 11.05
C LEU A 85 13.17 -3.92 12.32
N GLU A 86 12.59 -2.75 12.40
CA GLU A 86 11.79 -2.37 13.61
C GLU A 86 12.61 -2.59 14.89
N HIS A 87 13.05 -1.52 15.50
CA HIS A 87 13.85 -1.66 16.75
C HIS A 87 12.94 -2.10 17.90
N HIS A 88 13.47 -2.83 18.84
CA HIS A 88 12.65 -3.32 19.99
C HIS A 88 11.38 -4.02 19.47
N HIS A 89 10.57 -4.53 20.37
CA HIS A 89 9.32 -5.24 19.93
C HIS A 89 8.19 -4.23 19.72
N HIS A 90 7.36 -4.46 18.73
CA HIS A 90 6.24 -3.52 18.47
C HIS A 90 5.18 -3.65 19.56
N HIS A 91 4.57 -2.56 19.96
CA HIS A 91 3.54 -2.61 21.03
C HIS A 91 2.26 -3.25 20.48
N HIS A 92 1.60 -4.06 21.27
CA HIS A 92 0.34 -4.72 20.81
C HIS A 92 0.57 -5.41 19.46
N MET A 1 -10.44 -9.39 -11.31
CA MET A 1 -9.13 -8.79 -10.94
C MET A 1 -8.58 -8.01 -12.14
N PRO A 2 -9.15 -6.86 -12.44
CA PRO A 2 -8.70 -6.01 -13.59
C PRO A 2 -7.23 -5.55 -13.44
N HIS A 3 -6.51 -5.46 -14.53
CA HIS A 3 -5.08 -5.01 -14.46
C HIS A 3 -4.64 -4.49 -15.83
N LYS A 4 -4.68 -5.35 -16.83
CA LYS A 4 -4.28 -4.94 -18.22
C LYS A 4 -2.82 -4.44 -18.22
N GLU A 5 -2.57 -3.28 -17.69
CA GLU A 5 -1.18 -2.75 -17.68
C GLU A 5 -0.29 -3.67 -16.84
N LYS A 6 -0.15 -3.40 -15.57
CA LYS A 6 0.74 -4.25 -14.69
C LYS A 6 -0.10 -5.29 -13.92
N HIS A 7 0.27 -6.54 -14.04
CA HIS A 7 -0.46 -7.63 -13.33
C HIS A 7 0.14 -7.87 -11.93
N PRO A 8 1.44 -7.73 -11.74
CA PRO A 8 2.06 -7.95 -10.39
C PRO A 8 1.45 -7.04 -9.32
N LEU A 9 1.02 -7.61 -8.23
CA LEU A 9 0.44 -6.78 -7.14
C LEU A 9 1.54 -5.94 -6.50
N GLN A 10 2.70 -6.50 -6.31
CA GLN A 10 3.82 -5.74 -5.69
C GLN A 10 4.08 -4.47 -6.51
N ASP A 11 4.13 -4.59 -7.80
CA ASP A 11 4.37 -3.40 -8.64
C ASP A 11 3.18 -2.43 -8.51
N MET A 12 2.00 -2.96 -8.39
CA MET A 12 0.80 -2.09 -8.28
C MET A 12 0.89 -1.26 -6.98
N PHE A 13 1.08 -1.89 -5.85
CA PHE A 13 1.18 -1.12 -4.57
C PHE A 13 2.50 -0.34 -4.53
N THR A 14 3.59 -0.94 -4.96
CA THR A 14 4.90 -0.23 -4.91
C THR A 14 4.84 1.04 -5.77
N SER A 15 4.31 0.96 -6.95
CA SER A 15 4.24 2.16 -7.83
C SER A 15 3.37 3.24 -7.16
N ALA A 16 2.24 2.87 -6.62
CA ALA A 16 1.35 3.88 -5.98
C ALA A 16 1.99 4.45 -4.70
N ILE A 17 2.55 3.61 -3.89
CA ILE A 17 3.17 4.11 -2.62
C ILE A 17 4.30 5.09 -2.95
N GLU A 18 5.15 4.73 -3.86
CA GLU A 18 6.28 5.61 -4.22
C GLU A 18 5.74 6.88 -4.91
N ALA A 19 4.62 6.79 -5.57
CA ALA A 19 4.06 7.98 -6.27
C ALA A 19 3.67 9.06 -5.25
N VAL A 20 3.04 8.67 -4.15
CA VAL A 20 2.62 9.67 -3.11
C VAL A 20 3.45 9.48 -1.82
N ALA A 21 4.59 8.85 -1.91
CA ALA A 21 5.42 8.65 -0.68
C ALA A 21 5.94 10.00 -0.19
N ARG A 22 5.54 11.08 -0.84
CA ARG A 22 5.99 12.43 -0.42
C ARG A 22 7.53 12.50 -0.54
N ASP A 23 8.15 13.25 0.34
CA ASP A 23 9.63 13.39 0.29
C ASP A 23 10.29 12.01 0.45
N SER A 24 9.90 11.27 1.45
CA SER A 24 10.51 9.92 1.66
C SER A 24 9.92 9.31 2.94
N GLY A 25 8.82 8.63 2.83
CA GLY A 25 8.21 8.02 4.05
C GLY A 25 7.01 7.15 3.66
N TRP A 26 6.27 6.70 4.62
CA TRP A 26 5.08 5.85 4.33
C TRP A 26 4.11 6.62 3.44
N ALA A 27 2.96 6.06 3.18
CA ALA A 27 1.93 6.75 2.30
C ALA A 27 0.54 6.43 2.83
N GLU A 28 -0.35 7.38 2.78
CA GLU A 28 -1.75 7.14 3.27
C GLU A 28 -2.47 6.14 2.35
N LEU A 29 -3.12 5.15 2.92
CA LEU A 29 -3.83 4.13 2.10
C LEU A 29 -4.87 4.83 1.21
N SER A 30 -5.56 5.81 1.75
CA SER A 30 -6.58 6.52 0.93
C SER A 30 -5.93 7.05 -0.35
N ALA A 31 -4.76 7.60 -0.25
CA ALA A 31 -4.07 8.13 -1.46
C ALA A 31 -3.77 6.97 -2.43
N VAL A 32 -3.42 5.82 -1.91
CA VAL A 32 -3.11 4.67 -2.82
C VAL A 32 -4.36 4.29 -3.62
N GLY A 33 -5.48 4.15 -2.97
CA GLY A 33 -6.72 3.76 -3.71
C GLY A 33 -7.02 4.81 -4.78
N SER A 34 -6.97 6.07 -4.44
CA SER A 34 -7.26 7.12 -5.45
C SER A 34 -6.20 7.09 -6.56
N TYR A 35 -4.95 6.96 -6.20
CA TYR A 35 -3.87 6.94 -7.23
C TYR A 35 -4.08 5.76 -8.19
N LEU A 36 -4.31 4.60 -7.66
CA LEU A 36 -4.52 3.41 -8.52
C LEU A 36 -5.78 3.63 -9.38
N ALA A 37 -6.82 4.15 -8.79
CA ALA A 37 -8.06 4.38 -9.58
C ALA A 37 -7.75 5.34 -10.73
N LYS A 38 -7.02 6.39 -10.46
CA LYS A 38 -6.67 7.35 -11.54
C LYS A 38 -5.81 6.67 -12.60
N ASN A 39 -4.82 5.91 -12.19
CA ASN A 39 -3.93 5.21 -13.18
C ASN A 39 -4.60 3.92 -13.64
N ASP A 40 -5.69 3.54 -13.02
CA ASP A 40 -6.41 2.30 -13.40
C ASP A 40 -7.88 2.44 -13.02
N PRO A 41 -8.65 3.17 -13.80
CA PRO A 41 -10.11 3.37 -13.52
C PRO A 41 -10.83 2.03 -13.36
N SER A 42 -10.36 1.03 -14.06
CA SER A 42 -10.99 -0.31 -13.97
C SER A 42 -10.75 -0.91 -12.59
N PHE A 43 -9.86 -0.33 -11.82
CA PHE A 43 -9.58 -0.87 -10.45
C PHE A 43 -10.73 -0.45 -9.53
N ASP A 44 -11.38 -1.41 -8.90
CA ASP A 44 -12.54 -1.10 -7.99
C ASP A 44 -12.16 -1.52 -6.54
N PRO A 45 -11.69 -0.62 -5.69
CA PRO A 45 -11.31 -1.01 -4.29
C PRO A 45 -12.56 -1.27 -3.44
N ARG A 46 -13.70 -0.97 -3.96
CA ARG A 46 -14.95 -1.24 -3.20
C ARG A 46 -15.08 -2.74 -2.96
N ASN A 47 -14.77 -3.53 -3.93
CA ASN A 47 -14.85 -5.01 -3.75
C ASN A 47 -13.86 -5.43 -2.66
N TRP A 48 -12.71 -4.81 -2.62
CA TRP A 48 -11.70 -5.19 -1.58
C TRP A 48 -12.05 -4.50 -0.25
N GLY A 49 -13.30 -4.19 -0.05
CA GLY A 49 -13.71 -3.52 1.22
C GLY A 49 -12.93 -2.22 1.39
N HIS A 50 -13.51 -1.10 1.05
CA HIS A 50 -12.79 0.20 1.19
C HIS A 50 -12.16 0.34 2.58
N GLY A 51 -12.74 -0.30 3.57
CA GLY A 51 -12.17 -0.22 4.96
C GLY A 51 -11.29 -1.46 5.20
N ARG A 52 -11.84 -2.63 5.02
CA ARG A 52 -11.06 -3.88 5.23
C ARG A 52 -9.91 -3.92 4.22
N LEU A 53 -9.75 -2.90 3.42
CA LEU A 53 -8.63 -2.90 2.44
C LEU A 53 -7.32 -2.99 3.21
N SER A 54 -7.21 -2.26 4.29
CA SER A 54 -5.98 -2.31 5.11
C SER A 54 -5.77 -3.72 5.66
N GLN A 55 -6.84 -4.47 5.83
CA GLN A 55 -6.70 -5.86 6.38
C GLN A 55 -6.39 -6.84 5.24
N MET A 56 -6.92 -6.62 4.07
CA MET A 56 -6.64 -7.56 2.93
C MET A 56 -5.16 -7.48 2.55
N VAL A 57 -4.62 -6.30 2.48
CA VAL A 57 -3.17 -6.18 2.11
C VAL A 57 -2.30 -6.85 3.16
N LYS A 58 -2.83 -7.03 4.35
CA LYS A 58 -2.03 -7.68 5.42
C LYS A 58 -1.81 -9.16 5.09
N LYS A 59 -2.63 -9.71 4.22
CA LYS A 59 -2.50 -11.15 3.84
C LYS A 59 -1.48 -11.30 2.70
N LEU A 60 -0.91 -10.21 2.24
CA LEU A 60 0.08 -10.30 1.14
C LEU A 60 1.47 -10.61 1.72
N ASP A 61 1.59 -10.63 3.02
CA ASP A 61 2.90 -10.95 3.68
C ASP A 61 4.02 -9.98 3.25
N PHE A 62 4.41 -9.99 2.00
CA PHE A 62 5.52 -9.08 1.56
C PHE A 62 5.14 -7.59 1.71
N LEU A 63 4.15 -7.29 2.51
CA LEU A 63 3.76 -5.85 2.74
C LEU A 63 3.51 -5.63 4.25
N THR A 64 4.13 -4.62 4.80
CA THR A 64 3.95 -4.31 6.26
C THR A 64 2.76 -3.35 6.40
N VAL A 65 1.94 -3.53 7.42
CA VAL A 65 0.74 -2.65 7.63
C VAL A 65 0.87 -1.93 8.97
N GLN A 66 0.66 -0.64 8.98
CA GLN A 66 0.76 0.15 10.25
C GLN A 66 -0.35 1.21 10.25
N GLU A 67 -0.81 1.60 11.40
CA GLU A 67 -1.90 2.64 11.49
C GLU A 67 -1.29 3.95 12.00
N SER A 68 -1.39 4.99 11.23
CA SER A 68 -0.83 6.31 11.65
C SER A 68 -1.92 7.10 12.37
N ARG A 69 -1.54 7.94 13.28
CA ARG A 69 -2.54 8.75 14.05
C ARG A 69 -2.77 10.08 13.34
N ASN A 70 -3.96 10.29 12.83
CA ASN A 70 -4.25 11.56 12.09
C ASN A 70 -5.72 11.93 12.24
N GLY A 71 -6.01 13.06 12.83
CA GLY A 71 -7.43 13.49 13.00
C GLY A 71 -8.22 12.42 13.74
N SER A 72 -9.51 12.56 13.80
CA SER A 72 -10.35 11.54 14.52
C SER A 72 -10.54 10.32 13.62
N LYS A 73 -9.58 10.04 12.77
CA LYS A 73 -9.71 8.85 11.85
C LYS A 73 -8.32 8.24 11.65
N LEU A 74 -8.15 7.00 12.03
CA LEU A 74 -6.83 6.34 11.85
C LEU A 74 -6.59 6.16 10.34
N HIS A 75 -5.42 6.53 9.86
CA HIS A 75 -5.11 6.39 8.40
C HIS A 75 -4.25 5.13 8.19
N SER A 76 -4.73 4.20 7.43
CA SER A 76 -3.95 2.95 7.17
C SER A 76 -2.76 3.28 6.26
N GLU A 77 -1.68 2.56 6.41
CA GLU A 77 -0.47 2.80 5.56
C GLU A 77 0.16 1.44 5.20
N ILE A 78 0.77 1.35 4.05
CA ILE A 78 1.41 0.06 3.61
C ILE A 78 2.82 0.34 3.06
N ARG A 79 3.73 -0.57 3.25
CA ARG A 79 5.12 -0.38 2.74
C ARG A 79 5.77 -1.74 2.59
N LEU A 80 6.72 -1.87 1.71
CA LEU A 80 7.40 -3.17 1.55
C LEU A 80 8.15 -3.52 2.83
N ARG A 81 8.06 -4.74 3.27
CA ARG A 81 8.76 -5.14 4.51
C ARG A 81 10.28 -5.07 4.31
N HIS A 82 10.72 -5.19 3.09
CA HIS A 82 12.20 -5.14 2.83
C HIS A 82 12.73 -3.75 3.17
N ASP A 83 12.03 -2.72 2.79
CA ASP A 83 12.49 -1.32 3.08
C ASP A 83 11.93 -0.86 4.44
N GLY A 84 12.78 -0.68 5.42
CA GLY A 84 12.30 -0.23 6.75
C GLY A 84 13.34 -0.60 7.82
N LEU A 85 14.42 -1.20 7.40
CA LEU A 85 15.48 -1.60 8.37
C LEU A 85 14.86 -2.45 9.49
N GLU A 86 15.00 -3.75 9.40
CA GLU A 86 14.40 -4.64 10.43
C GLU A 86 14.98 -4.34 11.81
N HIS A 87 14.16 -4.33 12.82
CA HIS A 87 14.65 -4.04 14.20
C HIS A 87 13.56 -4.41 15.21
N HIS A 88 13.82 -5.36 16.08
CA HIS A 88 12.79 -5.77 17.08
C HIS A 88 12.74 -4.73 18.21
N HIS A 89 11.56 -4.26 18.54
CA HIS A 89 11.44 -3.24 19.63
C HIS A 89 11.74 -3.89 20.98
N HIS A 90 12.52 -3.23 21.79
CA HIS A 90 12.85 -3.81 23.14
C HIS A 90 11.68 -3.59 24.09
N HIS A 91 10.49 -3.97 23.68
CA HIS A 91 9.29 -3.81 24.56
C HIS A 91 9.20 -2.37 25.08
N HIS A 92 8.25 -2.10 25.93
CA HIS A 92 8.09 -0.73 26.48
C HIS A 92 7.11 -0.76 27.65
N MET A 1 -11.35 -13.90 -6.25
CA MET A 1 -10.65 -12.74 -5.64
C MET A 1 -9.31 -12.51 -6.39
N PRO A 2 -8.57 -13.57 -6.69
CA PRO A 2 -7.27 -13.44 -7.41
C PRO A 2 -7.46 -12.89 -8.83
N HIS A 3 -8.66 -12.49 -9.17
CA HIS A 3 -8.91 -11.95 -10.53
C HIS A 3 -8.18 -10.62 -10.71
N LYS A 4 -8.10 -9.83 -9.66
CA LYS A 4 -7.42 -8.51 -9.77
C LYS A 4 -5.91 -8.71 -9.90
N GLU A 5 -5.49 -9.71 -10.63
CA GLU A 5 -4.03 -9.93 -10.83
C GLU A 5 -3.50 -8.94 -11.85
N LYS A 6 -3.72 -9.20 -13.12
CA LYS A 6 -3.25 -8.27 -14.18
C LYS A 6 -1.77 -7.93 -13.98
N HIS A 7 -1.47 -6.70 -13.61
CA HIS A 7 -0.04 -6.31 -13.40
C HIS A 7 0.47 -6.92 -12.09
N PRO A 8 1.76 -7.17 -11.95
CA PRO A 8 2.31 -7.74 -10.68
C PRO A 8 1.79 -7.01 -9.44
N LEU A 9 1.38 -7.75 -8.43
CA LEU A 9 0.86 -7.10 -7.19
C LEU A 9 2.00 -6.29 -6.54
N GLN A 10 3.17 -6.84 -6.49
CA GLN A 10 4.32 -6.11 -5.86
C GLN A 10 4.55 -4.80 -6.60
N ASP A 11 4.60 -4.85 -7.90
CA ASP A 11 4.82 -3.59 -8.68
C ASP A 11 3.62 -2.67 -8.52
N MET A 12 2.44 -3.23 -8.43
CA MET A 12 1.22 -2.38 -8.29
C MET A 12 1.27 -1.58 -6.99
N PHE A 13 1.52 -2.21 -5.88
CA PHE A 13 1.57 -1.45 -4.59
C PHE A 13 2.80 -0.53 -4.55
N THR A 14 3.95 -1.05 -4.88
CA THR A 14 5.18 -0.19 -4.85
C THR A 14 5.04 0.99 -5.80
N SER A 15 4.55 0.75 -6.99
CA SER A 15 4.40 1.86 -7.97
C SER A 15 3.46 2.94 -7.41
N ALA A 16 2.36 2.54 -6.84
CA ALA A 16 1.40 3.53 -6.29
C ALA A 16 1.99 4.23 -5.05
N ILE A 17 2.63 3.48 -4.18
CA ILE A 17 3.21 4.09 -2.95
C ILE A 17 4.30 5.10 -3.33
N GLU A 18 5.17 4.73 -4.23
CA GLU A 18 6.27 5.67 -4.62
C GLU A 18 5.68 6.90 -5.30
N ALA A 19 4.62 6.74 -6.03
CA ALA A 19 4.01 7.90 -6.73
C ALA A 19 3.49 8.91 -5.71
N VAL A 20 2.92 8.44 -4.62
CA VAL A 20 2.38 9.36 -3.57
C VAL A 20 3.35 9.45 -2.39
N ALA A 21 4.43 8.70 -2.42
CA ALA A 21 5.40 8.77 -1.29
C ALA A 21 5.96 10.19 -1.20
N ARG A 22 5.92 10.93 -2.29
CA ARG A 22 6.45 12.33 -2.27
C ARG A 22 7.96 12.31 -1.93
N ASP A 23 8.50 11.14 -1.66
CA ASP A 23 9.95 11.04 -1.34
C ASP A 23 10.33 9.56 -1.19
N SER A 24 10.45 9.08 0.02
CA SER A 24 10.78 7.64 0.24
C SER A 24 10.42 7.26 1.68
N GLY A 25 9.24 6.77 1.89
CA GLY A 25 8.83 6.39 3.27
C GLY A 25 7.41 5.82 3.26
N TRP A 26 6.70 6.00 4.34
CA TRP A 26 5.30 5.48 4.43
C TRP A 26 4.40 6.23 3.45
N ALA A 27 3.13 5.90 3.43
CA ALA A 27 2.18 6.59 2.51
C ALA A 27 0.75 6.39 3.04
N GLU A 28 -0.12 7.33 2.79
CA GLU A 28 -1.53 7.20 3.27
C GLU A 28 -2.29 6.22 2.38
N LEU A 29 -2.94 5.25 2.95
CA LEU A 29 -3.68 4.25 2.13
C LEU A 29 -4.72 4.98 1.27
N SER A 30 -5.38 5.97 1.81
CA SER A 30 -6.40 6.70 1.01
C SER A 30 -5.78 7.22 -0.28
N ALA A 31 -4.59 7.77 -0.19
CA ALA A 31 -3.92 8.29 -1.42
C ALA A 31 -3.63 7.13 -2.37
N VAL A 32 -3.25 6.00 -1.84
CA VAL A 32 -2.94 4.83 -2.73
C VAL A 32 -4.20 4.42 -3.49
N GLY A 33 -5.31 4.28 -2.80
CA GLY A 33 -6.56 3.86 -3.49
C GLY A 33 -6.94 4.90 -4.55
N SER A 34 -6.94 6.16 -4.21
CA SER A 34 -7.30 7.20 -5.20
C SER A 34 -6.27 7.19 -6.34
N TYR A 35 -5.02 7.08 -6.01
CA TYR A 35 -3.96 7.08 -7.08
C TYR A 35 -4.20 5.91 -8.03
N LEU A 36 -4.48 4.75 -7.51
CA LEU A 36 -4.72 3.58 -8.41
C LEU A 36 -5.94 3.86 -9.29
N ALA A 37 -6.98 4.39 -8.73
CA ALA A 37 -8.19 4.69 -9.55
C ALA A 37 -7.81 5.66 -10.67
N LYS A 38 -7.00 6.64 -10.38
CA LYS A 38 -6.59 7.62 -11.43
C LYS A 38 -5.80 6.89 -12.52
N ASN A 39 -4.88 6.04 -12.15
CA ASN A 39 -4.07 5.29 -13.16
C ASN A 39 -4.79 3.99 -13.52
N ASP A 40 -5.95 3.76 -12.96
CA ASP A 40 -6.71 2.51 -13.26
C ASP A 40 -8.17 2.72 -12.82
N PRO A 41 -8.94 3.50 -13.55
CA PRO A 41 -10.36 3.75 -13.16
C PRO A 41 -11.21 2.48 -13.29
N SER A 42 -10.71 1.48 -13.96
CA SER A 42 -11.47 0.20 -14.09
C SER A 42 -11.39 -0.55 -12.76
N PHE A 43 -10.57 -0.07 -11.85
CA PHE A 43 -10.43 -0.75 -10.53
C PHE A 43 -11.69 -0.49 -9.68
N ASP A 44 -12.14 -1.48 -8.96
CA ASP A 44 -13.36 -1.33 -8.10
C ASP A 44 -13.01 -1.58 -6.62
N PRO A 45 -12.69 -0.55 -5.86
CA PRO A 45 -12.35 -0.71 -4.41
C PRO A 45 -13.51 -1.35 -3.63
N ARG A 46 -14.69 -1.31 -4.19
CA ARG A 46 -15.87 -1.90 -3.49
C ARG A 46 -15.65 -3.42 -3.35
N ASN A 47 -15.06 -4.04 -4.33
CA ASN A 47 -14.82 -5.51 -4.22
C ASN A 47 -13.88 -5.77 -3.05
N TRP A 48 -12.93 -4.88 -2.82
CA TRP A 48 -11.97 -5.06 -1.70
C TRP A 48 -12.65 -4.64 -0.38
N GLY A 49 -13.92 -4.36 -0.42
CA GLY A 49 -14.64 -3.95 0.81
C GLY A 49 -14.07 -2.64 1.35
N HIS A 50 -14.88 -1.87 2.03
CA HIS A 50 -14.40 -0.57 2.59
C HIS A 50 -13.58 -0.83 3.86
N GLY A 51 -12.42 -0.23 3.97
CA GLY A 51 -11.57 -0.44 5.19
C GLY A 51 -10.95 -1.84 5.15
N ARG A 52 -11.64 -2.80 4.60
CA ARG A 52 -11.09 -4.17 4.55
C ARG A 52 -9.87 -4.19 3.62
N LEU A 53 -9.69 -3.13 2.88
CA LEU A 53 -8.51 -3.06 1.97
C LEU A 53 -7.24 -3.14 2.81
N SER A 54 -7.19 -2.45 3.92
CA SER A 54 -5.99 -2.49 4.79
C SER A 54 -5.78 -3.91 5.30
N GLN A 55 -6.83 -4.56 5.70
CA GLN A 55 -6.71 -5.95 6.23
C GLN A 55 -6.33 -6.90 5.09
N MET A 56 -6.78 -6.64 3.89
CA MET A 56 -6.46 -7.54 2.75
C MET A 56 -4.95 -7.56 2.51
N VAL A 57 -4.31 -6.42 2.50
CA VAL A 57 -2.83 -6.39 2.28
C VAL A 57 -2.13 -6.96 3.51
N LYS A 58 -2.77 -6.91 4.64
CA LYS A 58 -2.15 -7.45 5.89
C LYS A 58 -2.00 -8.96 5.77
N LYS A 59 -2.87 -9.59 5.03
CA LYS A 59 -2.78 -11.08 4.88
C LYS A 59 -1.55 -11.45 4.04
N LEU A 60 -0.83 -10.47 3.55
CA LEU A 60 0.39 -10.74 2.72
C LEU A 60 1.63 -10.51 3.59
N ASP A 61 2.49 -11.50 3.68
CA ASP A 61 3.71 -11.36 4.53
C ASP A 61 4.69 -10.33 3.94
N PHE A 62 4.84 -10.30 2.65
CA PHE A 62 5.82 -9.33 2.04
C PHE A 62 5.23 -7.91 2.04
N LEU A 63 4.20 -7.67 2.80
CA LEU A 63 3.57 -6.30 2.85
C LEU A 63 3.34 -5.90 4.31
N THR A 64 3.98 -4.85 4.75
CA THR A 64 3.81 -4.39 6.18
C THR A 64 2.66 -3.38 6.26
N VAL A 65 1.89 -3.44 7.33
CA VAL A 65 0.73 -2.51 7.51
C VAL A 65 0.82 -1.81 8.87
N GLN A 66 0.63 -0.52 8.89
CA GLN A 66 0.66 0.26 10.17
C GLN A 66 -0.43 1.31 10.13
N GLU A 67 -1.15 1.49 11.21
CA GLU A 67 -2.24 2.52 11.25
C GLU A 67 -1.75 3.74 12.01
N SER A 68 -1.76 4.88 11.38
CA SER A 68 -1.31 6.14 12.06
C SER A 68 -2.53 6.82 12.69
N ARG A 69 -2.37 7.39 13.85
CA ARG A 69 -3.51 8.10 14.52
C ARG A 69 -3.53 9.56 14.05
N ASN A 70 -4.24 9.86 12.98
CA ASN A 70 -4.29 11.27 12.47
C ASN A 70 -5.58 11.95 12.93
N GLY A 71 -5.48 12.83 13.88
CA GLY A 71 -6.69 13.54 14.39
C GLY A 71 -7.71 12.51 14.89
N SER A 72 -8.97 12.72 14.61
CA SER A 72 -10.03 11.77 15.07
C SER A 72 -10.19 10.64 14.05
N LYS A 73 -9.55 10.75 12.91
CA LYS A 73 -9.67 9.69 11.84
C LYS A 73 -8.32 8.99 11.66
N LEU A 74 -8.29 7.70 11.82
CA LEU A 74 -7.02 6.93 11.66
C LEU A 74 -6.83 6.60 10.19
N HIS A 75 -5.65 6.86 9.65
CA HIS A 75 -5.36 6.57 8.21
C HIS A 75 -4.43 5.37 8.11
N SER A 76 -4.84 4.38 7.36
CA SER A 76 -3.98 3.17 7.20
C SER A 76 -2.75 3.50 6.35
N GLU A 77 -1.69 2.76 6.52
CA GLU A 77 -0.43 3.02 5.74
C GLU A 77 0.15 1.68 5.29
N ILE A 78 0.91 1.68 4.22
CA ILE A 78 1.53 0.41 3.70
C ILE A 78 2.97 0.67 3.30
N ARG A 79 3.80 -0.33 3.38
CA ARG A 79 5.24 -0.17 3.00
C ARG A 79 5.74 -1.52 2.50
N LEU A 80 6.62 -1.53 1.53
CA LEU A 80 7.14 -2.82 0.99
C LEU A 80 8.40 -3.23 1.76
N ARG A 81 8.31 -4.30 2.51
CA ARG A 81 9.48 -4.76 3.31
C ARG A 81 10.52 -5.42 2.40
N HIS A 82 11.44 -4.65 1.88
CA HIS A 82 12.48 -5.22 1.00
C HIS A 82 13.54 -4.15 0.72
N ASP A 83 13.30 -2.94 1.18
CA ASP A 83 14.27 -1.83 0.95
C ASP A 83 15.42 -1.92 1.96
N GLY A 84 15.35 -2.87 2.87
CA GLY A 84 16.45 -3.01 3.87
C GLY A 84 17.66 -3.67 3.19
N LEU A 85 18.58 -2.87 2.69
CA LEU A 85 19.77 -3.45 2.01
C LEU A 85 20.83 -3.81 3.05
N GLU A 86 21.46 -4.95 2.89
CA GLU A 86 22.52 -5.37 3.87
C GLU A 86 22.00 -5.24 5.31
N HIS A 87 22.89 -5.30 6.28
CA HIS A 87 22.48 -5.19 7.72
C HIS A 87 23.47 -4.28 8.46
N HIS A 88 22.96 -3.34 9.22
CA HIS A 88 23.86 -2.41 9.97
C HIS A 88 23.13 -1.89 11.21
N HIS A 89 23.85 -1.29 12.12
CA HIS A 89 23.19 -0.75 13.36
C HIS A 89 22.34 -1.84 14.02
N HIS A 90 22.96 -2.74 14.73
CA HIS A 90 22.21 -3.85 15.41
C HIS A 90 23.00 -4.31 16.64
N HIS A 91 24.02 -3.59 17.00
CA HIS A 91 24.85 -3.98 18.18
C HIS A 91 24.00 -3.88 19.45
N HIS A 92 23.23 -2.85 19.58
CA HIS A 92 22.38 -2.69 20.80
C HIS A 92 21.25 -3.71 20.77
N MET A 1 -4.17 -18.79 -7.65
CA MET A 1 -5.39 -18.02 -8.01
C MET A 1 -5.14 -16.52 -7.77
N PRO A 2 -4.36 -15.89 -8.61
CA PRO A 2 -4.04 -14.43 -8.48
C PRO A 2 -5.30 -13.55 -8.55
N HIS A 3 -5.33 -12.48 -7.81
CA HIS A 3 -6.53 -11.58 -7.83
C HIS A 3 -6.53 -10.77 -9.13
N LYS A 4 -5.74 -9.74 -9.18
CA LYS A 4 -5.68 -8.89 -10.39
C LYS A 4 -5.14 -9.68 -11.58
N GLU A 5 -4.10 -10.45 -11.37
CA GLU A 5 -3.48 -11.26 -12.47
C GLU A 5 -2.94 -10.32 -13.57
N LYS A 6 -3.40 -9.10 -13.61
CA LYS A 6 -2.93 -8.14 -14.65
C LYS A 6 -1.44 -7.82 -14.44
N HIS A 7 -1.03 -7.59 -13.22
CA HIS A 7 0.41 -7.26 -12.94
C HIS A 7 0.74 -7.60 -11.47
N PRO A 8 1.99 -7.90 -11.15
CA PRO A 8 2.37 -8.22 -9.74
C PRO A 8 1.75 -7.26 -8.72
N LEU A 9 1.27 -7.77 -7.63
CA LEU A 9 0.66 -6.90 -6.59
C LEU A 9 1.73 -5.95 -6.04
N GLN A 10 2.92 -6.44 -5.83
CA GLN A 10 4.01 -5.57 -5.29
C GLN A 10 4.23 -4.40 -6.25
N ASP A 11 4.14 -4.64 -7.53
CA ASP A 11 4.34 -3.55 -8.51
C ASP A 11 3.26 -2.48 -8.29
N MET A 12 2.04 -2.89 -8.07
CA MET A 12 0.96 -1.89 -7.86
C MET A 12 1.26 -1.07 -6.58
N PHE A 13 1.65 -1.73 -5.53
CA PHE A 13 1.95 -1.00 -4.26
C PHE A 13 3.21 -0.17 -4.43
N THR A 14 4.24 -0.72 -5.00
CA THR A 14 5.51 0.03 -5.18
C THR A 14 5.28 1.26 -6.08
N SER A 15 4.60 1.08 -7.17
CA SER A 15 4.36 2.23 -8.09
C SER A 15 3.42 3.24 -7.43
N ALA A 16 2.42 2.77 -6.72
CA ALA A 16 1.46 3.71 -6.08
C ALA A 16 2.09 4.37 -4.84
N ILE A 17 2.68 3.59 -3.97
CA ILE A 17 3.28 4.18 -2.74
C ILE A 17 4.39 5.16 -3.14
N GLU A 18 5.23 4.76 -4.05
CA GLU A 18 6.35 5.65 -4.47
C GLU A 18 5.78 6.89 -5.20
N ALA A 19 4.68 6.73 -5.89
CA ALA A 19 4.09 7.89 -6.62
C ALA A 19 3.66 8.98 -5.64
N VAL A 20 3.08 8.60 -4.52
CA VAL A 20 2.61 9.61 -3.50
C VAL A 20 3.35 9.38 -2.16
N ALA A 21 4.51 8.77 -2.20
CA ALA A 21 5.26 8.53 -0.93
C ALA A 21 5.55 9.87 -0.24
N ARG A 22 5.76 10.90 -1.00
CA ARG A 22 6.04 12.24 -0.38
C ARG A 22 7.17 12.14 0.64
N ASP A 23 8.38 12.46 0.24
CA ASP A 23 9.54 12.41 1.20
C ASP A 23 9.60 11.06 1.91
N SER A 24 8.83 10.88 2.96
CA SER A 24 8.85 9.59 3.69
C SER A 24 8.32 8.48 2.79
N GLY A 25 8.66 7.26 3.09
CA GLY A 25 8.19 6.10 2.26
C GLY A 25 6.75 5.74 2.66
N TRP A 26 6.18 6.47 3.57
CA TRP A 26 4.77 6.17 4.01
C TRP A 26 3.80 6.85 3.04
N ALA A 27 2.63 6.26 2.84
CA ALA A 27 1.62 6.86 1.92
C ALA A 27 0.22 6.56 2.46
N GLU A 28 -0.70 7.47 2.29
CA GLU A 28 -2.08 7.25 2.79
C GLU A 28 -2.75 6.14 1.98
N LEU A 29 -3.36 5.19 2.65
CA LEU A 29 -4.01 4.06 1.92
C LEU A 29 -5.03 4.61 0.92
N SER A 30 -5.77 5.63 1.30
CA SER A 30 -6.77 6.21 0.35
C SER A 30 -6.06 6.67 -0.92
N ALA A 31 -4.95 7.34 -0.78
CA ALA A 31 -4.21 7.82 -1.99
C ALA A 31 -3.81 6.63 -2.85
N VAL A 32 -3.44 5.53 -2.25
CA VAL A 32 -3.03 4.34 -3.04
C VAL A 32 -4.21 3.87 -3.90
N GLY A 33 -5.37 3.73 -3.31
CA GLY A 33 -6.55 3.26 -4.09
C GLY A 33 -6.88 4.28 -5.19
N SER A 34 -6.96 5.53 -4.86
CA SER A 34 -7.28 6.56 -5.90
C SER A 34 -6.19 6.56 -6.97
N TYR A 35 -4.95 6.54 -6.57
CA TYR A 35 -3.85 6.55 -7.57
C TYR A 35 -3.97 5.34 -8.48
N LEU A 36 -4.13 4.17 -7.91
CA LEU A 36 -4.27 2.94 -8.73
C LEU A 36 -5.57 3.02 -9.55
N ALA A 37 -6.63 3.51 -8.96
CA ALA A 37 -7.92 3.60 -9.71
C ALA A 37 -7.72 4.43 -10.98
N LYS A 38 -7.12 5.59 -10.87
CA LYS A 38 -6.92 6.44 -12.08
C LYS A 38 -6.00 5.70 -13.06
N ASN A 39 -4.98 5.06 -12.58
CA ASN A 39 -4.06 4.32 -13.49
C ASN A 39 -4.82 3.19 -14.17
N ASP A 40 -5.68 2.50 -13.45
CA ASP A 40 -6.46 1.38 -14.06
C ASP A 40 -7.72 1.96 -14.73
N PRO A 41 -8.26 1.31 -15.76
CA PRO A 41 -9.49 1.82 -16.42
C PRO A 41 -10.56 2.24 -15.41
N SER A 42 -10.76 1.43 -14.40
CA SER A 42 -11.77 1.73 -13.34
C SER A 42 -11.24 1.22 -12.01
N PHE A 43 -11.60 0.01 -11.65
CA PHE A 43 -11.16 -0.58 -10.35
C PHE A 43 -11.71 0.28 -9.20
N ASP A 44 -12.05 -0.36 -8.12
CA ASP A 44 -12.63 0.38 -6.95
C ASP A 44 -12.46 -0.46 -5.68
N PRO A 45 -11.42 -0.27 -4.90
CA PRO A 45 -11.22 -1.07 -3.67
C PRO A 45 -12.26 -0.68 -2.61
N ARG A 46 -12.79 0.50 -2.72
CA ARG A 46 -13.81 0.95 -1.74
C ARG A 46 -15.08 0.09 -1.89
N ASN A 47 -15.58 -0.03 -3.08
CA ASN A 47 -16.82 -0.84 -3.30
C ASN A 47 -16.57 -2.30 -2.95
N TRP A 48 -15.34 -2.70 -2.77
CA TRP A 48 -15.04 -4.11 -2.41
C TRP A 48 -15.28 -4.33 -0.91
N GLY A 49 -15.75 -3.32 -0.20
CA GLY A 49 -15.99 -3.45 1.28
C GLY A 49 -15.13 -2.45 2.06
N HIS A 50 -15.45 -2.22 3.30
CA HIS A 50 -14.65 -1.26 4.13
C HIS A 50 -13.30 -1.89 4.50
N GLY A 51 -12.23 -1.20 4.26
CA GLY A 51 -10.87 -1.75 4.58
C GLY A 51 -10.42 -2.63 3.43
N ARG A 52 -10.74 -3.90 3.47
CA ARG A 52 -10.35 -4.84 2.37
C ARG A 52 -8.86 -4.70 2.06
N LEU A 53 -8.50 -3.72 1.27
CA LEU A 53 -7.07 -3.55 0.88
C LEU A 53 -6.20 -3.61 2.15
N SER A 54 -6.70 -3.08 3.23
CA SER A 54 -5.95 -3.11 4.52
C SER A 54 -5.82 -4.57 5.01
N GLN A 55 -6.84 -5.37 4.80
CA GLN A 55 -6.80 -6.80 5.26
C GLN A 55 -6.13 -7.68 4.19
N MET A 56 -6.30 -7.36 2.95
CA MET A 56 -5.69 -8.20 1.87
C MET A 56 -4.16 -8.12 2.00
N VAL A 57 -3.61 -6.98 2.32
CA VAL A 57 -2.13 -6.88 2.46
C VAL A 57 -1.67 -7.65 3.70
N LYS A 58 -2.51 -7.80 4.69
CA LYS A 58 -2.11 -8.50 5.94
C LYS A 58 -1.64 -9.94 5.63
N LYS A 59 -2.31 -10.62 4.74
CA LYS A 59 -1.91 -12.03 4.41
C LYS A 59 -0.65 -12.02 3.53
N LEU A 60 -0.12 -10.86 3.19
CA LEU A 60 1.12 -10.80 2.35
C LEU A 60 2.32 -10.47 3.25
N ASP A 61 3.25 -11.39 3.35
CA ASP A 61 4.45 -11.15 4.22
C ASP A 61 5.32 -10.01 3.69
N PHE A 62 5.55 -9.95 2.40
CA PHE A 62 6.43 -8.87 1.84
C PHE A 62 5.73 -7.51 1.90
N LEU A 63 4.67 -7.39 2.67
CA LEU A 63 3.92 -6.10 2.76
C LEU A 63 3.74 -5.73 4.24
N THR A 64 4.29 -4.62 4.66
CA THR A 64 4.16 -4.19 6.09
C THR A 64 2.89 -3.35 6.25
N VAL A 65 2.22 -3.47 7.38
CA VAL A 65 0.96 -2.70 7.63
C VAL A 65 1.14 -1.77 8.84
N GLN A 66 0.79 -0.52 8.70
CA GLN A 66 0.91 0.45 9.82
C GLN A 66 -0.26 1.44 9.73
N GLU A 67 -0.65 2.00 10.85
CA GLU A 67 -1.79 2.97 10.86
C GLU A 67 -1.36 4.26 11.56
N SER A 68 -1.37 5.36 10.86
CA SER A 68 -0.97 6.63 11.50
C SER A 68 -2.14 7.17 12.32
N ARG A 69 -1.88 7.95 13.33
CA ARG A 69 -2.97 8.52 14.17
C ARG A 69 -3.29 9.93 13.67
N ASN A 70 -4.55 10.24 13.53
CA ASN A 70 -4.95 11.59 13.04
C ASN A 70 -6.31 11.98 13.64
N GLY A 71 -6.31 12.82 14.63
CA GLY A 71 -7.59 13.24 15.26
C GLY A 71 -8.37 12.00 15.73
N SER A 72 -9.67 12.00 15.56
CA SER A 72 -10.49 10.83 16.01
C SER A 72 -10.52 9.77 14.91
N LYS A 73 -10.00 10.09 13.73
CA LYS A 73 -10.00 9.11 12.59
C LYS A 73 -8.55 8.81 12.18
N LEU A 74 -8.10 7.61 12.44
CA LEU A 74 -6.71 7.23 12.07
C LEU A 74 -6.70 6.85 10.57
N HIS A 75 -5.60 7.08 9.90
CA HIS A 75 -5.49 6.75 8.44
C HIS A 75 -4.59 5.52 8.26
N SER A 76 -5.05 4.54 7.53
CA SER A 76 -4.22 3.33 7.32
C SER A 76 -3.03 3.67 6.41
N GLU A 77 -1.94 2.96 6.55
CA GLU A 77 -0.74 3.21 5.70
C GLU A 77 -0.04 1.88 5.41
N ILE A 78 0.70 1.81 4.33
CA ILE A 78 1.41 0.53 3.97
C ILE A 78 2.83 0.84 3.50
N ARG A 79 3.73 -0.11 3.62
CA ARG A 79 5.13 0.11 3.16
C ARG A 79 5.77 -1.24 2.81
N LEU A 80 6.63 -1.28 1.84
CA LEU A 80 7.28 -2.56 1.48
C LEU A 80 8.22 -2.98 2.61
N ARG A 81 8.20 -4.24 2.98
CA ARG A 81 9.07 -4.73 4.09
C ARG A 81 10.50 -4.93 3.57
N HIS A 82 11.47 -4.44 4.30
CA HIS A 82 12.89 -4.60 3.87
C HIS A 82 13.80 -4.26 5.05
N ASP A 83 15.09 -4.26 4.85
CA ASP A 83 16.03 -3.93 5.96
C ASP A 83 15.75 -4.84 7.16
N GLY A 84 14.98 -5.88 6.97
CA GLY A 84 14.67 -6.82 8.09
C GLY A 84 15.74 -7.91 8.16
N LEU A 85 16.62 -7.85 9.12
CA LEU A 85 17.69 -8.88 9.23
C LEU A 85 17.16 -10.07 10.04
N GLU A 86 15.96 -9.94 10.56
CA GLU A 86 15.35 -11.04 11.37
C GLU A 86 16.32 -11.48 12.48
N HIS A 87 17.10 -12.51 12.24
CA HIS A 87 18.05 -12.98 13.30
C HIS A 87 17.30 -13.18 14.62
N HIS A 88 16.86 -14.39 14.89
CA HIS A 88 16.13 -14.63 16.16
C HIS A 88 17.09 -14.42 17.34
N HIS A 89 16.64 -13.73 18.35
CA HIS A 89 17.53 -13.49 19.52
C HIS A 89 17.85 -14.82 20.21
N HIS A 90 16.86 -15.67 20.36
CA HIS A 90 17.09 -16.99 21.03
C HIS A 90 17.45 -18.04 19.98
N HIS A 91 18.70 -18.41 19.91
CA HIS A 91 19.12 -19.44 18.91
C HIS A 91 20.54 -19.90 19.24
N HIS A 92 21.38 -19.00 19.66
CA HIS A 92 22.78 -19.37 19.99
C HIS A 92 22.79 -20.29 21.22
N MET A 1 -6.90 -18.87 -9.19
CA MET A 1 -6.32 -19.64 -8.04
C MET A 1 -5.18 -18.82 -7.40
N PRO A 2 -4.31 -18.22 -8.19
CA PRO A 2 -3.17 -17.40 -7.66
C PRO A 2 -3.65 -16.19 -6.82
N HIS A 3 -2.93 -15.85 -5.79
CA HIS A 3 -3.32 -14.69 -4.95
C HIS A 3 -3.20 -13.40 -5.76
N LYS A 4 -2.20 -13.30 -6.58
CA LYS A 4 -2.00 -12.07 -7.39
C LYS A 4 -3.13 -11.95 -8.42
N GLU A 5 -3.66 -10.77 -8.61
CA GLU A 5 -4.76 -10.58 -9.59
C GLU A 5 -4.17 -10.48 -11.01
N LYS A 6 -4.53 -9.47 -11.76
CA LYS A 6 -3.99 -9.33 -13.14
C LYS A 6 -2.49 -9.06 -13.06
N HIS A 7 -2.11 -7.83 -12.83
CA HIS A 7 -0.65 -7.48 -12.75
C HIS A 7 -0.13 -7.76 -11.33
N PRO A 8 1.15 -8.06 -11.16
CA PRO A 8 1.71 -8.33 -9.80
C PRO A 8 1.27 -7.28 -8.76
N LEU A 9 0.87 -7.72 -7.60
CA LEU A 9 0.43 -6.75 -6.56
C LEU A 9 1.62 -5.88 -6.13
N GLN A 10 2.77 -6.46 -5.99
CA GLN A 10 3.97 -5.68 -5.57
C GLN A 10 4.16 -4.50 -6.53
N ASP A 11 4.00 -4.72 -7.81
CA ASP A 11 4.18 -3.61 -8.78
C ASP A 11 3.09 -2.57 -8.53
N MET A 12 1.86 -2.99 -8.34
CA MET A 12 0.77 -2.01 -8.11
C MET A 12 1.03 -1.23 -6.82
N PHE A 13 1.35 -1.91 -5.74
CA PHE A 13 1.63 -1.19 -4.46
C PHE A 13 2.93 -0.41 -4.58
N THR A 14 3.96 -0.99 -5.16
CA THR A 14 5.25 -0.27 -5.29
C THR A 14 5.07 0.98 -6.16
N SER A 15 4.44 0.84 -7.30
CA SER A 15 4.25 2.01 -8.20
C SER A 15 3.33 3.04 -7.54
N ALA A 16 2.30 2.59 -6.88
CA ALA A 16 1.35 3.54 -6.24
C ALA A 16 1.99 4.16 -4.98
N ILE A 17 2.54 3.36 -4.13
CA ILE A 17 3.16 3.90 -2.88
C ILE A 17 4.31 4.83 -3.25
N GLU A 18 5.14 4.43 -4.15
CA GLU A 18 6.30 5.29 -4.55
C GLU A 18 5.79 6.55 -5.24
N ALA A 19 4.70 6.46 -5.95
CA ALA A 19 4.15 7.65 -6.66
C ALA A 19 3.73 8.72 -5.63
N VAL A 20 3.15 8.31 -4.53
CA VAL A 20 2.70 9.29 -3.48
C VAL A 20 3.45 9.05 -2.17
N ALA A 21 4.60 8.39 -2.23
CA ALA A 21 5.37 8.12 -0.98
C ALA A 21 5.75 9.45 -0.31
N ARG A 22 5.88 10.50 -1.07
CA ARG A 22 6.25 11.81 -0.49
C ARG A 22 7.50 11.68 0.40
N ASP A 23 8.67 11.78 -0.18
CA ASP A 23 9.92 11.69 0.64
C ASP A 23 9.90 10.43 1.51
N SER A 24 9.42 9.34 0.99
CA SER A 24 9.38 8.07 1.79
C SER A 24 8.50 8.28 3.03
N GLY A 25 7.91 9.44 3.18
CA GLY A 25 7.05 9.68 4.37
C GLY A 25 5.78 8.83 4.25
N TRP A 26 5.89 7.54 4.51
CA TRP A 26 4.71 6.61 4.43
C TRP A 26 3.82 6.94 3.21
N ALA A 27 2.63 6.42 3.19
CA ALA A 27 1.70 6.70 2.06
C ALA A 27 0.27 6.49 2.56
N GLU A 28 -0.60 7.42 2.27
CA GLU A 28 -2.02 7.28 2.73
C GLU A 28 -2.71 6.18 1.93
N LEU A 29 -3.29 5.22 2.61
CA LEU A 29 -3.97 4.10 1.90
C LEU A 29 -5.00 4.66 0.92
N SER A 30 -5.71 5.68 1.31
CA SER A 30 -6.73 6.27 0.39
C SER A 30 -6.03 6.73 -0.89
N ALA A 31 -4.90 7.36 -0.76
CA ALA A 31 -4.18 7.83 -1.98
C ALA A 31 -3.74 6.63 -2.81
N VAL A 32 -3.30 5.58 -2.18
CA VAL A 32 -2.86 4.37 -2.94
C VAL A 32 -4.05 3.82 -3.74
N GLY A 33 -5.16 3.65 -3.10
CA GLY A 33 -6.35 3.10 -3.81
C GLY A 33 -6.76 4.06 -4.93
N SER A 34 -6.87 5.32 -4.65
CA SER A 34 -7.29 6.28 -5.70
C SER A 34 -6.26 6.29 -6.84
N TYR A 35 -4.99 6.28 -6.51
CA TYR A 35 -3.95 6.29 -7.57
C TYR A 35 -4.11 5.05 -8.47
N LEU A 36 -4.28 3.90 -7.88
CA LEU A 36 -4.45 2.66 -8.68
C LEU A 36 -5.72 2.77 -9.53
N ALA A 37 -6.77 3.30 -8.98
CA ALA A 37 -8.05 3.42 -9.77
C ALA A 37 -7.75 4.13 -11.09
N LYS A 38 -7.05 5.22 -11.05
CA LYS A 38 -6.73 5.96 -12.30
C LYS A 38 -5.86 5.07 -13.20
N ASN A 39 -4.91 4.38 -12.63
CA ASN A 39 -4.01 3.50 -13.45
C ASN A 39 -4.64 2.11 -13.56
N ASP A 40 -5.85 1.95 -13.10
CA ASP A 40 -6.54 0.62 -13.17
C ASP A 40 -8.07 0.83 -13.22
N PRO A 41 -8.60 1.19 -14.36
CA PRO A 41 -10.06 1.41 -14.53
C PRO A 41 -10.87 0.13 -14.26
N SER A 42 -12.12 0.27 -13.90
CA SER A 42 -12.97 -0.93 -13.62
C SER A 42 -12.59 -1.52 -12.25
N PHE A 43 -11.67 -0.89 -11.56
CA PHE A 43 -11.26 -1.39 -10.21
C PHE A 43 -12.10 -0.67 -9.15
N ASP A 44 -11.84 0.60 -8.94
CA ASP A 44 -12.60 1.38 -7.92
C ASP A 44 -12.51 0.67 -6.56
N PRO A 45 -11.51 0.98 -5.76
CA PRO A 45 -11.34 0.35 -4.41
C PRO A 45 -12.61 0.49 -3.56
N ARG A 46 -13.26 1.61 -3.69
CA ARG A 46 -14.51 1.86 -2.91
C ARG A 46 -15.53 0.78 -3.24
N ASN A 47 -15.68 0.46 -4.51
CA ASN A 47 -16.68 -0.59 -4.91
C ASN A 47 -16.53 -1.83 -4.02
N TRP A 48 -15.32 -2.13 -3.60
CA TRP A 48 -15.07 -3.33 -2.72
C TRP A 48 -14.14 -2.89 -1.57
N GLY A 49 -14.25 -1.65 -1.15
CA GLY A 49 -13.38 -1.15 -0.04
C GLY A 49 -13.64 -1.95 1.23
N HIS A 50 -14.72 -1.67 1.91
CA HIS A 50 -15.05 -2.40 3.17
C HIS A 50 -13.88 -2.29 4.17
N GLY A 51 -12.86 -1.57 3.83
CA GLY A 51 -11.70 -1.43 4.77
C GLY A 51 -10.87 -2.73 4.78
N ARG A 52 -11.42 -3.82 4.33
CA ARG A 52 -10.66 -5.10 4.34
C ARG A 52 -9.42 -4.95 3.46
N LEU A 53 -9.26 -3.82 2.82
CA LEU A 53 -8.06 -3.61 1.96
C LEU A 53 -6.80 -3.66 2.84
N SER A 54 -6.85 -3.01 3.97
CA SER A 54 -5.67 -3.02 4.87
C SER A 54 -5.43 -4.45 5.38
N GLN A 55 -6.48 -5.19 5.60
CA GLN A 55 -6.33 -6.60 6.08
C GLN A 55 -5.84 -7.49 4.93
N MET A 56 -6.26 -7.21 3.72
CA MET A 56 -5.82 -8.06 2.57
C MET A 56 -4.30 -7.98 2.42
N VAL A 57 -3.76 -6.80 2.46
CA VAL A 57 -2.27 -6.64 2.30
C VAL A 57 -1.57 -7.21 3.55
N LYS A 58 -2.25 -7.27 4.65
CA LYS A 58 -1.63 -7.80 5.89
C LYS A 58 -1.20 -9.26 5.67
N LYS A 59 -1.94 -9.98 4.85
CA LYS A 59 -1.59 -11.40 4.61
C LYS A 59 -0.30 -11.47 3.77
N LEU A 60 0.23 -10.34 3.38
CA LEU A 60 1.49 -10.31 2.55
C LEU A 60 2.66 -9.91 3.46
N ASP A 61 3.67 -10.75 3.52
CA ASP A 61 4.84 -10.46 4.41
C ASP A 61 5.73 -9.35 3.81
N PHE A 62 5.90 -9.32 2.50
CA PHE A 62 6.79 -8.28 1.89
C PHE A 62 6.13 -6.89 1.95
N LEU A 63 5.15 -6.71 2.81
CA LEU A 63 4.46 -5.38 2.95
C LEU A 63 4.25 -5.08 4.44
N THR A 64 4.71 -3.94 4.88
CA THR A 64 4.54 -3.56 6.32
C THR A 64 3.25 -2.75 6.46
N VAL A 65 2.43 -3.05 7.44
CA VAL A 65 1.14 -2.31 7.64
C VAL A 65 1.19 -1.56 8.98
N GLN A 66 0.85 -0.30 8.96
CA GLN A 66 0.84 0.51 10.21
C GLN A 66 -0.24 1.59 10.09
N GLU A 67 -0.90 1.91 11.17
CA GLU A 67 -1.99 2.95 11.15
C GLU A 67 -1.47 4.23 11.82
N SER A 68 -1.49 5.33 11.12
CA SER A 68 -1.02 6.61 11.72
C SER A 68 -2.11 7.18 12.62
N ARG A 69 -1.73 7.89 13.66
CA ARG A 69 -2.72 8.48 14.58
C ARG A 69 -3.21 9.82 14.02
N ASN A 70 -4.50 9.99 13.87
CA ASN A 70 -5.06 11.27 13.32
C ASN A 70 -6.44 11.54 13.91
N GLY A 71 -6.50 12.22 15.02
CA GLY A 71 -7.83 12.53 15.64
C GLY A 71 -8.57 11.23 15.94
N SER A 72 -9.86 11.21 15.71
CA SER A 72 -10.66 9.97 15.99
C SER A 72 -10.63 9.06 14.77
N LYS A 73 -10.08 9.52 13.66
CA LYS A 73 -10.02 8.68 12.42
C LYS A 73 -8.60 8.13 12.25
N LEU A 74 -8.48 6.83 12.18
CA LEU A 74 -7.12 6.21 11.99
C LEU A 74 -6.83 6.14 10.49
N HIS A 75 -5.67 6.61 10.08
CA HIS A 75 -5.30 6.58 8.63
C HIS A 75 -4.41 5.37 8.37
N SER A 76 -4.87 4.45 7.56
CA SER A 76 -4.06 3.25 7.25
C SER A 76 -2.89 3.65 6.35
N GLU A 77 -1.76 3.03 6.52
CA GLU A 77 -0.56 3.35 5.68
C GLU A 77 0.22 2.05 5.42
N ILE A 78 0.90 1.98 4.30
CA ILE A 78 1.68 0.75 3.96
C ILE A 78 2.97 1.15 3.25
N ARG A 79 4.01 0.37 3.42
CA ARG A 79 5.31 0.67 2.74
C ARG A 79 6.10 -0.64 2.59
N LEU A 80 7.00 -0.69 1.64
CA LEU A 80 7.79 -1.94 1.44
C LEU A 80 8.80 -2.08 2.58
N ARG A 81 8.95 -3.27 3.08
CA ARG A 81 9.90 -3.50 4.20
C ARG A 81 11.34 -3.22 3.73
N HIS A 82 11.67 -3.65 2.54
CA HIS A 82 13.06 -3.42 2.04
C HIS A 82 13.37 -1.92 2.05
N ASP A 83 12.44 -1.10 1.64
CA ASP A 83 12.69 0.37 1.63
C ASP A 83 12.53 0.95 3.04
N GLY A 84 12.11 0.13 3.97
CA GLY A 84 11.92 0.61 5.38
C GLY A 84 13.27 0.62 6.11
N LEU A 85 14.31 0.18 5.46
CA LEU A 85 15.65 0.17 6.13
C LEU A 85 16.22 1.60 6.16
N GLU A 86 16.61 2.06 7.32
CA GLU A 86 17.18 3.44 7.43
C GLU A 86 18.62 3.45 6.92
N HIS A 87 19.03 4.54 6.31
CA HIS A 87 20.43 4.65 5.79
C HIS A 87 20.77 3.42 4.95
N HIS A 88 20.62 3.51 3.66
CA HIS A 88 20.94 2.36 2.77
C HIS A 88 22.46 2.22 2.64
N HIS A 89 22.98 1.02 2.79
CA HIS A 89 24.45 0.82 2.67
C HIS A 89 24.85 0.80 1.19
N HIS A 90 23.89 0.83 0.31
CA HIS A 90 24.21 0.80 -1.15
C HIS A 90 25.06 2.02 -1.51
N HIS A 91 24.72 3.17 -1.00
CA HIS A 91 25.52 4.40 -1.31
C HIS A 91 25.43 5.39 -0.14
N HIS A 92 24.99 4.92 1.01
CA HIS A 92 24.85 5.79 2.22
C HIS A 92 24.29 7.17 1.85
N MET A 1 -15.76 -16.52 -5.75
CA MET A 1 -14.82 -16.36 -6.89
C MET A 1 -13.80 -15.25 -6.55
N PRO A 2 -13.09 -15.39 -5.44
CA PRO A 2 -12.07 -14.37 -5.02
C PRO A 2 -10.89 -14.30 -5.99
N HIS A 3 -10.29 -13.14 -6.12
CA HIS A 3 -9.12 -12.98 -7.03
C HIS A 3 -8.20 -11.88 -6.49
N LYS A 4 -6.91 -12.02 -6.68
CA LYS A 4 -5.95 -10.98 -6.16
C LYS A 4 -5.88 -9.80 -7.15
N GLU A 5 -5.08 -9.93 -8.17
CA GLU A 5 -4.96 -8.82 -9.17
C GLU A 5 -4.13 -9.31 -10.36
N LYS A 6 -4.44 -8.84 -11.55
CA LYS A 6 -3.68 -9.27 -12.75
C LYS A 6 -2.23 -8.80 -12.64
N HIS A 7 -1.98 -7.55 -12.91
CA HIS A 7 -0.58 -7.04 -12.85
C HIS A 7 0.09 -7.44 -11.51
N PRO A 8 1.40 -7.62 -11.47
CA PRO A 8 2.09 -8.00 -10.18
C PRO A 8 1.67 -7.07 -9.02
N LEU A 9 1.39 -7.65 -7.88
CA LEU A 9 1.00 -6.83 -6.70
C LEU A 9 2.19 -5.94 -6.29
N GLN A 10 3.37 -6.49 -6.30
CA GLN A 10 4.57 -5.69 -5.90
C GLN A 10 4.67 -4.43 -6.76
N ASP A 11 4.55 -4.57 -8.04
CA ASP A 11 4.62 -3.37 -8.92
C ASP A 11 3.43 -2.44 -8.64
N MET A 12 2.27 -3.01 -8.41
CA MET A 12 1.07 -2.16 -8.13
C MET A 12 1.28 -1.35 -6.85
N PHE A 13 1.61 -2.00 -5.76
CA PHE A 13 1.82 -1.25 -4.48
C PHE A 13 3.09 -0.41 -4.58
N THR A 14 4.14 -0.95 -5.14
CA THR A 14 5.41 -0.17 -5.25
C THR A 14 5.18 1.08 -6.12
N SER A 15 4.56 0.91 -7.25
CA SER A 15 4.34 2.09 -8.15
C SER A 15 3.44 3.11 -7.44
N ALA A 16 2.39 2.67 -6.80
CA ALA A 16 1.49 3.63 -6.11
C ALA A 16 2.15 4.20 -4.86
N ILE A 17 2.73 3.37 -4.04
CA ILE A 17 3.38 3.88 -2.80
C ILE A 17 4.54 4.82 -3.18
N GLU A 18 5.34 4.43 -4.13
CA GLU A 18 6.49 5.29 -4.53
C GLU A 18 5.97 6.59 -5.16
N ALA A 19 4.88 6.53 -5.88
CA ALA A 19 4.34 7.77 -6.52
C ALA A 19 3.92 8.79 -5.45
N VAL A 20 3.03 8.43 -4.57
CA VAL A 20 2.57 9.39 -3.50
C VAL A 20 3.33 9.14 -2.20
N ALA A 21 4.54 8.64 -2.28
CA ALA A 21 5.32 8.38 -1.04
C ALA A 21 5.43 9.68 -0.21
N ARG A 22 5.48 10.82 -0.84
CA ARG A 22 5.61 12.12 -0.08
C ARG A 22 6.73 12.01 0.97
N ASP A 23 6.40 11.68 2.18
CA ASP A 23 7.41 11.58 3.27
C ASP A 23 8.45 10.48 2.96
N SER A 24 8.01 9.28 2.68
CA SER A 24 8.98 8.19 2.38
C SER A 24 8.22 6.96 1.89
N GLY A 25 8.83 5.80 1.95
CA GLY A 25 8.16 4.56 1.49
C GLY A 25 6.76 4.45 2.11
N TRP A 26 6.51 5.19 3.17
CA TRP A 26 5.17 5.13 3.82
C TRP A 26 4.21 6.05 3.06
N ALA A 27 3.00 5.60 2.81
CA ALA A 27 2.00 6.42 2.07
C ALA A 27 0.60 6.16 2.63
N GLU A 28 -0.24 7.15 2.67
CA GLU A 28 -1.61 6.95 3.21
C GLU A 28 -2.37 5.94 2.34
N LEU A 29 -2.99 4.97 2.96
CA LEU A 29 -3.73 3.94 2.17
C LEU A 29 -4.78 4.62 1.29
N SER A 30 -5.45 5.62 1.79
CA SER A 30 -6.49 6.30 0.98
C SER A 30 -5.83 6.85 -0.30
N ALA A 31 -4.66 7.40 -0.19
CA ALA A 31 -3.97 7.93 -1.40
C ALA A 31 -3.65 6.79 -2.37
N VAL A 32 -3.30 5.64 -1.85
CA VAL A 32 -2.96 4.49 -2.75
C VAL A 32 -4.20 4.12 -3.57
N GLY A 33 -5.33 3.98 -2.94
CA GLY A 33 -6.56 3.59 -3.68
C GLY A 33 -6.91 4.69 -4.70
N SER A 34 -6.92 5.92 -4.27
CA SER A 34 -7.24 7.03 -5.22
C SER A 34 -6.20 7.09 -6.33
N TYR A 35 -4.94 6.97 -5.99
CA TYR A 35 -3.87 7.04 -7.03
C TYR A 35 -4.09 5.90 -8.04
N LEU A 36 -4.34 4.72 -7.57
CA LEU A 36 -4.56 3.57 -8.50
C LEU A 36 -5.81 3.84 -9.33
N ALA A 37 -6.83 4.40 -8.74
CA ALA A 37 -8.08 4.68 -9.50
C ALA A 37 -7.75 5.53 -10.73
N LYS A 38 -6.98 6.56 -10.55
CA LYS A 38 -6.62 7.43 -11.72
C LYS A 38 -5.81 6.62 -12.72
N ASN A 39 -4.85 5.87 -12.25
CA ASN A 39 -4.00 5.06 -13.18
C ASN A 39 -4.85 3.99 -13.88
N ASP A 40 -5.76 3.36 -13.17
CA ASP A 40 -6.61 2.29 -13.80
C ASP A 40 -7.89 2.93 -14.36
N PRO A 41 -8.66 2.23 -15.18
CA PRO A 41 -9.92 2.79 -15.74
C PRO A 41 -10.85 3.31 -14.63
N SER A 42 -10.99 2.53 -13.59
CA SER A 42 -11.87 2.93 -12.46
C SER A 42 -11.82 1.84 -11.38
N PHE A 43 -10.89 1.93 -10.47
CA PHE A 43 -10.78 0.89 -9.41
C PHE A 43 -12.08 0.89 -8.59
N ASP A 44 -12.21 -0.05 -7.66
CA ASP A 44 -13.46 -0.13 -6.82
C ASP A 44 -13.09 -0.31 -5.34
N PRO A 45 -12.66 0.75 -4.68
CA PRO A 45 -12.28 0.68 -3.23
C PRO A 45 -13.43 0.13 -2.36
N ARG A 46 -14.65 0.50 -2.69
CA ARG A 46 -15.83 0.03 -1.90
C ARG A 46 -15.90 -1.50 -1.97
N ASN A 47 -15.57 -2.07 -3.09
CA ASN A 47 -15.62 -3.54 -3.22
C ASN A 47 -14.68 -4.15 -2.19
N TRP A 48 -13.54 -3.56 -1.99
CA TRP A 48 -12.58 -4.09 -0.98
C TRP A 48 -12.99 -3.59 0.41
N GLY A 49 -14.26 -3.39 0.63
CA GLY A 49 -14.73 -2.91 1.96
C GLY A 49 -14.27 -1.47 2.19
N HIS A 50 -14.77 -0.84 3.22
CA HIS A 50 -14.36 0.56 3.53
C HIS A 50 -12.89 0.58 3.97
N GLY A 51 -12.48 -0.39 4.76
CA GLY A 51 -11.06 -0.44 5.24
C GLY A 51 -10.57 -1.89 5.25
N ARG A 52 -11.35 -2.79 4.71
CA ARG A 52 -10.92 -4.23 4.68
C ARG A 52 -9.72 -4.37 3.74
N LEU A 53 -9.44 -3.35 2.98
CA LEU A 53 -8.28 -3.40 2.05
C LEU A 53 -7.01 -3.56 2.88
N SER A 54 -6.92 -2.89 4.00
CA SER A 54 -5.70 -3.02 4.84
C SER A 54 -5.56 -4.47 5.29
N GLN A 55 -6.66 -5.12 5.57
CA GLN A 55 -6.61 -6.54 6.01
C GLN A 55 -6.16 -7.45 4.85
N MET A 56 -6.58 -7.15 3.65
CA MET A 56 -6.18 -8.01 2.50
C MET A 56 -4.65 -8.00 2.35
N VAL A 57 -4.04 -6.84 2.37
CA VAL A 57 -2.56 -6.77 2.22
C VAL A 57 -1.89 -7.30 3.49
N LYS A 58 -2.58 -7.24 4.60
CA LYS A 58 -2.00 -7.74 5.89
C LYS A 58 -1.72 -9.23 5.77
N LYS A 59 -2.53 -9.93 5.02
CA LYS A 59 -2.31 -11.40 4.87
C LYS A 59 -0.97 -11.64 4.17
N LEU A 60 -0.59 -10.75 3.28
CA LEU A 60 0.69 -10.91 2.55
C LEU A 60 1.86 -10.59 3.49
N ASP A 61 2.95 -11.32 3.37
CA ASP A 61 4.13 -11.10 4.27
C ASP A 61 5.10 -10.09 3.67
N PHE A 62 5.26 -10.06 2.37
CA PHE A 62 6.24 -9.10 1.76
C PHE A 62 5.68 -7.67 1.82
N LEU A 63 4.68 -7.43 2.64
CA LEU A 63 4.09 -6.06 2.78
C LEU A 63 3.91 -5.74 4.26
N THR A 64 4.43 -4.60 4.70
CA THR A 64 4.30 -4.21 6.14
C THR A 64 3.09 -3.28 6.28
N VAL A 65 2.27 -3.50 7.29
CA VAL A 65 1.06 -2.64 7.50
C VAL A 65 1.16 -1.93 8.87
N GLN A 66 0.93 -0.64 8.88
CA GLN A 66 0.99 0.14 10.16
C GLN A 66 -0.15 1.17 10.16
N GLU A 67 -0.81 1.32 11.29
CA GLU A 67 -1.94 2.30 11.39
C GLU A 67 -1.40 3.63 11.94
N SER A 68 -1.80 4.74 11.34
CA SER A 68 -1.33 6.09 11.80
C SER A 68 -2.54 6.91 12.27
N ARG A 69 -2.47 7.50 13.45
CA ARG A 69 -3.64 8.31 13.94
C ARG A 69 -3.70 9.64 13.19
N ASN A 70 -4.89 10.04 12.82
CA ASN A 70 -5.07 11.31 12.07
C ASN A 70 -6.45 11.88 12.40
N GLY A 71 -6.53 12.72 13.38
CA GLY A 71 -7.84 13.30 13.77
C GLY A 71 -8.82 12.19 14.19
N SER A 72 -10.06 12.31 13.80
CA SER A 72 -11.09 11.28 14.17
C SER A 72 -11.06 10.13 13.16
N LYS A 73 -10.28 10.24 12.11
CA LYS A 73 -10.20 9.15 11.07
C LYS A 73 -8.76 8.68 10.90
N LEU A 74 -8.40 7.61 11.55
CA LEU A 74 -7.02 7.08 11.43
C LEU A 74 -6.82 6.57 10.01
N HIS A 75 -5.71 6.91 9.38
CA HIS A 75 -5.45 6.46 7.98
C HIS A 75 -4.44 5.31 7.99
N SER A 76 -4.77 4.24 7.33
CA SER A 76 -3.84 3.07 7.28
C SER A 76 -2.63 3.40 6.40
N GLU A 77 -1.51 2.76 6.64
CA GLU A 77 -0.28 3.01 5.81
C GLU A 77 0.36 1.67 5.48
N ILE A 78 0.94 1.57 4.31
CA ILE A 78 1.62 0.30 3.87
C ILE A 78 3.00 0.63 3.32
N ARG A 79 3.89 -0.33 3.31
CA ARG A 79 5.27 -0.10 2.77
C ARG A 79 5.72 -1.39 2.07
N LEU A 80 6.50 -1.28 1.04
CA LEU A 80 6.96 -2.51 0.33
C LEU A 80 8.16 -3.06 1.09
N ARG A 81 8.06 -4.28 1.60
CA ARG A 81 9.19 -4.84 2.37
C ARG A 81 10.45 -4.85 1.51
N HIS A 82 11.52 -4.28 2.02
CA HIS A 82 12.80 -4.24 1.24
C HIS A 82 13.91 -3.71 2.16
N ASP A 83 15.11 -3.59 1.64
CA ASP A 83 16.25 -3.07 2.46
C ASP A 83 16.38 -3.89 3.76
N GLY A 84 16.04 -5.15 3.70
CA GLY A 84 16.14 -6.01 4.92
C GLY A 84 17.58 -6.48 5.12
N LEU A 85 18.51 -5.94 4.36
CA LEU A 85 19.93 -6.36 4.50
C LEU A 85 20.03 -7.89 4.38
N GLU A 86 21.21 -8.43 4.43
CA GLU A 86 21.36 -9.91 4.31
C GLU A 86 22.77 -10.31 4.78
N HIS A 87 22.85 -11.09 5.82
CA HIS A 87 24.18 -11.54 6.33
C HIS A 87 25.07 -10.33 6.63
N HIS A 88 26.15 -10.53 7.34
CA HIS A 88 27.07 -9.40 7.67
C HIS A 88 28.01 -9.16 6.48
N HIS A 89 28.63 -8.01 6.42
CA HIS A 89 29.57 -7.71 5.29
C HIS A 89 30.59 -6.67 5.74
N HIS A 90 31.73 -6.64 5.08
CA HIS A 90 32.79 -5.65 5.46
C HIS A 90 32.46 -4.27 4.87
N HIS A 91 32.93 -3.23 5.50
CA HIS A 91 32.66 -1.85 4.98
C HIS A 91 31.15 -1.66 4.75
N HIS A 92 30.46 -1.12 5.72
CA HIS A 92 29.00 -0.89 5.55
C HIS A 92 28.76 0.17 4.48
N MET A 1 11.96 3.70 -18.52
CA MET A 1 11.68 3.63 -17.05
C MET A 1 10.17 3.50 -16.82
N PRO A 2 9.35 4.25 -17.55
CA PRO A 2 7.87 4.19 -17.40
C PRO A 2 7.30 2.80 -17.77
N HIS A 3 6.27 2.37 -17.09
CA HIS A 3 5.66 1.04 -17.39
C HIS A 3 4.21 1.03 -16.88
N LYS A 4 3.26 0.76 -17.75
CA LYS A 4 1.82 0.74 -17.33
C LYS A 4 1.46 -0.66 -16.84
N GLU A 5 2.32 -1.62 -17.07
CA GLU A 5 2.02 -3.01 -16.60
C GLU A 5 1.89 -3.00 -15.08
N LYS A 6 0.77 -3.45 -14.56
CA LYS A 6 0.54 -3.48 -13.08
C LYS A 6 -0.07 -4.84 -12.69
N HIS A 7 0.20 -5.86 -13.45
CA HIS A 7 -0.36 -7.21 -13.13
C HIS A 7 0.28 -7.75 -11.82
N PRO A 8 1.58 -7.59 -11.65
CA PRO A 8 2.27 -8.09 -10.42
C PRO A 8 1.74 -7.41 -9.14
N LEU A 9 1.57 -8.16 -8.09
CA LEU A 9 1.07 -7.56 -6.83
C LEU A 9 2.10 -6.56 -6.29
N GLN A 10 3.36 -6.90 -6.35
CA GLN A 10 4.42 -5.98 -5.84
C GLN A 10 4.45 -4.71 -6.70
N ASP A 11 4.42 -4.85 -8.00
CA ASP A 11 4.47 -3.65 -8.88
C ASP A 11 3.21 -2.81 -8.66
N MET A 12 2.10 -3.44 -8.42
CA MET A 12 0.84 -2.68 -8.21
C MET A 12 0.96 -1.78 -6.97
N PHE A 13 1.19 -2.37 -5.82
CA PHE A 13 1.31 -1.54 -4.58
C PHE A 13 2.59 -0.69 -4.65
N THR A 14 3.67 -1.23 -5.14
CA THR A 14 4.93 -0.43 -5.21
C THR A 14 4.74 0.78 -6.11
N SER A 15 4.15 0.61 -7.26
CA SER A 15 3.94 1.76 -8.18
C SER A 15 3.09 2.83 -7.49
N ALA A 16 2.04 2.44 -6.82
CA ALA A 16 1.18 3.44 -6.14
C ALA A 16 1.89 4.04 -4.93
N ILE A 17 2.50 3.22 -4.11
CA ILE A 17 3.19 3.75 -2.91
C ILE A 17 4.34 4.67 -3.34
N GLU A 18 5.12 4.26 -4.30
CA GLU A 18 6.24 5.12 -4.76
C GLU A 18 5.67 6.38 -5.43
N ALA A 19 4.55 6.25 -6.07
CA ALA A 19 3.94 7.43 -6.75
C ALA A 19 3.53 8.48 -5.71
N VAL A 20 3.26 8.06 -4.49
CA VAL A 20 2.85 9.03 -3.40
C VAL A 20 3.66 8.78 -2.13
N ALA A 21 4.78 8.13 -2.23
CA ALA A 21 5.60 7.87 -1.00
C ALA A 21 6.01 9.21 -0.39
N ARG A 22 6.07 10.24 -1.20
CA ARG A 22 6.45 11.59 -0.68
C ARG A 22 7.77 11.50 0.11
N ASP A 23 8.24 12.63 0.60
CA ASP A 23 9.52 12.63 1.37
C ASP A 23 9.33 11.91 2.71
N SER A 24 8.11 11.74 3.16
CA SER A 24 7.88 11.04 4.46
C SER A 24 8.12 9.53 4.28
N GLY A 25 8.34 9.11 3.07
CA GLY A 25 8.59 7.65 2.82
C GLY A 25 7.27 6.88 2.95
N TRP A 26 6.57 7.05 4.04
CA TRP A 26 5.28 6.32 4.23
C TRP A 26 4.30 6.75 3.14
N ALA A 27 3.12 6.18 3.14
CA ALA A 27 2.09 6.56 2.12
C ALA A 27 0.70 6.33 2.73
N GLU A 28 -0.17 7.28 2.59
CA GLU A 28 -1.54 7.13 3.16
C GLU A 28 -2.34 6.13 2.33
N LEU A 29 -2.98 5.19 2.97
CA LEU A 29 -3.76 4.15 2.22
C LEU A 29 -4.76 4.86 1.30
N SER A 30 -5.36 5.92 1.74
CA SER A 30 -6.35 6.63 0.87
C SER A 30 -5.66 7.05 -0.44
N ALA A 31 -4.48 7.59 -0.36
CA ALA A 31 -3.77 8.01 -1.60
C ALA A 31 -3.49 6.77 -2.47
N VAL A 32 -3.10 5.69 -1.86
CA VAL A 32 -2.82 4.45 -2.65
C VAL A 32 -4.10 3.99 -3.34
N GLY A 33 -5.18 3.94 -2.61
CA GLY A 33 -6.46 3.48 -3.23
C GLY A 33 -6.88 4.44 -4.34
N SER A 34 -6.88 5.72 -4.07
CA SER A 34 -7.30 6.69 -5.12
C SER A 34 -6.35 6.59 -6.32
N TYR A 35 -5.07 6.48 -6.07
CA TYR A 35 -4.09 6.40 -7.19
C TYR A 35 -4.40 5.15 -8.03
N LEU A 36 -4.59 4.03 -7.39
CA LEU A 36 -4.88 2.78 -8.14
C LEU A 36 -6.21 2.94 -8.89
N ALA A 37 -7.18 3.55 -8.27
CA ALA A 37 -8.50 3.73 -8.95
C ALA A 37 -8.28 4.50 -10.26
N LYS A 38 -7.56 5.58 -10.21
CA LYS A 38 -7.31 6.38 -11.44
C LYS A 38 -6.56 5.51 -12.46
N ASN A 39 -5.59 4.75 -12.00
CA ASN A 39 -4.82 3.87 -12.93
C ASN A 39 -5.63 2.61 -13.22
N ASP A 40 -6.70 2.39 -12.50
CA ASP A 40 -7.54 1.19 -12.74
C ASP A 40 -8.90 1.36 -12.07
N PRO A 41 -9.74 2.22 -12.59
CA PRO A 41 -11.10 2.48 -12.03
C PRO A 41 -11.93 1.19 -11.95
N SER A 42 -11.70 0.28 -12.84
CA SER A 42 -12.46 -0.99 -12.85
C SER A 42 -12.31 -1.71 -11.51
N PHE A 43 -11.36 -1.29 -10.70
CA PHE A 43 -11.17 -1.94 -9.36
C PHE A 43 -11.99 -1.16 -8.33
N ASP A 44 -11.76 0.12 -8.23
CA ASP A 44 -12.51 0.96 -7.25
C ASP A 44 -12.36 0.36 -5.84
N PRO A 45 -11.29 0.69 -5.14
CA PRO A 45 -11.03 0.15 -3.76
C PRO A 45 -12.21 0.39 -2.81
N ARG A 46 -12.70 1.59 -2.75
CA ARG A 46 -13.83 1.92 -1.83
C ARG A 46 -14.98 0.94 -2.08
N ASN A 47 -15.41 0.82 -3.29
CA ASN A 47 -16.51 -0.14 -3.61
C ASN A 47 -16.02 -1.57 -3.38
N TRP A 48 -14.77 -1.84 -3.65
CA TRP A 48 -14.23 -3.22 -3.46
C TRP A 48 -13.91 -3.47 -1.98
N GLY A 49 -14.21 -2.52 -1.13
CA GLY A 49 -13.93 -2.69 0.33
C GLY A 49 -13.78 -1.31 0.98
N HIS A 50 -14.52 -1.05 2.04
CA HIS A 50 -14.42 0.27 2.70
C HIS A 50 -13.02 0.41 3.31
N GLY A 51 -12.56 -0.61 3.99
CA GLY A 51 -11.20 -0.58 4.62
C GLY A 51 -10.60 -1.99 4.61
N ARG A 52 -11.29 -2.95 4.05
CA ARG A 52 -10.76 -4.34 4.03
C ARG A 52 -9.50 -4.37 3.14
N LEU A 53 -9.16 -3.28 2.52
CA LEU A 53 -7.92 -3.25 1.68
C LEU A 53 -6.70 -3.43 2.60
N SER A 54 -6.72 -2.79 3.74
CA SER A 54 -5.56 -2.90 4.69
C SER A 54 -5.37 -4.35 5.09
N GLN A 55 -6.42 -5.04 5.40
CA GLN A 55 -6.31 -6.47 5.81
C GLN A 55 -5.87 -7.30 4.60
N MET A 56 -6.25 -6.89 3.41
CA MET A 56 -5.85 -7.67 2.19
C MET A 56 -4.32 -7.66 2.05
N VAL A 57 -3.70 -6.52 2.18
CA VAL A 57 -2.21 -6.46 2.04
C VAL A 57 -1.55 -7.11 3.26
N LYS A 58 -2.26 -7.21 4.35
CA LYS A 58 -1.66 -7.82 5.57
C LYS A 58 -1.23 -9.25 5.26
N LYS A 59 -1.93 -9.93 4.39
CA LYS A 59 -1.54 -11.33 4.06
C LYS A 59 -0.27 -11.33 3.20
N LEU A 60 0.23 -10.18 2.85
CA LEU A 60 1.48 -10.08 2.02
C LEU A 60 2.67 -9.78 2.94
N ASP A 61 3.54 -10.73 3.13
CA ASP A 61 4.71 -10.51 4.03
C ASP A 61 5.68 -9.44 3.47
N PHE A 62 5.87 -9.40 2.17
CA PHE A 62 6.81 -8.40 1.59
C PHE A 62 6.24 -6.98 1.68
N LEU A 63 5.27 -6.75 2.55
CA LEU A 63 4.67 -5.38 2.71
C LEU A 63 4.43 -5.12 4.20
N THR A 64 4.93 -4.01 4.69
CA THR A 64 4.73 -3.65 6.14
C THR A 64 3.44 -2.86 6.29
N VAL A 65 2.62 -3.21 7.26
CA VAL A 65 1.31 -2.48 7.49
C VAL A 65 1.30 -1.91 8.91
N GLN A 66 0.96 -0.64 9.05
CA GLN A 66 0.90 0.00 10.41
C GLN A 66 -0.25 1.01 10.43
N GLU A 67 -0.80 1.28 11.60
CA GLU A 67 -1.94 2.25 11.71
C GLU A 67 -1.44 3.58 12.31
N SER A 68 -2.00 4.68 11.86
CA SER A 68 -1.61 6.03 12.37
C SER A 68 -2.87 6.81 12.73
N ARG A 69 -2.87 7.41 13.90
CA ARG A 69 -4.05 8.19 14.36
C ARG A 69 -4.15 9.49 13.51
N ASN A 70 -5.31 9.81 12.99
CA ASN A 70 -5.47 11.05 12.14
C ASN A 70 -6.88 11.61 12.32
N GLY A 71 -7.02 12.68 13.05
CA GLY A 71 -8.36 13.27 13.26
C GLY A 71 -9.24 12.27 14.00
N SER A 72 -10.49 12.18 13.64
CA SER A 72 -11.43 11.22 14.33
C SER A 72 -11.33 9.83 13.70
N LYS A 73 -10.54 9.67 12.66
CA LYS A 73 -10.41 8.34 11.99
C LYS A 73 -8.93 8.04 11.73
N LEU A 74 -8.43 6.96 12.28
CA LEU A 74 -7.00 6.62 12.07
C LEU A 74 -6.78 6.31 10.59
N HIS A 75 -5.68 6.76 10.05
CA HIS A 75 -5.36 6.50 8.60
C HIS A 75 -4.35 5.38 8.51
N SER A 76 -4.67 4.34 7.79
CA SER A 76 -3.72 3.21 7.64
C SER A 76 -2.55 3.65 6.76
N GLU A 77 -1.42 2.99 6.89
CA GLU A 77 -0.22 3.35 6.06
C GLU A 77 0.51 2.06 5.69
N ILE A 78 1.15 2.04 4.55
CA ILE A 78 1.89 0.81 4.11
C ILE A 78 3.20 1.22 3.41
N ARG A 79 4.18 0.36 3.44
CA ARG A 79 5.47 0.67 2.74
C ARG A 79 6.13 -0.64 2.32
N LEU A 80 6.93 -0.60 1.28
CA LEU A 80 7.60 -1.85 0.83
C LEU A 80 8.66 -2.24 1.87
N ARG A 81 8.72 -3.50 2.22
CA ARG A 81 9.72 -3.96 3.23
C ARG A 81 11.13 -3.64 2.75
N HIS A 82 11.43 -3.94 1.52
CA HIS A 82 12.80 -3.66 0.99
C HIS A 82 12.96 -2.14 0.81
N ASP A 83 13.55 -1.71 -0.28
CA ASP A 83 13.73 -0.24 -0.51
C ASP A 83 14.37 0.41 0.72
N GLY A 84 14.52 1.71 0.71
CA GLY A 84 15.13 2.39 1.89
C GLY A 84 16.65 2.15 1.87
N LEU A 85 17.30 2.31 3.00
CA LEU A 85 18.78 2.11 3.05
C LEU A 85 19.44 2.91 1.93
N GLU A 86 18.84 4.01 1.54
CA GLU A 86 19.42 4.83 0.44
C GLU A 86 20.86 5.24 0.81
N HIS A 87 21.75 5.16 -0.14
CA HIS A 87 23.18 5.53 0.12
C HIS A 87 23.33 7.06 0.13
N HIS A 88 24.34 7.56 0.78
CA HIS A 88 24.54 9.04 0.81
C HIS A 88 25.01 9.53 -0.56
N HIS A 89 24.57 10.70 -0.97
CA HIS A 89 24.97 11.22 -2.30
C HIS A 89 26.47 11.58 -2.28
N HIS A 90 27.20 11.11 -3.26
CA HIS A 90 28.66 11.41 -3.31
C HIS A 90 28.88 12.90 -3.58
N HIS A 91 28.04 13.50 -4.38
CA HIS A 91 28.20 14.94 -4.70
C HIS A 91 28.36 15.76 -3.42
N HIS A 92 29.15 16.81 -3.47
CA HIS A 92 29.35 17.67 -2.26
C HIS A 92 28.01 18.26 -1.83
N MET A 1 -18.06 -13.95 -15.95
CA MET A 1 -16.69 -14.38 -15.51
C MET A 1 -15.69 -13.25 -15.76
N PRO A 2 -15.73 -12.20 -14.96
CA PRO A 2 -14.80 -11.04 -15.11
C PRO A 2 -13.33 -11.43 -14.95
N HIS A 3 -12.44 -10.78 -15.67
CA HIS A 3 -10.99 -11.11 -15.56
C HIS A 3 -10.37 -10.29 -14.43
N LYS A 4 -9.88 -10.94 -13.41
CA LYS A 4 -9.27 -10.19 -12.26
C LYS A 4 -7.85 -9.76 -12.62
N GLU A 5 -7.48 -8.56 -12.28
CA GLU A 5 -6.10 -8.08 -12.59
C GLU A 5 -5.08 -9.01 -11.95
N LYS A 6 -4.59 -9.97 -12.67
CA LYS A 6 -3.59 -10.93 -12.11
C LYS A 6 -2.20 -10.26 -12.12
N HIS A 7 -2.11 -9.06 -12.64
CA HIS A 7 -0.79 -8.35 -12.68
C HIS A 7 -0.09 -8.45 -11.31
N PRO A 8 1.23 -8.43 -11.26
CA PRO A 8 1.98 -8.54 -9.97
C PRO A 8 1.53 -7.46 -8.96
N LEU A 9 1.10 -7.90 -7.80
CA LEU A 9 0.65 -6.93 -6.75
C LEU A 9 1.84 -6.10 -6.27
N GLN A 10 2.99 -6.71 -6.14
CA GLN A 10 4.18 -5.96 -5.67
C GLN A 10 4.41 -4.73 -6.55
N ASP A 11 4.38 -4.89 -7.83
CA ASP A 11 4.59 -3.73 -8.74
C ASP A 11 3.43 -2.74 -8.56
N MET A 12 2.23 -3.23 -8.43
CA MET A 12 1.06 -2.33 -8.27
C MET A 12 1.21 -1.51 -6.99
N PHE A 13 1.46 -2.14 -5.88
CA PHE A 13 1.62 -1.37 -4.60
C PHE A 13 2.93 -0.57 -4.64
N THR A 14 3.98 -1.15 -5.15
CA THR A 14 5.28 -0.43 -5.19
C THR A 14 5.14 0.83 -6.05
N SER A 15 4.58 0.71 -7.22
CA SER A 15 4.43 1.90 -8.09
C SER A 15 3.53 2.93 -7.43
N ALA A 16 2.44 2.51 -6.84
CA ALA A 16 1.51 3.48 -6.18
C ALA A 16 2.14 4.09 -4.93
N ILE A 17 2.70 3.29 -4.07
CA ILE A 17 3.30 3.83 -2.81
C ILE A 17 4.46 4.75 -3.17
N GLU A 18 5.32 4.35 -4.06
CA GLU A 18 6.48 5.20 -4.42
C GLU A 18 5.99 6.49 -5.10
N ALA A 19 4.92 6.40 -5.84
CA ALA A 19 4.40 7.61 -6.53
C ALA A 19 3.96 8.65 -5.50
N VAL A 20 3.36 8.22 -4.40
CA VAL A 20 2.89 9.19 -3.34
C VAL A 20 3.67 8.97 -2.04
N ALA A 21 4.79 8.28 -2.10
CA ALA A 21 5.60 8.06 -0.86
C ALA A 21 6.09 9.41 -0.29
N ARG A 22 5.53 10.51 -0.73
CA ARG A 22 5.98 11.84 -0.22
C ARG A 22 5.77 11.93 1.29
N ASP A 23 5.38 13.07 1.79
CA ASP A 23 5.17 13.22 3.26
C ASP A 23 6.45 12.80 3.99
N SER A 24 6.57 11.53 4.33
CA SER A 24 7.79 11.05 5.04
C SER A 24 7.93 9.54 4.88
N GLY A 25 8.27 9.09 3.70
CA GLY A 25 8.43 7.62 3.48
C GLY A 25 7.06 6.94 3.49
N TRP A 26 6.35 7.02 4.58
CA TRP A 26 5.01 6.37 4.65
C TRP A 26 4.13 6.84 3.48
N ALA A 27 2.93 6.33 3.38
CA ALA A 27 2.02 6.74 2.26
C ALA A 27 0.57 6.58 2.74
N GLU A 28 -0.24 7.59 2.58
CA GLU A 28 -1.65 7.48 3.03
C GLU A 28 -2.37 6.43 2.20
N LEU A 29 -3.00 5.48 2.86
CA LEU A 29 -3.71 4.39 2.11
C LEU A 29 -4.75 5.03 1.18
N SER A 30 -5.42 6.05 1.62
CA SER A 30 -6.45 6.70 0.75
C SER A 30 -5.79 7.15 -0.55
N ALA A 31 -4.60 7.71 -0.47
CA ALA A 31 -3.91 8.17 -1.71
C ALA A 31 -3.61 6.96 -2.58
N VAL A 32 -3.23 5.85 -2.00
CA VAL A 32 -2.92 4.65 -2.81
C VAL A 32 -4.18 4.20 -3.55
N GLY A 33 -5.29 4.10 -2.87
CA GLY A 33 -6.54 3.66 -3.54
C GLY A 33 -6.94 4.68 -4.62
N SER A 34 -6.97 5.94 -4.29
CA SER A 34 -7.34 6.97 -5.30
C SER A 34 -6.32 6.95 -6.44
N TYR A 35 -5.05 6.85 -6.12
CA TYR A 35 -4.01 6.84 -7.19
C TYR A 35 -4.25 5.64 -8.12
N LEU A 36 -4.48 4.49 -7.57
CA LEU A 36 -4.72 3.29 -8.42
C LEU A 36 -5.98 3.51 -9.25
N ALA A 37 -7.00 4.09 -8.67
CA ALA A 37 -8.26 4.32 -9.43
C ALA A 37 -7.94 5.17 -10.67
N LYS A 38 -7.12 6.18 -10.51
CA LYS A 38 -6.78 7.04 -11.68
C LYS A 38 -6.03 6.22 -12.73
N ASN A 39 -5.10 5.39 -12.30
CA ASN A 39 -4.33 4.55 -13.27
C ASN A 39 -5.04 3.22 -13.46
N ASP A 40 -6.19 3.07 -12.88
CA ASP A 40 -6.95 1.81 -13.02
C ASP A 40 -8.38 2.02 -12.48
N PRO A 41 -9.23 2.67 -13.24
CA PRO A 41 -10.64 2.94 -12.82
C PRO A 41 -11.35 1.64 -12.41
N SER A 42 -10.96 0.55 -12.99
CA SER A 42 -11.59 -0.75 -12.65
C SER A 42 -11.34 -1.08 -11.18
N PHE A 43 -10.41 -0.41 -10.54
CA PHE A 43 -10.14 -0.68 -9.11
C PHE A 43 -11.25 -0.08 -8.25
N ASP A 44 -11.79 -0.84 -7.34
CA ASP A 44 -12.90 -0.36 -6.45
C ASP A 44 -12.65 -0.86 -5.02
N PRO A 45 -11.83 -0.17 -4.26
CA PRO A 45 -11.52 -0.56 -2.83
C PRO A 45 -12.80 -0.62 -2.00
N ARG A 46 -13.77 0.13 -2.43
CA ARG A 46 -15.06 0.19 -1.72
C ARG A 46 -15.78 -1.17 -1.83
N ASN A 47 -15.76 -1.76 -2.99
CA ASN A 47 -16.43 -3.08 -3.16
C ASN A 47 -15.61 -4.17 -2.46
N TRP A 48 -14.41 -3.85 -2.05
CA TRP A 48 -13.56 -4.87 -1.35
C TRP A 48 -13.95 -4.94 0.13
N GLY A 49 -14.87 -4.11 0.57
CA GLY A 49 -15.30 -4.11 2.02
C GLY A 49 -14.96 -2.76 2.66
N HIS A 50 -14.64 -1.78 1.85
CA HIS A 50 -14.30 -0.42 2.38
C HIS A 50 -13.15 -0.50 3.39
N GLY A 51 -12.00 0.01 3.02
CA GLY A 51 -10.82 -0.03 3.94
C GLY A 51 -10.28 -1.45 4.03
N ARG A 52 -10.97 -2.38 3.43
CA ARG A 52 -10.50 -3.80 3.49
C ARG A 52 -9.20 -3.93 2.71
N LEU A 53 -8.80 -2.88 2.03
CA LEU A 53 -7.53 -2.93 1.26
C LEU A 53 -6.37 -3.15 2.24
N SER A 54 -6.38 -2.47 3.35
CA SER A 54 -5.29 -2.65 4.35
C SER A 54 -5.28 -4.09 4.85
N GLN A 55 -6.44 -4.63 5.14
CA GLN A 55 -6.50 -6.04 5.63
C GLN A 55 -6.18 -7.00 4.48
N MET A 56 -6.45 -6.60 3.27
CA MET A 56 -6.16 -7.51 2.11
C MET A 56 -4.65 -7.67 1.95
N VAL A 57 -3.91 -6.59 1.98
CA VAL A 57 -2.42 -6.69 1.82
C VAL A 57 -1.81 -7.29 3.08
N LYS A 58 -2.55 -7.33 4.15
CA LYS A 58 -2.01 -7.89 5.42
C LYS A 58 -1.59 -9.34 5.21
N LYS A 59 -2.19 -10.03 4.27
CA LYS A 59 -1.82 -11.45 4.02
C LYS A 59 -0.55 -11.51 3.17
N LEU A 60 -0.05 -10.38 2.76
CA LEU A 60 1.20 -10.34 1.92
C LEU A 60 2.40 -10.00 2.83
N ASP A 61 3.25 -10.95 3.05
CA ASP A 61 4.43 -10.72 3.95
C ASP A 61 5.39 -9.66 3.35
N PHE A 62 5.60 -9.66 2.06
CA PHE A 62 6.54 -8.67 1.46
C PHE A 62 5.96 -7.25 1.51
N LEU A 63 5.01 -7.00 2.38
CA LEU A 63 4.40 -5.63 2.51
C LEU A 63 4.22 -5.30 4.01
N THR A 64 4.64 -4.14 4.42
CA THR A 64 4.50 -3.73 5.85
C THR A 64 3.19 -2.94 6.01
N VAL A 65 2.42 -3.23 7.03
CA VAL A 65 1.11 -2.52 7.25
C VAL A 65 1.12 -1.87 8.64
N GLN A 66 0.76 -0.61 8.71
CA GLN A 66 0.73 0.10 10.01
C GLN A 66 -0.34 1.18 9.94
N GLU A 67 -0.90 1.55 11.06
CA GLU A 67 -1.97 2.60 11.06
C GLU A 67 -1.92 3.36 12.38
N SER A 68 -2.37 4.59 12.39
CA SER A 68 -2.35 5.38 13.65
C SER A 68 -3.59 6.27 13.70
N ARG A 69 -4.27 6.28 14.82
CA ARG A 69 -5.49 7.13 14.95
C ARG A 69 -5.06 8.59 14.85
N ASN A 70 -4.91 9.13 13.66
CA ASN A 70 -4.50 10.56 13.50
C ASN A 70 -5.73 11.43 13.23
N GLY A 71 -5.74 12.61 13.78
CA GLY A 71 -6.91 13.52 13.55
C GLY A 71 -8.20 12.84 14.04
N SER A 72 -9.28 13.04 13.34
CA SER A 72 -10.59 12.41 13.71
C SER A 72 -10.85 11.19 12.83
N LYS A 73 -9.87 10.76 12.06
CA LYS A 73 -10.06 9.57 11.15
C LYS A 73 -8.81 8.68 11.19
N LEU A 74 -9.01 7.39 11.21
CA LEU A 74 -7.83 6.47 11.24
C LEU A 74 -7.08 6.60 9.92
N HIS A 75 -5.80 6.81 9.98
CA HIS A 75 -4.96 6.95 8.74
C HIS A 75 -4.10 5.70 8.59
N SER A 76 -4.47 4.84 7.68
CA SER A 76 -3.69 3.59 7.45
C SER A 76 -2.55 3.89 6.48
N GLU A 77 -1.45 3.18 6.60
CA GLU A 77 -0.29 3.41 5.68
C GLU A 77 0.39 2.07 5.39
N ILE A 78 0.97 1.93 4.23
CA ILE A 78 1.66 0.65 3.85
C ILE A 78 3.01 0.99 3.20
N ARG A 79 3.97 0.09 3.31
CA ARG A 79 5.32 0.33 2.69
C ARG A 79 5.82 -0.99 2.11
N LEU A 80 6.69 -0.94 1.15
CA LEU A 80 7.21 -2.20 0.54
C LEU A 80 8.34 -2.75 1.44
N ARG A 81 8.00 -3.65 2.34
CA ARG A 81 9.01 -4.27 3.26
C ARG A 81 10.08 -3.24 3.69
N HIS A 82 9.67 -2.13 4.22
CA HIS A 82 10.64 -1.08 4.66
C HIS A 82 11.07 -1.39 6.09
N ASP A 83 11.78 -2.48 6.30
CA ASP A 83 12.24 -2.85 7.67
C ASP A 83 13.53 -2.10 8.00
N GLY A 84 13.49 -1.22 8.95
CA GLY A 84 14.71 -0.44 9.32
C GLY A 84 14.97 0.65 8.29
N LEU A 85 15.49 1.76 8.72
CA LEU A 85 15.77 2.87 7.76
C LEU A 85 16.81 2.42 6.75
N GLU A 86 17.83 1.73 7.20
CA GLU A 86 18.90 1.25 6.27
C GLU A 86 19.81 0.29 7.02
N HIS A 87 20.66 0.81 7.87
CA HIS A 87 21.60 -0.07 8.63
C HIS A 87 20.84 -0.77 9.76
N HIS A 88 21.47 -1.69 10.43
CA HIS A 88 20.80 -2.42 11.55
C HIS A 88 21.86 -3.13 12.39
N HIS A 89 21.95 -2.82 13.65
CA HIS A 89 22.97 -3.46 14.54
C HIS A 89 24.35 -3.39 13.88
N HIS A 90 25.03 -2.29 14.02
CA HIS A 90 26.38 -2.14 13.39
C HIS A 90 27.39 -2.98 14.18
N HIS A 91 28.28 -3.65 13.51
CA HIS A 91 29.29 -4.49 14.22
C HIS A 91 30.31 -3.59 14.91
N HIS A 92 30.74 -3.96 16.08
CA HIS A 92 31.74 -3.13 16.81
C HIS A 92 33.01 -2.98 15.95
N MET A 1 -8.15 -9.77 -23.51
CA MET A 1 -8.16 -8.45 -22.81
C MET A 1 -9.14 -8.51 -21.63
N PRO A 2 -8.78 -9.18 -20.57
CA PRO A 2 -9.65 -9.30 -19.35
C PRO A 2 -9.97 -7.94 -18.72
N HIS A 3 -11.16 -7.79 -18.18
CA HIS A 3 -11.53 -6.49 -17.54
C HIS A 3 -10.65 -6.25 -16.31
N LYS A 4 -10.49 -7.26 -15.49
CA LYS A 4 -9.66 -7.10 -14.25
C LYS A 4 -8.18 -7.18 -14.60
N GLU A 5 -7.37 -6.32 -14.04
CA GLU A 5 -5.90 -6.33 -14.32
C GLU A 5 -5.19 -7.17 -13.25
N LYS A 6 -4.62 -8.28 -13.63
CA LYS A 6 -3.90 -9.15 -12.65
C LYS A 6 -2.42 -8.75 -12.65
N HIS A 7 -2.13 -7.50 -12.88
CA HIS A 7 -0.72 -7.03 -12.89
C HIS A 7 -0.04 -7.42 -11.56
N PRO A 8 1.27 -7.63 -11.54
CA PRO A 8 1.98 -8.01 -10.28
C PRO A 8 1.52 -7.17 -9.07
N LEU A 9 1.18 -7.81 -7.99
CA LEU A 9 0.73 -7.06 -6.78
C LEU A 9 1.89 -6.22 -6.25
N GLN A 10 3.08 -6.77 -6.22
CA GLN A 10 4.25 -6.02 -5.70
C GLN A 10 4.40 -4.71 -6.49
N ASP A 11 4.35 -4.79 -7.79
CA ASP A 11 4.49 -3.55 -8.61
C ASP A 11 3.26 -2.66 -8.39
N MET A 12 2.12 -3.26 -8.20
CA MET A 12 0.87 -2.45 -7.99
C MET A 12 1.00 -1.61 -6.71
N PHE A 13 1.32 -2.21 -5.61
CA PHE A 13 1.46 -1.44 -4.34
C PHE A 13 2.69 -0.53 -4.42
N THR A 14 3.78 -1.03 -4.94
CA THR A 14 5.02 -0.20 -5.03
C THR A 14 4.76 1.01 -5.91
N SER A 15 4.12 0.83 -7.03
CA SER A 15 3.85 1.98 -7.93
C SER A 15 2.98 3.03 -7.22
N ALA A 16 1.95 2.59 -6.55
CA ALA A 16 1.05 3.56 -5.85
C ALA A 16 1.73 4.12 -4.60
N ILE A 17 2.33 3.28 -3.80
CA ILE A 17 2.98 3.77 -2.55
C ILE A 17 4.12 4.73 -2.91
N GLU A 18 4.94 4.38 -3.87
CA GLU A 18 6.07 5.26 -4.24
C GLU A 18 5.54 6.52 -4.93
N ALA A 19 4.46 6.41 -5.65
CA ALA A 19 3.89 7.60 -6.34
C ALA A 19 3.42 8.64 -5.33
N VAL A 20 2.80 8.21 -4.25
CA VAL A 20 2.30 9.18 -3.20
C VAL A 20 3.28 9.23 -2.04
N ALA A 21 4.41 8.58 -2.15
CA ALA A 21 5.40 8.61 -1.03
C ALA A 21 5.96 10.04 -0.89
N ARG A 22 5.40 10.99 -1.59
CA ARG A 22 5.92 12.39 -1.48
C ARG A 22 5.75 12.89 -0.05
N ASP A 23 4.66 12.59 0.59
CA ASP A 23 4.46 13.05 1.99
C ASP A 23 5.33 12.22 2.94
N SER A 24 6.20 12.87 3.66
CA SER A 24 7.10 12.14 4.62
C SER A 24 7.74 10.94 3.93
N GLY A 25 7.13 9.78 4.02
CA GLY A 25 7.69 8.57 3.37
C GLY A 25 6.58 7.54 3.19
N TRP A 26 5.95 7.13 4.27
CA TRP A 26 4.86 6.13 4.18
C TRP A 26 3.78 6.62 3.20
N ALA A 27 2.71 5.87 3.05
CA ALA A 27 1.61 6.27 2.12
C ALA A 27 0.26 5.92 2.76
N GLU A 28 -0.67 6.84 2.70
CA GLU A 28 -2.02 6.58 3.30
C GLU A 28 -2.77 5.54 2.45
N LEU A 29 -3.38 4.57 3.10
CA LEU A 29 -4.11 3.51 2.36
C LEU A 29 -5.16 4.16 1.44
N SER A 30 -5.83 5.18 1.91
CA SER A 30 -6.84 5.85 1.05
C SER A 30 -6.15 6.39 -0.21
N ALA A 31 -5.01 7.00 -0.05
CA ALA A 31 -4.29 7.54 -1.23
C ALA A 31 -3.89 6.39 -2.17
N VAL A 32 -3.51 5.27 -1.63
CA VAL A 32 -3.11 4.12 -2.49
C VAL A 32 -4.30 3.70 -3.36
N GLY A 33 -5.46 3.53 -2.77
CA GLY A 33 -6.64 3.11 -3.57
C GLY A 33 -7.02 4.22 -4.56
N SER A 34 -7.05 5.44 -4.13
CA SER A 34 -7.41 6.56 -5.07
C SER A 34 -6.39 6.63 -6.20
N TYR A 35 -5.13 6.53 -5.89
CA TYR A 35 -4.09 6.61 -6.96
C TYR A 35 -4.34 5.51 -7.99
N LEU A 36 -4.65 4.32 -7.55
CA LEU A 36 -4.91 3.22 -8.52
C LEU A 36 -6.14 3.56 -9.35
N ALA A 37 -7.15 4.13 -8.74
CA ALA A 37 -8.37 4.49 -9.51
C ALA A 37 -7.99 5.49 -10.61
N LYS A 38 -7.21 6.48 -10.28
CA LYS A 38 -6.81 7.49 -11.30
C LYS A 38 -6.05 6.80 -12.43
N ASN A 39 -5.16 5.90 -12.10
CA ASN A 39 -4.38 5.19 -13.16
C ASN A 39 -5.24 4.03 -13.69
N ASP A 40 -6.36 3.79 -13.08
CA ASP A 40 -7.26 2.69 -13.53
C ASP A 40 -8.70 3.02 -13.13
N PRO A 41 -9.33 3.95 -13.84
CA PRO A 41 -10.74 4.36 -13.54
C PRO A 41 -11.67 3.15 -13.52
N SER A 42 -11.41 2.19 -14.35
CA SER A 42 -12.27 0.97 -14.39
C SER A 42 -12.12 0.20 -13.08
N PHE A 43 -11.15 0.56 -12.28
CA PHE A 43 -10.94 -0.16 -10.97
C PHE A 43 -11.79 0.52 -9.88
N ASP A 44 -12.25 -0.26 -8.94
CA ASP A 44 -13.09 0.27 -7.82
C ASP A 44 -12.51 -0.18 -6.47
N PRO A 45 -11.46 0.45 -6.01
CA PRO A 45 -10.84 0.06 -4.72
C PRO A 45 -11.65 0.62 -3.54
N ARG A 46 -12.34 1.70 -3.75
CA ARG A 46 -13.15 2.29 -2.65
C ARG A 46 -14.27 1.31 -2.27
N ASN A 47 -14.94 0.76 -3.25
CA ASN A 47 -16.05 -0.19 -2.95
C ASN A 47 -15.60 -1.24 -1.91
N TRP A 48 -14.34 -1.60 -1.91
CA TRP A 48 -13.81 -2.61 -0.92
C TRP A 48 -12.49 -2.13 -0.32
N GLY A 49 -12.27 -0.84 -0.32
CA GLY A 49 -10.99 -0.29 0.24
C GLY A 49 -11.12 -0.07 1.75
N HIS A 50 -12.30 -0.14 2.28
CA HIS A 50 -12.47 0.08 3.75
C HIS A 50 -11.79 -1.06 4.51
N GLY A 51 -11.93 -2.27 4.03
CA GLY A 51 -11.30 -3.45 4.70
C GLY A 51 -10.75 -4.39 3.63
N ARG A 52 -10.75 -5.68 3.88
CA ARG A 52 -10.22 -6.67 2.88
C ARG A 52 -8.84 -6.24 2.37
N LEU A 53 -8.79 -5.24 1.51
CA LEU A 53 -7.48 -4.74 0.96
C LEU A 53 -6.54 -4.47 2.12
N SER A 54 -7.04 -3.89 3.18
CA SER A 54 -6.18 -3.62 4.36
C SER A 54 -5.70 -4.95 4.95
N GLN A 55 -6.48 -5.99 4.81
CA GLN A 55 -6.08 -7.32 5.36
C GLN A 55 -5.20 -8.06 4.34
N MET A 56 -5.40 -7.80 3.07
CA MET A 56 -4.58 -8.49 2.04
C MET A 56 -3.12 -8.08 2.20
N VAL A 57 -2.85 -6.84 2.46
CA VAL A 57 -1.44 -6.39 2.63
C VAL A 57 -0.84 -7.13 3.82
N LYS A 58 -1.58 -7.29 4.89
CA LYS A 58 -1.05 -8.01 6.08
C LYS A 58 -0.86 -9.49 5.73
N LYS A 59 -1.69 -10.03 4.87
CA LYS A 59 -1.58 -11.48 4.51
C LYS A 59 -0.63 -11.66 3.32
N LEU A 60 -0.11 -10.59 2.78
CA LEU A 60 0.84 -10.70 1.62
C LEU A 60 2.27 -10.86 2.15
N ASP A 61 2.41 -10.98 3.44
CA ASP A 61 3.76 -11.16 4.06
C ASP A 61 4.73 -10.03 3.68
N PHE A 62 5.24 -10.02 2.49
CA PHE A 62 6.22 -8.96 2.09
C PHE A 62 5.57 -7.57 2.06
N LEU A 63 4.54 -7.34 2.83
CA LEU A 63 3.86 -6.00 2.89
C LEU A 63 3.82 -5.52 4.35
N THR A 64 4.32 -4.34 4.61
CA THR A 64 4.32 -3.79 5.99
C THR A 64 3.01 -3.06 6.23
N VAL A 65 2.45 -3.16 7.42
CA VAL A 65 1.15 -2.47 7.74
C VAL A 65 1.29 -1.71 9.05
N GLN A 66 0.88 -0.46 9.06
CA GLN A 66 0.98 0.37 10.30
C GLN A 66 -0.22 1.33 10.35
N GLU A 67 -0.59 1.77 11.52
CA GLU A 67 -1.76 2.70 11.67
C GLU A 67 -1.25 4.05 12.20
N SER A 68 -1.54 5.11 11.48
CA SER A 68 -1.10 6.48 11.91
C SER A 68 -2.32 7.27 12.35
N ARG A 69 -2.14 8.18 13.26
CA ARG A 69 -3.28 9.02 13.75
C ARG A 69 -3.50 10.20 12.80
N ASN A 70 -4.72 10.40 12.37
CA ASN A 70 -5.02 11.53 11.44
C ASN A 70 -6.47 11.99 11.66
N GLY A 71 -6.66 13.17 12.15
CA GLY A 71 -8.04 13.69 12.39
C GLY A 71 -8.77 12.77 13.37
N SER A 72 -10.06 12.59 13.16
CA SER A 72 -10.87 11.72 14.07
C SER A 72 -10.92 10.30 13.50
N LYS A 73 -10.25 10.04 12.40
CA LYS A 73 -10.27 8.67 11.78
C LYS A 73 -8.85 8.15 11.62
N LEU A 74 -8.63 6.91 11.96
CA LEU A 74 -7.26 6.32 11.84
C LEU A 74 -7.01 6.03 10.35
N HIS A 75 -5.87 6.43 9.85
CA HIS A 75 -5.54 6.18 8.41
C HIS A 75 -4.53 5.04 8.31
N SER A 76 -4.91 3.96 7.68
CA SER A 76 -3.98 2.81 7.55
C SER A 76 -2.83 3.20 6.62
N GLU A 77 -1.62 2.79 6.96
CA GLU A 77 -0.42 3.10 6.10
C GLU A 77 0.30 1.79 5.80
N ILE A 78 0.85 1.68 4.61
CA ILE A 78 1.58 0.43 4.21
C ILE A 78 2.89 0.79 3.51
N ARG A 79 3.83 -0.12 3.48
CA ARG A 79 5.13 0.15 2.81
C ARG A 79 5.67 -1.16 2.23
N LEU A 80 6.22 -1.10 1.05
CA LEU A 80 6.77 -2.34 0.43
C LEU A 80 7.87 -2.89 1.35
N ARG A 81 7.58 -3.96 2.03
CA ARG A 81 8.59 -4.55 2.96
C ARG A 81 9.79 -5.07 2.15
N HIS A 82 10.98 -4.89 2.67
CA HIS A 82 12.20 -5.37 1.95
C HIS A 82 12.33 -6.89 2.14
N ASP A 83 11.30 -7.52 2.65
CA ASP A 83 11.34 -8.99 2.87
C ASP A 83 12.56 -9.36 3.73
N GLY A 84 12.90 -8.52 4.66
CA GLY A 84 14.07 -8.81 5.54
C GLY A 84 13.70 -9.88 6.58
N LEU A 85 12.82 -10.79 6.23
CA LEU A 85 12.41 -11.86 7.20
C LEU A 85 13.37 -13.05 7.03
N GLU A 86 14.14 -13.35 8.05
CA GLU A 86 15.09 -14.49 7.96
C GLU A 86 15.96 -14.37 6.70
N HIS A 87 17.14 -13.82 6.83
CA HIS A 87 18.03 -13.67 5.64
C HIS A 87 18.58 -15.04 5.23
N HIS A 88 18.65 -15.30 3.95
CA HIS A 88 19.18 -16.62 3.49
C HIS A 88 20.69 -16.64 3.67
N HIS A 89 21.24 -17.76 4.06
CA HIS A 89 22.71 -17.85 4.26
C HIS A 89 23.42 -17.87 2.90
N HIS A 90 24.54 -17.21 2.79
CA HIS A 90 25.28 -17.18 1.49
C HIS A 90 25.95 -18.52 1.24
N HIS A 91 25.89 -19.00 0.02
CA HIS A 91 26.53 -20.32 -0.32
C HIS A 91 26.13 -21.38 0.72
N HIS A 92 24.92 -21.87 0.64
CA HIS A 92 24.46 -22.92 1.60
C HIS A 92 24.74 -22.46 3.04
N MET A 1 -1.59 -19.86 -4.11
CA MET A 1 -1.63 -18.38 -4.04
C MET A 1 -1.23 -17.80 -5.40
N PRO A 2 -2.10 -17.87 -6.37
CA PRO A 2 -1.82 -17.32 -7.74
C PRO A 2 -1.55 -15.81 -7.72
N HIS A 3 -0.68 -15.34 -8.60
CA HIS A 3 -0.35 -13.87 -8.66
C HIS A 3 -0.64 -13.37 -10.07
N LYS A 4 -1.09 -12.15 -10.20
CA LYS A 4 -1.40 -11.60 -11.55
C LYS A 4 -0.08 -11.33 -12.31
N GLU A 5 -0.04 -11.65 -13.57
CA GLU A 5 1.20 -11.42 -14.39
C GLU A 5 1.00 -10.17 -15.26
N LYS A 6 -0.22 -9.81 -15.53
CA LYS A 6 -0.49 -8.58 -16.36
C LYS A 6 -0.58 -7.36 -15.45
N HIS A 7 -0.54 -7.59 -14.16
CA HIS A 7 -0.62 -6.45 -13.20
C HIS A 7 -0.33 -6.98 -11.78
N PRO A 8 0.92 -7.23 -11.46
CA PRO A 8 1.31 -7.76 -10.11
C PRO A 8 0.85 -6.83 -8.97
N LEU A 9 0.45 -7.40 -7.87
CA LEU A 9 -0.01 -6.55 -6.73
C LEU A 9 1.16 -5.70 -6.22
N GLN A 10 2.32 -6.28 -6.15
CA GLN A 10 3.50 -5.50 -5.66
C GLN A 10 3.72 -4.30 -6.56
N ASP A 11 3.54 -4.46 -7.84
CA ASP A 11 3.74 -3.31 -8.77
C ASP A 11 2.73 -2.21 -8.42
N MET A 12 1.50 -2.57 -8.17
CA MET A 12 0.48 -1.55 -7.83
C MET A 12 0.85 -0.85 -6.52
N PHE A 13 1.20 -1.60 -5.50
CA PHE A 13 1.57 -0.98 -4.20
C PHE A 13 2.90 -0.23 -4.34
N THR A 14 3.87 -0.82 -4.98
CA THR A 14 5.19 -0.15 -5.14
C THR A 14 5.04 1.13 -5.96
N SER A 15 4.34 1.06 -7.07
CA SER A 15 4.17 2.26 -7.92
C SER A 15 3.33 3.31 -7.19
N ALA A 16 2.30 2.89 -6.49
CA ALA A 16 1.44 3.87 -5.77
C ALA A 16 2.17 4.42 -4.54
N ILE A 17 2.72 3.56 -3.73
CA ILE A 17 3.42 4.05 -2.51
C ILE A 17 4.60 4.94 -2.91
N GLU A 18 5.36 4.52 -3.87
CA GLU A 18 6.53 5.34 -4.32
C GLU A 18 6.05 6.65 -4.95
N ALA A 19 4.94 6.63 -5.62
CA ALA A 19 4.43 7.89 -6.27
C ALA A 19 4.04 8.92 -5.21
N VAL A 20 3.11 8.58 -4.34
CA VAL A 20 2.67 9.55 -3.28
C VAL A 20 3.39 9.22 -1.97
N ALA A 21 4.58 8.69 -2.03
CA ALA A 21 5.33 8.35 -0.78
C ALA A 21 5.31 9.55 0.18
N ARG A 22 5.33 10.74 -0.35
CA ARG A 22 5.29 11.96 0.50
C ARG A 22 6.39 11.89 1.58
N ASP A 23 6.11 11.30 2.70
CA ASP A 23 7.14 11.23 3.78
C ASP A 23 8.37 10.46 3.27
N SER A 24 8.38 9.17 3.42
CA SER A 24 9.55 8.36 2.96
C SER A 24 9.17 6.87 2.98
N GLY A 25 8.80 6.34 1.85
CA GLY A 25 8.43 4.89 1.79
C GLY A 25 7.01 4.71 2.33
N TRP A 26 6.57 5.60 3.18
CA TRP A 26 5.19 5.48 3.76
C TRP A 26 4.20 6.27 2.88
N ALA A 27 3.01 5.76 2.71
CA ALA A 27 1.98 6.45 1.88
C ALA A 27 0.60 6.23 2.50
N GLU A 28 -0.23 7.23 2.48
CA GLU A 28 -1.60 7.08 3.07
C GLU A 28 -2.42 6.08 2.24
N LEU A 29 -3.03 5.12 2.89
CA LEU A 29 -3.83 4.10 2.15
C LEU A 29 -4.89 4.81 1.31
N SER A 30 -5.49 5.84 1.82
CA SER A 30 -6.52 6.56 1.02
C SER A 30 -5.89 7.06 -0.29
N ALA A 31 -4.71 7.62 -0.21
CA ALA A 31 -4.05 8.12 -1.45
C ALA A 31 -3.75 6.93 -2.38
N VAL A 32 -3.37 5.81 -1.83
CA VAL A 32 -3.06 4.63 -2.70
C VAL A 32 -4.32 4.23 -3.48
N GLY A 33 -5.43 4.09 -2.82
CA GLY A 33 -6.67 3.68 -3.52
C GLY A 33 -7.03 4.71 -4.59
N SER A 34 -6.94 5.97 -4.28
CA SER A 34 -7.26 7.02 -5.29
C SER A 34 -6.19 7.04 -6.37
N TYR A 35 -4.95 6.90 -6.00
CA TYR A 35 -3.85 6.92 -7.01
C TYR A 35 -4.03 5.77 -8.00
N LEU A 36 -4.26 4.59 -7.50
CA LEU A 36 -4.43 3.42 -8.42
C LEU A 36 -5.68 3.64 -9.27
N ALA A 37 -6.74 4.14 -8.68
CA ALA A 37 -7.97 4.37 -9.48
C ALA A 37 -7.66 5.33 -10.63
N LYS A 38 -6.90 6.36 -10.36
CA LYS A 38 -6.54 7.34 -11.42
C LYS A 38 -5.68 6.64 -12.49
N ASN A 39 -4.73 5.83 -12.06
CA ASN A 39 -3.85 5.12 -13.03
C ASN A 39 -4.55 3.83 -13.50
N ASP A 40 -5.67 3.52 -12.93
CA ASP A 40 -6.41 2.28 -13.33
C ASP A 40 -7.90 2.48 -13.02
N PRO A 41 -8.59 3.27 -13.83
CA PRO A 41 -10.04 3.52 -13.63
C PRO A 41 -10.85 2.22 -13.56
N SER A 42 -10.43 1.24 -14.31
CA SER A 42 -11.15 -0.07 -14.30
C SER A 42 -11.00 -0.71 -12.92
N PHE A 43 -10.12 -0.19 -12.11
CA PHE A 43 -9.94 -0.78 -10.75
C PHE A 43 -11.22 -0.59 -9.95
N ASP A 44 -11.65 -1.62 -9.25
CA ASP A 44 -12.91 -1.55 -8.44
C ASP A 44 -12.59 -1.82 -6.95
N PRO A 45 -12.33 -0.81 -6.16
CA PRO A 45 -12.00 -1.02 -4.72
C PRO A 45 -13.26 -1.41 -3.92
N ARG A 46 -14.40 -1.33 -4.53
CA ARG A 46 -15.65 -1.71 -3.82
C ARG A 46 -15.62 -3.21 -3.54
N ASN A 47 -15.18 -3.99 -4.48
CA ASN A 47 -15.11 -5.46 -4.27
C ASN A 47 -13.99 -5.77 -3.27
N TRP A 48 -13.03 -4.89 -3.10
CA TRP A 48 -11.91 -5.15 -2.14
C TRP A 48 -12.27 -4.52 -0.79
N GLY A 49 -13.43 -3.97 -0.68
CA GLY A 49 -13.86 -3.35 0.61
C GLY A 49 -12.93 -2.19 0.98
N HIS A 50 -13.49 -1.12 1.47
CA HIS A 50 -12.65 0.04 1.86
C HIS A 50 -11.79 -0.30 3.09
N GLY A 51 -12.32 -1.07 4.00
CA GLY A 51 -11.54 -1.45 5.23
C GLY A 51 -10.88 -2.81 5.00
N ARG A 52 -11.53 -3.68 4.28
CA ARG A 52 -10.96 -5.03 4.05
C ARG A 52 -9.66 -4.89 3.25
N LEU A 53 -9.47 -3.77 2.62
CA LEU A 53 -8.23 -3.56 1.82
C LEU A 53 -7.03 -3.61 2.77
N SER A 54 -7.14 -2.99 3.93
CA SER A 54 -6.02 -3.01 4.90
C SER A 54 -5.79 -4.44 5.39
N GLN A 55 -6.82 -5.26 5.38
CA GLN A 55 -6.68 -6.67 5.84
C GLN A 55 -6.08 -7.51 4.71
N MET A 56 -6.41 -7.21 3.49
CA MET A 56 -5.86 -8.00 2.34
C MET A 56 -4.35 -7.88 2.31
N VAL A 57 -3.82 -6.70 2.46
CA VAL A 57 -2.35 -6.52 2.42
C VAL A 57 -1.71 -7.33 3.56
N LYS A 58 -2.40 -7.48 4.64
CA LYS A 58 -1.84 -8.25 5.79
C LYS A 58 -1.66 -9.72 5.39
N LYS A 59 -2.47 -10.22 4.50
CA LYS A 59 -2.35 -11.65 4.07
C LYS A 59 -1.35 -11.76 2.91
N LEU A 60 -0.89 -10.65 2.39
CA LEU A 60 0.10 -10.68 1.26
C LEU A 60 1.50 -10.41 1.81
N ASP A 61 2.45 -11.26 1.52
CA ASP A 61 3.83 -11.07 2.04
C ASP A 61 4.45 -9.81 1.43
N PHE A 62 5.73 -9.63 1.62
CA PHE A 62 6.46 -8.42 1.08
C PHE A 62 5.65 -7.14 1.29
N LEU A 63 4.66 -7.17 2.16
CA LEU A 63 3.82 -5.96 2.41
C LEU A 63 3.69 -5.75 3.92
N THR A 64 4.19 -4.66 4.43
CA THR A 64 4.09 -4.37 5.90
C THR A 64 2.83 -3.54 6.16
N VAL A 65 2.14 -3.81 7.24
CA VAL A 65 0.88 -3.05 7.57
C VAL A 65 1.08 -2.25 8.85
N GLN A 66 0.75 -0.99 8.80
CA GLN A 66 0.89 -0.10 10.00
C GLN A 66 -0.11 1.04 9.89
N GLU A 67 -0.68 1.46 10.99
CA GLU A 67 -1.68 2.58 10.97
C GLU A 67 -1.06 3.83 11.60
N SER A 68 -1.51 4.99 11.19
CA SER A 68 -0.99 6.28 11.74
C SER A 68 -2.16 7.12 12.24
N ARG A 69 -2.04 7.64 13.43
CA ARG A 69 -3.13 8.45 14.03
C ARG A 69 -3.08 9.85 13.40
N ASN A 70 -4.21 10.40 13.03
CA ASN A 70 -4.24 11.76 12.41
C ASN A 70 -5.56 12.46 12.78
N GLY A 71 -5.50 13.35 13.73
CA GLY A 71 -6.74 14.08 14.14
C GLY A 71 -7.77 13.09 14.68
N SER A 72 -9.02 13.31 14.37
CA SER A 72 -10.11 12.40 14.86
C SER A 72 -10.29 11.25 13.88
N LYS A 73 -9.57 11.25 12.77
CA LYS A 73 -9.71 10.16 11.75
C LYS A 73 -8.39 9.38 11.63
N LEU A 74 -8.44 8.09 11.86
CA LEU A 74 -7.22 7.24 11.76
C LEU A 74 -7.00 6.88 10.30
N HIS A 75 -5.79 7.08 9.78
CA HIS A 75 -5.50 6.76 8.34
C HIS A 75 -4.56 5.55 8.27
N SER A 76 -4.96 4.53 7.56
CA SER A 76 -4.12 3.31 7.43
C SER A 76 -2.91 3.63 6.54
N GLU A 77 -1.81 2.94 6.75
CA GLU A 77 -0.58 3.17 5.93
C GLU A 77 0.06 1.82 5.60
N ILE A 78 0.75 1.74 4.48
CA ILE A 78 1.42 0.47 4.06
C ILE A 78 2.82 0.78 3.53
N ARG A 79 3.69 -0.20 3.58
CA ARG A 79 5.08 0.00 3.08
C ARG A 79 5.67 -1.37 2.74
N LEU A 80 6.56 -1.43 1.81
CA LEU A 80 7.16 -2.73 1.42
C LEU A 80 8.07 -3.23 2.55
N ARG A 81 8.04 -4.49 2.83
CA ARG A 81 8.88 -5.05 3.93
C ARG A 81 10.36 -4.99 3.53
N HIS A 82 11.02 -3.90 3.85
CA HIS A 82 12.46 -3.76 3.51
C HIS A 82 13.09 -2.72 4.43
N ASP A 83 14.39 -2.75 4.59
CA ASP A 83 15.07 -1.76 5.49
C ASP A 83 14.40 -1.76 6.88
N GLY A 84 13.40 -0.96 7.06
CA GLY A 84 12.71 -0.91 8.39
C GLY A 84 13.53 -0.06 9.36
N LEU A 85 13.38 -0.28 10.64
CA LEU A 85 14.15 0.51 11.65
C LEU A 85 15.58 -0.04 11.75
N GLU A 86 16.56 0.81 11.76
CA GLU A 86 17.97 0.34 11.88
C GLU A 86 18.87 1.53 12.26
N HIS A 87 18.52 2.71 11.81
CA HIS A 87 19.32 3.92 12.14
C HIS A 87 18.97 4.41 13.55
N HIS A 88 17.92 3.87 14.12
CA HIS A 88 17.50 4.29 15.48
C HIS A 88 18.63 4.03 16.47
N HIS A 89 19.32 2.92 16.32
CA HIS A 89 20.44 2.61 17.25
C HIS A 89 21.44 3.77 17.29
N HIS A 90 21.57 4.48 16.20
CA HIS A 90 22.53 5.62 16.17
C HIS A 90 22.15 6.63 17.26
N HIS A 91 20.89 6.92 17.42
CA HIS A 91 20.46 7.88 18.46
C HIS A 91 20.75 7.31 19.85
N HIS A 92 20.48 6.06 20.06
CA HIS A 92 20.73 5.44 21.39
C HIS A 92 20.67 3.92 21.27
N MET A 1 -1.20 3.23 -20.92
CA MET A 1 -0.78 1.93 -21.52
C MET A 1 0.76 1.81 -21.46
N PRO A 2 1.48 2.87 -21.76
CA PRO A 2 2.98 2.84 -21.72
C PRO A 2 3.52 2.57 -20.31
N HIS A 3 4.63 1.88 -20.21
CA HIS A 3 5.23 1.58 -18.88
C HIS A 3 4.18 0.95 -17.96
N LYS A 4 3.46 -0.03 -18.44
CA LYS A 4 2.41 -0.69 -17.58
C LYS A 4 2.18 -2.13 -18.09
N GLU A 5 3.23 -2.82 -18.43
CA GLU A 5 3.08 -4.22 -18.94
C GLU A 5 2.60 -5.12 -17.79
N LYS A 6 1.70 -6.03 -18.06
CA LYS A 6 1.18 -6.94 -16.99
C LYS A 6 0.75 -6.10 -15.78
N HIS A 7 0.52 -6.74 -14.66
CA HIS A 7 0.09 -6.00 -13.43
C HIS A 7 0.55 -6.78 -12.19
N PRO A 8 1.83 -6.80 -11.92
CA PRO A 8 2.38 -7.54 -10.74
C PRO A 8 1.81 -6.99 -9.41
N LEU A 9 1.56 -7.84 -8.46
CA LEU A 9 1.02 -7.36 -7.15
C LEU A 9 2.06 -6.47 -6.46
N GLN A 10 3.31 -6.87 -6.49
CA GLN A 10 4.37 -6.05 -5.84
C GLN A 10 4.50 -4.71 -6.57
N ASP A 11 4.53 -4.74 -7.88
CA ASP A 11 4.65 -3.48 -8.66
C ASP A 11 3.38 -2.64 -8.45
N MET A 12 2.26 -3.28 -8.24
CA MET A 12 0.99 -2.52 -8.05
C MET A 12 1.11 -1.61 -6.83
N PHE A 13 1.20 -2.18 -5.66
CA PHE A 13 1.30 -1.36 -4.43
C PHE A 13 2.59 -0.53 -4.44
N THR A 14 3.68 -1.12 -4.85
CA THR A 14 4.97 -0.37 -4.86
C THR A 14 4.85 0.85 -5.77
N SER A 15 4.31 0.68 -6.95
CA SER A 15 4.18 1.84 -7.88
C SER A 15 3.29 2.92 -7.25
N ALA A 16 2.19 2.55 -6.68
CA ALA A 16 1.28 3.57 -6.08
C ALA A 16 1.91 4.16 -4.82
N ILE A 17 2.50 3.35 -3.98
CA ILE A 17 3.11 3.87 -2.73
C ILE A 17 4.26 4.82 -3.08
N GLU A 18 5.10 4.43 -4.00
CA GLU A 18 6.26 5.31 -4.37
C GLU A 18 5.75 6.56 -5.07
N ALA A 19 4.70 6.46 -5.85
CA ALA A 19 4.17 7.65 -6.56
C ALA A 19 3.65 8.68 -5.55
N VAL A 20 3.02 8.23 -4.49
CA VAL A 20 2.47 9.18 -3.46
C VAL A 20 3.45 9.30 -2.29
N ALA A 21 4.58 8.65 -2.38
CA ALA A 21 5.58 8.72 -1.27
C ALA A 21 6.18 10.13 -1.22
N ARG A 22 5.59 11.09 -1.89
CA ARG A 22 6.13 12.49 -1.89
C ARG A 22 6.50 12.93 -0.48
N ASP A 23 7.26 13.98 -0.38
CA ASP A 23 7.70 14.48 0.97
C ASP A 23 6.49 14.59 1.90
N SER A 24 6.28 13.59 2.71
CA SER A 24 5.14 13.63 3.67
C SER A 24 5.34 12.54 4.74
N GLY A 25 5.21 11.29 4.36
CA GLY A 25 5.41 10.18 5.34
C GLY A 25 4.73 8.91 4.82
N TRP A 26 5.48 7.86 4.64
CA TRP A 26 4.89 6.57 4.16
C TRP A 26 3.92 6.83 2.97
N ALA A 27 2.68 6.44 3.11
CA ALA A 27 1.70 6.68 2.00
C ALA A 27 0.29 6.42 2.54
N GLU A 28 -0.55 7.42 2.56
CA GLU A 28 -1.93 7.22 3.08
C GLU A 28 -2.66 6.21 2.21
N LEU A 29 -3.29 5.24 2.83
CA LEU A 29 -4.02 4.18 2.05
C LEU A 29 -5.01 4.85 1.10
N SER A 30 -5.65 5.90 1.53
CA SER A 30 -6.62 6.59 0.64
C SER A 30 -5.90 7.04 -0.64
N ALA A 31 -4.72 7.58 -0.50
CA ALA A 31 -3.96 8.03 -1.70
C ALA A 31 -3.62 6.83 -2.58
N VAL A 32 -3.30 5.71 -1.97
CA VAL A 32 -2.95 4.51 -2.79
C VAL A 32 -4.17 4.08 -3.61
N GLY A 33 -5.31 3.97 -2.98
CA GLY A 33 -6.53 3.55 -3.74
C GLY A 33 -6.86 4.60 -4.81
N SER A 34 -6.90 5.85 -4.44
CA SER A 34 -7.22 6.91 -5.43
C SER A 34 -6.17 6.92 -6.54
N TYR A 35 -4.92 6.81 -6.19
CA TYR A 35 -3.84 6.83 -7.23
C TYR A 35 -4.04 5.65 -8.18
N LEU A 36 -4.29 4.49 -7.66
CA LEU A 36 -4.48 3.29 -8.53
C LEU A 36 -5.68 3.52 -9.44
N ALA A 37 -6.74 4.08 -8.93
CA ALA A 37 -7.94 4.33 -9.79
C ALA A 37 -7.53 5.19 -10.99
N LYS A 38 -6.76 6.22 -10.76
CA LYS A 38 -6.31 7.09 -11.88
C LYS A 38 -5.40 6.29 -12.82
N ASN A 39 -4.47 5.56 -12.29
CA ASN A 39 -3.53 4.77 -13.15
C ASN A 39 -4.31 3.70 -13.91
N ASP A 40 -5.26 3.06 -13.27
CA ASP A 40 -6.06 1.99 -13.95
C ASP A 40 -7.27 2.65 -14.64
N PRO A 41 -7.88 1.99 -15.61
CA PRO A 41 -9.06 2.55 -16.33
C PRO A 41 -10.25 2.76 -15.36
N SER A 42 -10.45 1.87 -14.43
CA SER A 42 -11.57 2.02 -13.46
C SER A 42 -11.43 0.98 -12.33
N PHE A 43 -10.53 1.20 -11.40
CA PHE A 43 -10.34 0.22 -10.29
C PHE A 43 -11.64 0.06 -9.52
N ASP A 44 -11.70 -0.91 -8.65
CA ASP A 44 -12.93 -1.18 -7.83
C ASP A 44 -12.54 -1.23 -6.34
N PRO A 45 -12.28 -0.10 -5.73
CA PRO A 45 -11.88 -0.06 -4.29
C PRO A 45 -13.07 -0.38 -3.37
N ARG A 46 -14.27 -0.14 -3.83
CA ARG A 46 -15.46 -0.46 -3.00
C ARG A 46 -15.52 -1.98 -2.82
N ASN A 47 -15.20 -2.71 -3.85
CA ASN A 47 -15.23 -4.20 -3.76
C ASN A 47 -14.25 -4.65 -2.69
N TRP A 48 -13.12 -4.01 -2.59
CA TRP A 48 -12.11 -4.41 -1.56
C TRP A 48 -12.42 -3.70 -0.24
N GLY A 49 -13.52 -2.98 -0.19
CA GLY A 49 -13.87 -2.25 1.05
C GLY A 49 -12.82 -1.18 1.33
N HIS A 50 -13.23 0.05 1.48
CA HIS A 50 -12.26 1.14 1.74
C HIS A 50 -11.55 0.88 3.08
N GLY A 51 -12.07 -0.04 3.87
CA GLY A 51 -11.45 -0.36 5.20
C GLY A 51 -10.88 -1.79 5.17
N ARG A 52 -11.62 -2.70 4.61
CA ARG A 52 -11.16 -4.11 4.57
C ARG A 52 -9.94 -4.20 3.65
N LEU A 53 -9.66 -3.15 2.91
CA LEU A 53 -8.48 -3.15 2.00
C LEU A 53 -7.23 -3.29 2.85
N SER A 54 -7.17 -2.61 3.96
CA SER A 54 -5.97 -2.71 4.84
C SER A 54 -5.84 -4.15 5.35
N GLN A 55 -6.95 -4.78 5.66
CA GLN A 55 -6.90 -6.19 6.15
C GLN A 55 -6.56 -7.12 4.98
N MET A 56 -6.96 -6.76 3.78
CA MET A 56 -6.67 -7.66 2.62
C MET A 56 -5.15 -7.74 2.39
N VAL A 57 -4.48 -6.61 2.40
CA VAL A 57 -3.00 -6.61 2.18
C VAL A 57 -2.31 -7.16 3.44
N LYS A 58 -2.99 -7.16 4.54
CA LYS A 58 -2.38 -7.66 5.81
C LYS A 58 -2.02 -9.14 5.65
N LYS A 59 -2.73 -9.85 4.83
CA LYS A 59 -2.42 -11.30 4.64
C LYS A 59 -1.15 -11.43 3.80
N LEU A 60 -0.58 -10.33 3.37
CA LEU A 60 0.68 -10.38 2.54
C LEU A 60 1.88 -10.07 3.44
N ASP A 61 2.80 -10.99 3.55
CA ASP A 61 4.00 -10.77 4.42
C ASP A 61 4.98 -9.79 3.79
N PHE A 62 5.15 -9.81 2.49
CA PHE A 62 6.14 -8.90 1.84
C PHE A 62 5.62 -7.45 1.85
N LEU A 63 4.66 -7.14 2.69
CA LEU A 63 4.12 -5.74 2.79
C LEU A 63 3.95 -5.35 4.26
N THR A 64 4.47 -4.21 4.64
CA THR A 64 4.35 -3.75 6.06
C THR A 64 3.05 -2.96 6.21
N VAL A 65 2.28 -3.25 7.25
CA VAL A 65 0.98 -2.53 7.48
C VAL A 65 0.96 -1.93 8.88
N GLN A 66 0.58 -0.69 8.99
CA GLN A 66 0.51 -0.02 10.33
C GLN A 66 -0.53 1.11 10.26
N GLU A 67 -1.11 1.47 11.39
CA GLU A 67 -2.14 2.55 11.42
C GLU A 67 -1.50 3.82 11.99
N SER A 68 -1.45 4.87 11.22
CA SER A 68 -0.86 6.14 11.72
C SER A 68 -1.94 6.95 12.41
N ARG A 69 -1.59 7.77 13.36
CA ARG A 69 -2.60 8.58 14.08
C ARG A 69 -2.99 9.80 13.23
N ASN A 70 -4.26 10.07 13.11
CA ASN A 70 -4.71 11.24 12.29
C ASN A 70 -6.02 11.78 12.86
N GLY A 71 -5.94 12.75 13.72
CA GLY A 71 -7.19 13.33 14.31
C GLY A 71 -7.98 12.22 15.00
N SER A 72 -9.29 12.26 14.88
CA SER A 72 -10.15 11.22 15.52
C SER A 72 -10.31 10.02 14.57
N LYS A 73 -9.85 10.15 13.35
CA LYS A 73 -9.97 9.02 12.35
C LYS A 73 -8.61 8.35 12.14
N LEU A 74 -8.56 7.06 12.28
CA LEU A 74 -7.27 6.33 12.08
C LEU A 74 -6.99 6.25 10.58
N HIS A 75 -5.77 6.56 10.18
CA HIS A 75 -5.39 6.51 8.73
C HIS A 75 -4.50 5.29 8.50
N SER A 76 -4.93 4.40 7.64
CA SER A 76 -4.12 3.19 7.35
C SER A 76 -2.93 3.57 6.47
N GLU A 77 -1.81 2.91 6.65
CA GLU A 77 -0.59 3.21 5.82
C GLU A 77 0.12 1.91 5.50
N ILE A 78 0.78 1.86 4.37
CA ILE A 78 1.53 0.63 3.97
C ILE A 78 2.86 1.02 3.34
N ARG A 79 3.81 0.14 3.34
CA ARG A 79 5.15 0.44 2.74
C ARG A 79 5.73 -0.87 2.20
N LEU A 80 6.49 -0.79 1.14
CA LEU A 80 7.07 -2.04 0.55
C LEU A 80 8.30 -2.46 1.37
N ARG A 81 8.19 -3.55 2.08
CA ARG A 81 9.34 -4.04 2.92
C ARG A 81 10.59 -4.19 2.05
N HIS A 82 10.83 -5.37 1.52
CA HIS A 82 12.05 -5.59 0.67
C HIS A 82 13.28 -5.02 1.38
N ASP A 83 13.43 -5.31 2.65
CA ASP A 83 14.59 -4.78 3.41
C ASP A 83 15.90 -5.33 2.82
N GLY A 84 16.71 -5.98 3.61
CA GLY A 84 18.00 -6.53 3.08
C GLY A 84 19.02 -5.40 2.97
N LEU A 85 18.72 -4.25 3.53
CA LEU A 85 19.67 -3.10 3.46
C LEU A 85 20.63 -3.17 4.66
N GLU A 86 20.43 -4.14 5.52
CA GLU A 86 21.31 -4.30 6.72
C GLU A 86 21.24 -3.04 7.60
N HIS A 87 21.34 -3.22 8.90
CA HIS A 87 21.28 -2.06 9.83
C HIS A 87 22.61 -1.29 9.76
N HIS A 88 22.55 0.01 9.66
CA HIS A 88 23.80 0.85 9.59
C HIS A 88 23.53 2.22 10.20
N HIS A 89 24.52 2.83 10.79
CA HIS A 89 24.32 4.17 11.40
C HIS A 89 24.07 5.21 10.30
N HIS A 90 23.10 6.06 10.49
CA HIS A 90 22.79 7.10 9.47
C HIS A 90 23.82 8.24 9.56
N HIS A 91 24.65 8.21 10.56
CA HIS A 91 25.68 9.29 10.72
C HIS A 91 26.76 9.15 9.65
N HIS A 92 27.22 10.24 9.12
CA HIS A 92 28.28 10.18 8.06
C HIS A 92 29.57 9.64 8.67
N MET A 1 -2.20 -0.79 -20.64
CA MET A 1 -1.69 -1.70 -19.57
C MET A 1 -2.02 -1.11 -18.20
N PRO A 2 -3.26 -0.76 -17.96
CA PRO A 2 -3.68 -0.16 -16.65
C PRO A 2 -3.45 -1.13 -15.48
N HIS A 3 -3.10 -0.61 -14.33
CA HIS A 3 -2.85 -1.47 -13.14
C HIS A 3 -4.17 -2.04 -12.63
N LYS A 4 -4.22 -3.32 -12.38
CA LYS A 4 -5.48 -3.95 -11.87
C LYS A 4 -5.17 -5.36 -11.36
N GLU A 5 -4.53 -6.16 -12.17
CA GLU A 5 -4.20 -7.56 -11.74
C GLU A 5 -2.97 -8.03 -12.51
N LYS A 6 -2.52 -7.25 -13.47
CA LYS A 6 -1.33 -7.66 -14.27
C LYS A 6 -0.07 -7.49 -13.42
N HIS A 7 0.96 -8.26 -13.70
CA HIS A 7 2.24 -8.16 -12.93
C HIS A 7 1.99 -8.57 -11.46
N PRO A 8 2.98 -9.14 -10.78
CA PRO A 8 2.79 -9.56 -9.35
C PRO A 8 2.10 -8.46 -8.52
N LEU A 9 1.51 -8.84 -7.42
CA LEU A 9 0.82 -7.86 -6.55
C LEU A 9 1.86 -6.84 -6.03
N GLN A 10 3.03 -7.31 -5.68
CA GLN A 10 4.08 -6.38 -5.16
C GLN A 10 4.30 -5.25 -6.17
N ASP A 11 4.33 -5.58 -7.44
CA ASP A 11 4.54 -4.54 -8.47
C ASP A 11 3.37 -3.55 -8.43
N MET A 12 2.16 -4.04 -8.31
CA MET A 12 0.99 -3.13 -8.28
C MET A 12 1.08 -2.20 -7.06
N PHE A 13 1.26 -2.74 -5.89
CA PHE A 13 1.36 -1.87 -4.67
C PHE A 13 2.66 -1.06 -4.70
N THR A 14 3.74 -1.67 -5.09
CA THR A 14 5.04 -0.93 -5.13
C THR A 14 4.96 0.22 -6.13
N SER A 15 4.42 -0.01 -7.29
CA SER A 15 4.30 1.08 -8.30
C SER A 15 3.44 2.21 -7.75
N ALA A 16 2.36 1.89 -7.09
CA ALA A 16 1.47 2.96 -6.54
C ALA A 16 2.22 3.77 -5.47
N ILE A 17 2.93 3.10 -4.59
CA ILE A 17 3.65 3.85 -3.52
C ILE A 17 4.67 4.79 -4.16
N GLU A 18 5.42 4.33 -5.10
CA GLU A 18 6.45 5.21 -5.74
C GLU A 18 5.74 6.32 -6.53
N ALA A 19 4.61 6.03 -7.12
CA ALA A 19 3.90 7.06 -7.90
C ALA A 19 3.51 8.24 -7.00
N VAL A 20 3.31 7.99 -5.73
CA VAL A 20 2.93 9.10 -4.77
C VAL A 20 3.74 8.96 -3.47
N ALA A 21 4.91 8.38 -3.52
CA ALA A 21 5.73 8.23 -2.28
C ALA A 21 6.08 9.62 -1.74
N ARG A 22 6.06 10.61 -2.60
CA ARG A 22 6.37 12.00 -2.14
C ARG A 22 7.75 12.04 -1.46
N ASP A 23 8.07 13.13 -0.82
CA ASP A 23 9.41 13.26 -0.16
C ASP A 23 9.59 12.16 0.89
N SER A 24 8.63 11.96 1.74
CA SER A 24 8.75 10.90 2.78
C SER A 24 8.65 9.52 2.13
N GLY A 25 9.28 8.53 2.70
CA GLY A 25 9.22 7.16 2.11
C GLY A 25 7.86 6.53 2.42
N TRP A 26 7.01 7.25 3.12
CA TRP A 26 5.65 6.73 3.46
C TRP A 26 4.61 7.33 2.52
N ALA A 27 3.58 6.58 2.21
CA ALA A 27 2.50 7.08 1.29
C ALA A 27 1.14 6.87 1.95
N GLU A 28 0.36 7.91 2.05
CA GLU A 28 -0.98 7.77 2.71
C GLU A 28 -1.85 6.81 1.88
N LEU A 29 -2.59 5.96 2.55
CA LEU A 29 -3.44 4.97 1.83
C LEU A 29 -4.37 5.71 0.85
N SER A 30 -4.86 6.86 1.23
CA SER A 30 -5.77 7.62 0.30
C SER A 30 -5.05 7.86 -1.03
N ALA A 31 -3.81 8.26 -1.00
CA ALA A 31 -3.09 8.51 -2.27
C ALA A 31 -2.91 7.18 -3.03
N VAL A 32 -2.63 6.11 -2.33
CA VAL A 32 -2.44 4.80 -3.03
C VAL A 32 -3.75 4.40 -3.72
N GLY A 33 -4.83 4.44 -3.02
CA GLY A 33 -6.14 4.05 -3.62
C GLY A 33 -6.49 5.00 -4.77
N SER A 34 -6.30 6.27 -4.58
CA SER A 34 -6.63 7.25 -5.66
C SER A 34 -5.77 6.92 -6.89
N TYR A 35 -4.52 6.66 -6.71
CA TYR A 35 -3.64 6.36 -7.87
C TYR A 35 -4.16 5.09 -8.56
N LEU A 36 -4.45 4.07 -7.81
CA LEU A 36 -4.95 2.82 -8.41
C LEU A 36 -6.31 3.09 -9.08
N ALA A 37 -7.14 3.88 -8.45
CA ALA A 37 -8.47 4.18 -9.04
C ALA A 37 -8.29 4.77 -10.45
N LYS A 38 -7.39 5.69 -10.61
CA LYS A 38 -7.19 6.30 -11.95
C LYS A 38 -6.77 5.21 -12.95
N ASN A 39 -5.82 4.40 -12.58
CA ASN A 39 -5.38 3.31 -13.49
C ASN A 39 -6.50 2.29 -13.68
N ASP A 40 -7.21 1.98 -12.62
CA ASP A 40 -8.32 0.98 -12.72
C ASP A 40 -9.57 1.68 -13.33
N PRO A 41 -10.42 0.94 -14.02
CA PRO A 41 -11.65 1.54 -14.63
C PRO A 41 -12.59 2.12 -13.55
N SER A 42 -12.66 1.48 -12.42
CA SER A 42 -13.54 1.99 -11.32
C SER A 42 -13.28 1.20 -10.04
N PHE A 43 -12.23 1.52 -9.33
CA PHE A 43 -11.92 0.80 -8.05
C PHE A 43 -12.68 1.50 -6.91
N ASP A 44 -12.17 2.63 -6.47
CA ASP A 44 -12.82 3.38 -5.36
C ASP A 44 -12.80 2.54 -4.07
N PRO A 45 -11.79 2.66 -3.24
CA PRO A 45 -11.72 1.87 -1.98
C PRO A 45 -12.88 2.22 -1.03
N ARG A 46 -13.53 3.33 -1.26
CA ARG A 46 -14.67 3.73 -0.38
C ARG A 46 -15.71 2.62 -0.37
N ASN A 47 -16.05 2.13 -1.53
CA ASN A 47 -17.06 1.05 -1.59
C ASN A 47 -16.51 -0.18 -0.85
N TRP A 48 -15.22 -0.38 -0.91
CA TRP A 48 -14.62 -1.57 -0.23
C TRP A 48 -14.56 -1.32 1.29
N GLY A 49 -15.43 -0.49 1.81
CA GLY A 49 -15.44 -0.23 3.27
C GLY A 49 -14.19 0.56 3.67
N HIS A 50 -14.31 1.86 3.76
CA HIS A 50 -13.14 2.72 4.16
C HIS A 50 -11.91 2.35 3.31
N GLY A 51 -11.11 1.43 3.79
CA GLY A 51 -9.89 1.03 3.03
C GLY A 51 -9.46 -0.37 3.47
N ARG A 52 -10.29 -1.35 3.25
CA ARG A 52 -9.97 -2.73 3.67
C ARG A 52 -8.66 -3.16 2.99
N LEU A 53 -8.15 -2.34 2.11
CA LEU A 53 -6.89 -2.67 1.41
C LEU A 53 -5.77 -2.79 2.44
N SER A 54 -5.77 -1.92 3.43
CA SER A 54 -4.72 -1.95 4.46
C SER A 54 -4.67 -3.34 5.11
N GLN A 55 -5.80 -3.99 5.24
CA GLN A 55 -5.84 -5.34 5.87
C GLN A 55 -5.53 -6.40 4.80
N MET A 56 -5.93 -6.17 3.58
CA MET A 56 -5.66 -7.16 2.50
C MET A 56 -4.16 -7.25 2.24
N VAL A 57 -3.48 -6.13 2.18
CA VAL A 57 -2.01 -6.16 1.91
C VAL A 57 -1.28 -6.77 3.10
N LYS A 58 -1.89 -6.77 4.25
CA LYS A 58 -1.25 -7.35 5.45
C LYS A 58 -1.01 -8.84 5.23
N LYS A 59 -1.76 -9.44 4.34
CA LYS A 59 -1.60 -10.90 4.06
C LYS A 59 -0.49 -11.12 3.02
N LEU A 60 0.21 -10.08 2.65
CA LEU A 60 1.32 -10.22 1.64
C LEU A 60 2.64 -10.44 2.36
N ASP A 61 2.66 -10.23 3.66
CA ASP A 61 3.91 -10.44 4.47
C ASP A 61 5.05 -9.52 4.02
N PHE A 62 5.50 -9.63 2.79
CA PHE A 62 6.64 -8.77 2.34
C PHE A 62 6.27 -7.27 2.31
N LEU A 63 5.25 -6.88 3.04
CA LEU A 63 4.84 -5.43 3.09
C LEU A 63 4.55 -5.03 4.54
N THR A 64 5.07 -3.90 4.96
CA THR A 64 4.84 -3.42 6.35
C THR A 64 3.56 -2.59 6.39
N VAL A 65 2.74 -2.77 7.40
CA VAL A 65 1.46 -1.99 7.53
C VAL A 65 1.45 -1.25 8.86
N GLN A 66 1.11 0.02 8.85
CA GLN A 66 1.06 0.82 10.11
C GLN A 66 -0.27 1.57 10.15
N GLU A 67 -0.95 1.52 11.27
CA GLU A 67 -2.28 2.21 11.41
C GLU A 67 -2.19 3.23 12.55
N SER A 68 -2.49 4.48 12.27
CA SER A 68 -2.45 5.56 13.32
C SER A 68 -3.88 6.01 13.62
N ARG A 69 -4.24 6.14 14.87
CA ARG A 69 -5.65 6.57 15.20
C ARG A 69 -5.81 8.05 14.84
N ASN A 70 -6.86 8.41 14.15
CA ASN A 70 -7.08 9.84 13.76
C ASN A 70 -8.59 10.11 13.70
N GLY A 71 -9.16 10.55 14.78
CA GLY A 71 -10.62 10.83 14.78
C GLY A 71 -11.40 9.52 14.67
N SER A 72 -12.42 9.48 13.85
CA SER A 72 -13.24 8.24 13.70
C SER A 72 -12.63 7.31 12.65
N LYS A 73 -11.57 7.74 12.00
CA LYS A 73 -10.91 6.89 10.95
C LYS A 73 -9.40 6.88 11.20
N LEU A 74 -8.78 5.74 11.11
CA LEU A 74 -7.31 5.65 11.33
C LEU A 74 -6.60 5.89 9.99
N HIS A 75 -5.35 6.29 10.01
CA HIS A 75 -4.60 6.55 8.74
C HIS A 75 -3.75 5.32 8.41
N SER A 76 -4.17 4.54 7.46
CA SER A 76 -3.40 3.32 7.08
C SER A 76 -2.19 3.74 6.24
N GLU A 77 -1.12 2.99 6.30
CA GLU A 77 0.09 3.32 5.48
C GLU A 77 0.79 2.01 5.11
N ILE A 78 1.25 1.90 3.87
CA ILE A 78 1.97 0.65 3.43
C ILE A 78 3.39 1.00 3.01
N ARG A 79 4.32 0.11 3.25
CA ARG A 79 5.74 0.36 2.87
C ARG A 79 6.46 -0.98 2.77
N LEU A 80 7.34 -1.13 1.83
CA LEU A 80 8.07 -2.42 1.69
C LEU A 80 9.04 -2.58 2.87
N ARG A 81 9.09 -3.75 3.43
CA ARG A 81 9.99 -4.00 4.59
C ARG A 81 11.45 -3.93 4.16
N HIS A 82 11.70 -3.53 2.94
CA HIS A 82 13.10 -3.46 2.45
C HIS A 82 13.93 -2.55 3.35
N ASP A 83 13.35 -1.46 3.80
CA ASP A 83 14.11 -0.53 4.69
C ASP A 83 14.03 -1.02 6.14
N GLY A 84 13.52 -2.20 6.36
CA GLY A 84 13.41 -2.73 7.74
C GLY A 84 14.80 -2.75 8.40
N LEU A 85 14.84 -2.92 9.70
CA LEU A 85 16.16 -2.94 10.40
C LEU A 85 16.98 -4.14 9.93
N GLU A 86 18.13 -4.35 10.52
CA GLU A 86 19.01 -5.50 10.11
C GLU A 86 19.25 -5.45 8.61
N HIS A 87 19.30 -4.27 8.04
CA HIS A 87 19.55 -4.14 6.57
C HIS A 87 20.06 -2.73 6.27
N HIS A 88 20.95 -2.24 7.09
CA HIS A 88 21.51 -0.86 6.87
C HIS A 88 22.94 -0.80 7.42
N HIS A 89 23.50 -1.93 7.78
CA HIS A 89 24.89 -1.94 8.31
C HIS A 89 25.86 -1.49 7.23
N HIS A 90 25.64 -1.93 6.02
CA HIS A 90 26.55 -1.54 4.90
C HIS A 90 26.43 -0.04 4.61
N HIS A 91 27.47 0.55 4.08
CA HIS A 91 27.43 2.00 3.75
C HIS A 91 27.02 2.81 4.98
N HIS A 92 27.95 3.17 5.83
CA HIS A 92 27.62 3.96 7.04
C HIS A 92 26.44 3.30 7.79
N MET A 1 -1.66 -15.17 -12.21
CA MET A 1 -0.87 -14.13 -12.94
C MET A 1 -1.75 -12.87 -13.08
N PRO A 2 -1.15 -11.70 -13.19
CA PRO A 2 -1.95 -10.44 -13.33
C PRO A 2 -3.11 -10.59 -14.33
N HIS A 3 -4.28 -10.11 -13.99
CA HIS A 3 -5.44 -10.23 -14.92
C HIS A 3 -5.34 -9.16 -16.02
N LYS A 4 -5.95 -8.03 -15.81
CA LYS A 4 -5.90 -6.93 -16.84
C LYS A 4 -4.67 -6.06 -16.57
N GLU A 5 -4.73 -4.81 -16.95
CA GLU A 5 -3.57 -3.90 -16.73
C GLU A 5 -3.44 -3.58 -15.24
N LYS A 6 -3.70 -4.54 -14.39
CA LYS A 6 -3.62 -4.29 -12.92
C LYS A 6 -2.13 -4.32 -12.50
N HIS A 7 -1.30 -4.93 -13.31
CA HIS A 7 0.17 -5.01 -13.00
C HIS A 7 0.37 -5.83 -11.71
N PRO A 8 1.50 -6.51 -11.55
CA PRO A 8 1.76 -7.32 -10.32
C PRO A 8 1.37 -6.57 -9.03
N LEU A 9 1.03 -7.29 -8.00
CA LEU A 9 0.63 -6.63 -6.73
C LEU A 9 1.82 -5.84 -6.18
N GLN A 10 3.00 -6.38 -6.26
CA GLN A 10 4.20 -5.66 -5.75
C GLN A 10 4.36 -4.35 -6.53
N ASP A 11 4.33 -4.41 -7.82
CA ASP A 11 4.47 -3.17 -8.64
C ASP A 11 3.24 -2.27 -8.43
N MET A 12 2.11 -2.86 -8.18
CA MET A 12 0.87 -2.05 -7.98
C MET A 12 1.00 -1.17 -6.73
N PHE A 13 1.12 -1.78 -5.57
CA PHE A 13 1.23 -0.98 -4.33
C PHE A 13 2.53 -0.16 -4.36
N THR A 14 3.61 -0.74 -4.79
CA THR A 14 4.90 0.02 -4.82
C THR A 14 4.76 1.24 -5.73
N SER A 15 4.19 1.07 -6.90
CA SER A 15 4.04 2.24 -7.81
C SER A 15 3.16 3.32 -7.17
N ALA A 16 2.07 2.92 -6.57
CA ALA A 16 1.16 3.93 -5.93
C ALA A 16 1.79 4.51 -4.66
N ILE A 17 2.34 3.68 -3.81
CA ILE A 17 2.95 4.19 -2.55
C ILE A 17 4.11 5.12 -2.88
N GLU A 18 4.97 4.73 -3.77
CA GLU A 18 6.14 5.59 -4.11
C GLU A 18 5.65 6.87 -4.82
N ALA A 19 4.63 6.75 -5.63
CA ALA A 19 4.13 7.94 -6.35
C ALA A 19 3.55 8.96 -5.36
N VAL A 20 2.88 8.50 -4.33
CA VAL A 20 2.27 9.45 -3.33
C VAL A 20 3.17 9.53 -2.08
N ALA A 21 4.25 8.79 -2.06
CA ALA A 21 5.15 8.84 -0.87
C ALA A 21 5.63 10.27 -0.66
N ARG A 22 6.06 10.91 -1.72
CA ARG A 22 6.52 12.33 -1.60
C ARG A 22 7.48 12.47 -0.41
N ASP A 23 8.27 11.46 -0.16
CA ASP A 23 9.23 11.48 0.97
C ASP A 23 8.50 11.83 2.27
N SER A 24 7.20 11.83 2.25
CA SER A 24 6.42 12.13 3.49
C SER A 24 6.36 10.89 4.38
N GLY A 25 5.97 11.05 5.61
CA GLY A 25 5.91 9.88 6.54
C GLY A 25 4.99 8.80 5.95
N TRP A 26 5.57 7.69 5.54
CA TRP A 26 4.75 6.58 4.97
C TRP A 26 3.74 7.11 3.95
N ALA A 27 2.75 6.33 3.61
CA ALA A 27 1.71 6.77 2.62
C ALA A 27 0.31 6.40 3.14
N GLU A 28 -0.62 7.32 3.08
CA GLU A 28 -1.99 7.02 3.58
C GLU A 28 -2.66 6.00 2.66
N LEU A 29 -3.29 4.99 3.22
CA LEU A 29 -3.95 3.94 2.40
C LEU A 29 -5.00 4.61 1.49
N SER A 30 -5.72 5.57 2.02
CA SER A 30 -6.76 6.25 1.19
C SER A 30 -6.11 6.83 -0.07
N ALA A 31 -4.94 7.41 0.07
CA ALA A 31 -4.26 7.98 -1.13
C ALA A 31 -3.89 6.85 -2.10
N VAL A 32 -3.50 5.72 -1.59
CA VAL A 32 -3.13 4.58 -2.50
C VAL A 32 -4.35 4.16 -3.32
N GLY A 33 -5.47 3.98 -2.68
CA GLY A 33 -6.69 3.55 -3.44
C GLY A 33 -7.06 4.61 -4.48
N SER A 34 -7.08 5.86 -4.08
CA SER A 34 -7.43 6.93 -5.05
C SER A 34 -6.40 6.98 -6.18
N TYR A 35 -5.15 6.88 -5.84
CA TYR A 35 -4.09 6.92 -6.89
C TYR A 35 -4.26 5.75 -7.87
N LEU A 36 -4.46 4.57 -7.34
CA LEU A 36 -4.63 3.38 -8.24
C LEU A 36 -5.89 3.57 -9.09
N ALA A 37 -6.95 4.07 -8.50
CA ALA A 37 -8.20 4.28 -9.29
C ALA A 37 -7.89 5.15 -10.51
N LYS A 38 -7.11 6.17 -10.33
CA LYS A 38 -6.76 7.05 -11.48
C LYS A 38 -5.93 6.25 -12.50
N ASN A 39 -5.00 5.47 -12.02
CA ASN A 39 -4.14 4.65 -12.95
C ASN A 39 -4.81 3.31 -13.22
N ASP A 40 -6.02 3.13 -12.74
CA ASP A 40 -6.75 1.83 -12.95
C ASP A 40 -8.25 2.14 -13.13
N PRO A 41 -8.65 2.56 -14.30
CA PRO A 41 -10.09 2.89 -14.57
C PRO A 41 -11.00 1.67 -14.38
N SER A 42 -12.26 1.90 -14.12
CA SER A 42 -13.21 0.77 -13.91
C SER A 42 -12.89 0.08 -12.57
N PHE A 43 -11.87 0.52 -11.89
CA PHE A 43 -11.51 -0.10 -10.58
C PHE A 43 -12.37 0.52 -9.48
N ASP A 44 -12.91 -0.30 -8.62
CA ASP A 44 -13.78 0.18 -7.50
C ASP A 44 -13.16 -0.24 -6.15
N PRO A 45 -12.29 0.55 -5.57
CA PRO A 45 -11.64 0.20 -4.27
C PRO A 45 -12.71 -0.10 -3.21
N ARG A 46 -13.78 0.60 -3.29
CA ARG A 46 -14.89 0.45 -2.32
C ARG A 46 -15.42 -0.99 -2.38
N ASN A 47 -15.47 -1.57 -3.53
CA ASN A 47 -15.97 -2.97 -3.63
C ASN A 47 -15.03 -3.88 -2.83
N TRP A 48 -13.75 -3.61 -2.88
CA TRP A 48 -12.77 -4.46 -2.14
C TRP A 48 -12.82 -4.10 -0.64
N GLY A 49 -13.88 -3.49 -0.20
CA GLY A 49 -14.00 -3.11 1.25
C GLY A 49 -13.37 -1.74 1.47
N HIS A 50 -13.78 -1.05 2.51
CA HIS A 50 -13.22 0.30 2.80
C HIS A 50 -11.84 0.16 3.46
N GLY A 51 -10.80 0.54 2.77
CA GLY A 51 -9.44 0.43 3.36
C GLY A 51 -9.15 -1.01 3.77
N ARG A 52 -10.04 -1.91 3.44
CA ARG A 52 -9.85 -3.35 3.82
C ARG A 52 -8.63 -3.89 3.08
N LEU A 53 -8.01 -3.08 2.27
CA LEU A 53 -6.80 -3.55 1.52
C LEU A 53 -5.71 -3.90 2.56
N SER A 54 -5.60 -3.13 3.60
CA SER A 54 -4.57 -3.41 4.64
C SER A 54 -4.73 -4.84 5.16
N GLN A 55 -5.94 -5.33 5.22
CA GLN A 55 -6.16 -6.72 5.70
C GLN A 55 -5.85 -7.71 4.58
N MET A 56 -6.17 -7.36 3.35
CA MET A 56 -5.89 -8.28 2.22
C MET A 56 -4.38 -8.47 2.05
N VAL A 57 -3.63 -7.40 2.10
CA VAL A 57 -2.14 -7.52 1.95
C VAL A 57 -1.56 -8.24 3.17
N LYS A 58 -2.25 -8.18 4.27
CA LYS A 58 -1.75 -8.85 5.50
C LYS A 58 -1.78 -10.38 5.31
N LYS A 59 -2.57 -10.87 4.38
CA LYS A 59 -2.65 -12.35 4.17
C LYS A 59 -1.65 -12.80 3.10
N LEU A 60 -1.02 -11.87 2.42
CA LEU A 60 0.00 -12.25 1.37
C LEU A 60 1.39 -12.26 2.03
N ASP A 61 1.45 -11.81 3.25
CA ASP A 61 2.75 -11.80 4.00
C ASP A 61 3.87 -11.22 3.13
N PHE A 62 3.71 -10.02 2.61
CA PHE A 62 4.79 -9.42 1.76
C PHE A 62 4.75 -7.89 1.84
N LEU A 63 3.97 -7.34 2.74
CA LEU A 63 3.89 -5.86 2.91
C LEU A 63 3.87 -5.53 4.41
N THR A 64 4.40 -4.41 4.77
CA THR A 64 4.41 -3.99 6.20
C THR A 64 3.09 -3.25 6.45
N VAL A 65 2.30 -3.71 7.40
CA VAL A 65 0.98 -3.07 7.69
C VAL A 65 1.04 -2.38 9.05
N GLN A 66 0.87 -1.09 9.09
CA GLN A 66 0.91 -0.34 10.39
C GLN A 66 -0.11 0.79 10.35
N GLU A 67 -0.77 1.06 11.44
CA GLU A 67 -1.79 2.16 11.46
C GLU A 67 -1.14 3.45 11.97
N SER A 68 -1.66 4.56 11.55
CA SER A 68 -1.10 5.89 11.98
C SER A 68 -2.26 6.86 12.17
N ARG A 69 -2.30 7.54 13.28
CA ARG A 69 -3.40 8.51 13.51
C ARG A 69 -3.20 9.75 12.64
N ASN A 70 -4.23 10.15 11.94
CA ASN A 70 -4.12 11.35 11.05
C ASN A 70 -5.50 12.00 10.90
N GLY A 71 -5.53 13.27 10.59
CA GLY A 71 -6.84 13.96 10.43
C GLY A 71 -7.67 13.82 11.70
N SER A 72 -8.91 13.44 11.56
CA SER A 72 -9.83 13.26 12.73
C SER A 72 -10.20 11.79 12.89
N LYS A 73 -9.56 10.91 12.15
CA LYS A 73 -9.88 9.45 12.24
C LYS A 73 -8.62 8.62 11.98
N LEU A 74 -8.56 7.43 12.51
CA LEU A 74 -7.36 6.56 12.31
C LEU A 74 -7.22 6.24 10.82
N HIS A 75 -6.01 6.30 10.30
CA HIS A 75 -5.76 5.99 8.86
C HIS A 75 -4.75 4.84 8.74
N SER A 76 -5.03 3.89 7.90
CA SER A 76 -4.10 2.74 7.71
C SER A 76 -2.91 3.19 6.84
N GLU A 77 -1.81 2.48 6.93
CA GLU A 77 -0.62 2.82 6.09
C GLU A 77 0.10 1.52 5.71
N ILE A 78 0.65 1.47 4.52
CA ILE A 78 1.38 0.23 4.06
C ILE A 78 2.72 0.62 3.45
N ARG A 79 3.69 -0.24 3.52
CA ARG A 79 5.03 0.07 2.93
C ARG A 79 5.73 -1.25 2.60
N LEU A 80 6.57 -1.25 1.60
CA LEU A 80 7.28 -2.50 1.23
C LEU A 80 8.19 -2.92 2.41
N ARG A 81 8.12 -4.17 2.79
CA ARG A 81 8.98 -4.65 3.92
C ARG A 81 10.43 -4.78 3.46
N HIS A 82 10.89 -3.87 2.64
CA HIS A 82 12.29 -3.94 2.14
C HIS A 82 13.25 -3.44 3.23
N ASP A 83 13.78 -2.25 3.08
CA ASP A 83 14.73 -1.70 4.09
C ASP A 83 14.02 -1.53 5.44
N GLY A 84 14.65 -1.96 6.50
CA GLY A 84 14.02 -1.84 7.85
C GLY A 84 14.79 -2.67 8.87
N LEU A 85 15.00 -3.93 8.59
CA LEU A 85 15.75 -4.79 9.55
C LEU A 85 17.18 -4.27 9.69
N GLU A 86 17.86 -4.06 8.59
CA GLU A 86 19.26 -3.54 8.62
C GLU A 86 20.07 -4.21 9.76
N HIS A 87 20.98 -3.51 10.37
CA HIS A 87 21.78 -4.11 11.47
C HIS A 87 22.37 -5.46 11.03
N HIS A 88 22.40 -5.70 9.75
CA HIS A 88 22.97 -7.00 9.25
C HIS A 88 24.46 -7.05 9.58
N HIS A 89 25.16 -5.95 9.40
CA HIS A 89 26.62 -5.94 9.70
C HIS A 89 26.83 -6.01 11.22
N HIS A 90 25.84 -5.66 11.98
CA HIS A 90 25.98 -5.70 13.47
C HIS A 90 25.94 -7.15 13.94
N HIS A 91 26.63 -8.03 13.26
CA HIS A 91 26.63 -9.47 13.66
C HIS A 91 27.31 -9.63 15.02
N HIS A 92 28.41 -8.95 15.23
CA HIS A 92 29.13 -9.07 16.53
C HIS A 92 28.17 -8.76 17.69
N MET A 1 -7.05 -19.06 -6.68
CA MET A 1 -5.80 -18.40 -6.19
C MET A 1 -5.45 -17.22 -7.12
N PRO A 2 -6.18 -16.13 -7.02
CA PRO A 2 -5.94 -14.92 -7.86
C PRO A 2 -4.54 -14.33 -7.63
N HIS A 3 -3.93 -13.77 -8.66
CA HIS A 3 -2.58 -13.16 -8.52
C HIS A 3 -2.38 -12.13 -9.62
N LYS A 4 -3.37 -11.91 -10.43
CA LYS A 4 -3.26 -10.92 -11.55
C LYS A 4 -2.01 -11.19 -12.37
N GLU A 5 -2.15 -11.88 -13.46
CA GLU A 5 -0.95 -12.18 -14.31
C GLU A 5 -0.41 -10.88 -14.91
N LYS A 6 -1.28 -9.97 -15.28
CA LYS A 6 -0.82 -8.68 -15.87
C LYS A 6 -0.65 -7.64 -14.75
N HIS A 7 0.33 -6.78 -14.87
CA HIS A 7 0.56 -5.75 -13.81
C HIS A 7 0.64 -6.45 -12.43
N PRO A 8 1.82 -6.87 -12.00
CA PRO A 8 1.97 -7.58 -10.68
C PRO A 8 1.39 -6.75 -9.52
N LEU A 9 0.84 -7.40 -8.52
CA LEU A 9 0.26 -6.67 -7.37
C LEU A 9 1.38 -5.89 -6.67
N GLN A 10 2.53 -6.49 -6.51
CA GLN A 10 3.65 -5.79 -5.84
C GLN A 10 3.99 -4.51 -6.62
N ASP A 11 3.97 -4.58 -7.92
CA ASP A 11 4.30 -3.37 -8.74
C ASP A 11 3.24 -2.28 -8.45
N MET A 12 2.00 -2.66 -8.28
CA MET A 12 0.95 -1.65 -8.02
C MET A 12 1.25 -0.90 -6.73
N PHE A 13 1.56 -1.61 -5.67
CA PHE A 13 1.88 -0.94 -4.38
C PHE A 13 3.21 -0.18 -4.51
N THR A 14 4.20 -0.77 -5.13
CA THR A 14 5.52 -0.10 -5.25
C THR A 14 5.37 1.20 -6.06
N SER A 15 4.75 1.12 -7.20
CA SER A 15 4.57 2.35 -8.03
C SER A 15 3.64 3.34 -7.32
N ALA A 16 2.57 2.88 -6.73
CA ALA A 16 1.61 3.80 -6.04
C ALA A 16 2.24 4.42 -4.79
N ILE A 17 2.84 3.64 -3.94
CA ILE A 17 3.43 4.20 -2.69
C ILE A 17 4.55 5.17 -3.05
N GLU A 18 5.40 4.82 -3.98
CA GLU A 18 6.51 5.74 -4.37
C GLU A 18 5.92 6.99 -5.04
N ALA A 19 4.81 6.87 -5.71
CA ALA A 19 4.19 8.06 -6.39
C ALA A 19 3.78 9.12 -5.35
N VAL A 20 3.08 8.73 -4.31
CA VAL A 20 2.63 9.71 -3.26
C VAL A 20 3.48 9.55 -2.00
N ALA A 21 4.62 8.93 -2.10
CA ALA A 21 5.49 8.74 -0.90
C ALA A 21 5.88 10.10 -0.33
N ARG A 22 6.15 11.05 -1.18
CA ARG A 22 6.52 12.41 -0.69
C ARG A 22 7.66 12.33 0.33
N ASP A 23 8.85 12.02 -0.11
CA ASP A 23 9.98 11.95 0.86
C ASP A 23 9.62 11.05 2.04
N SER A 24 8.90 9.98 1.82
CA SER A 24 8.53 9.07 2.94
C SER A 24 8.09 7.73 2.36
N GLY A 25 8.75 6.66 2.73
CA GLY A 25 8.37 5.33 2.18
C GLY A 25 6.96 4.96 2.64
N TRP A 26 6.32 5.82 3.38
CA TRP A 26 4.93 5.55 3.87
C TRP A 26 3.94 6.30 2.98
N ALA A 27 2.78 5.73 2.76
CA ALA A 27 1.75 6.40 1.90
C ALA A 27 0.36 6.10 2.49
N GLU A 28 -0.54 7.04 2.42
CA GLU A 28 -1.91 6.80 2.97
C GLU A 28 -2.63 5.76 2.10
N LEU A 29 -3.25 4.78 2.71
CA LEU A 29 -3.95 3.72 1.92
C LEU A 29 -4.97 4.39 0.99
N SER A 30 -5.66 5.39 1.47
CA SER A 30 -6.66 6.07 0.61
C SER A 30 -5.96 6.61 -0.64
N ALA A 31 -4.81 7.21 -0.46
CA ALA A 31 -4.07 7.76 -1.64
C ALA A 31 -3.66 6.63 -2.57
N VAL A 32 -3.28 5.50 -2.02
CA VAL A 32 -2.86 4.36 -2.90
C VAL A 32 -4.04 3.93 -3.78
N GLY A 33 -5.18 3.72 -3.18
CA GLY A 33 -6.36 3.28 -3.97
C GLY A 33 -6.71 4.35 -5.01
N SER A 34 -6.72 5.60 -4.62
CA SER A 34 -7.06 6.68 -5.59
C SER A 34 -6.05 6.70 -6.73
N TYR A 35 -4.77 6.62 -6.42
CA TYR A 35 -3.73 6.66 -7.48
C TYR A 35 -3.93 5.47 -8.43
N LEU A 36 -4.09 4.29 -7.88
CA LEU A 36 -4.30 3.10 -8.73
C LEU A 36 -5.62 3.25 -9.50
N ALA A 37 -6.63 3.76 -8.85
CA ALA A 37 -7.95 3.93 -9.54
C ALA A 37 -7.75 4.79 -10.79
N LYS A 38 -7.00 5.85 -10.69
CA LYS A 38 -6.77 6.71 -11.88
C LYS A 38 -5.99 5.92 -12.95
N ASN A 39 -4.98 5.20 -12.54
CA ASN A 39 -4.16 4.43 -13.53
C ASN A 39 -5.03 3.34 -14.19
N ASP A 40 -5.86 2.68 -13.41
CA ASP A 40 -6.72 1.57 -13.97
C ASP A 40 -8.09 2.15 -14.39
N PRO A 41 -8.78 1.56 -15.35
CA PRO A 41 -10.12 2.07 -15.77
C PRO A 41 -11.02 2.36 -14.56
N SER A 42 -11.05 1.47 -13.60
CA SER A 42 -11.90 1.67 -12.40
C SER A 42 -11.51 0.62 -11.35
N PHE A 43 -10.42 0.83 -10.66
CA PHE A 43 -9.99 -0.16 -9.64
C PHE A 43 -11.08 -0.31 -8.58
N ASP A 44 -10.80 -1.09 -7.57
CA ASP A 44 -11.79 -1.31 -6.47
C ASP A 44 -11.02 -1.47 -5.15
N PRO A 45 -10.72 -0.40 -4.45
CA PRO A 45 -9.96 -0.49 -3.17
C PRO A 45 -10.90 -0.88 -2.01
N ARG A 46 -11.43 0.08 -1.31
CA ARG A 46 -12.35 -0.26 -0.17
C ARG A 46 -13.62 -0.92 -0.71
N ASN A 47 -13.95 -0.69 -1.96
CA ASN A 47 -15.19 -1.31 -2.54
C ASN A 47 -15.20 -2.83 -2.27
N TRP A 48 -14.10 -3.35 -1.79
CA TRP A 48 -14.05 -4.83 -1.50
C TRP A 48 -14.80 -5.10 -0.20
N GLY A 49 -14.89 -4.14 0.68
CA GLY A 49 -15.60 -4.36 1.97
C GLY A 49 -15.30 -3.20 2.92
N HIS A 50 -15.66 -3.34 4.17
CA HIS A 50 -15.40 -2.25 5.15
C HIS A 50 -13.92 -2.21 5.51
N GLY A 51 -13.09 -1.66 4.63
CA GLY A 51 -11.63 -1.59 4.93
C GLY A 51 -10.97 -2.96 4.72
N ARG A 52 -11.63 -3.84 4.00
CA ARG A 52 -11.06 -5.20 3.76
C ARG A 52 -9.75 -5.06 2.97
N LEU A 53 -9.54 -3.93 2.33
CA LEU A 53 -8.28 -3.73 1.58
C LEU A 53 -7.11 -3.78 2.56
N SER A 54 -7.25 -3.12 3.69
CA SER A 54 -6.16 -3.13 4.71
C SER A 54 -5.94 -4.57 5.19
N GLN A 55 -6.99 -5.34 5.29
CA GLN A 55 -6.83 -6.75 5.77
C GLN A 55 -6.29 -7.61 4.63
N MET A 56 -6.58 -7.27 3.40
CA MET A 56 -6.08 -8.07 2.26
C MET A 56 -4.55 -8.04 2.24
N VAL A 57 -3.97 -6.87 2.39
CA VAL A 57 -2.48 -6.78 2.39
C VAL A 57 -1.92 -7.52 3.61
N LYS A 58 -2.65 -7.55 4.69
CA LYS A 58 -2.15 -8.24 5.91
C LYS A 58 -1.92 -9.72 5.61
N LYS A 59 -2.74 -10.32 4.80
CA LYS A 59 -2.57 -11.75 4.46
C LYS A 59 -1.24 -11.94 3.71
N LEU A 60 -0.87 -10.97 2.90
CA LEU A 60 0.40 -11.05 2.12
C LEU A 60 1.58 -10.78 3.07
N ASP A 61 2.65 -11.54 2.92
CA ASP A 61 3.85 -11.37 3.81
C ASP A 61 4.81 -10.30 3.25
N PHE A 62 4.92 -10.18 1.96
CA PHE A 62 5.86 -9.18 1.37
C PHE A 62 5.31 -7.76 1.49
N LEU A 63 4.33 -7.55 2.35
CA LEU A 63 3.74 -6.19 2.54
C LEU A 63 3.61 -5.90 4.05
N THR A 64 4.12 -4.78 4.49
CA THR A 64 4.03 -4.40 5.94
C THR A 64 2.78 -3.56 6.15
N VAL A 65 2.03 -3.83 7.19
CA VAL A 65 0.77 -3.05 7.47
C VAL A 65 0.98 -2.18 8.70
N GLN A 66 0.64 -0.93 8.60
CA GLN A 66 0.80 -0.01 9.77
C GLN A 66 -0.22 1.11 9.63
N GLU A 67 -0.57 1.76 10.72
CA GLU A 67 -1.57 2.86 10.65
C GLU A 67 -1.20 3.91 11.69
N SER A 68 -1.63 5.14 11.49
CA SER A 68 -1.30 6.24 12.46
C SER A 68 -2.58 7.02 12.76
N ARG A 69 -2.68 7.52 13.97
CA ARG A 69 -3.88 8.28 14.37
C ARG A 69 -3.85 9.68 13.77
N ASN A 70 -4.97 10.17 13.32
CA ASN A 70 -5.02 11.53 12.71
C ASN A 70 -6.39 12.16 12.94
N GLY A 71 -6.50 13.03 13.90
CA GLY A 71 -7.81 13.69 14.17
C GLY A 71 -8.84 12.65 14.63
N SER A 72 -10.05 12.77 14.16
CA SER A 72 -11.13 11.80 14.56
C SER A 72 -11.15 10.60 13.62
N LYS A 73 -10.21 10.55 12.70
CA LYS A 73 -10.15 9.42 11.71
C LYS A 73 -8.70 8.98 11.51
N LEU A 74 -8.36 7.78 11.91
CA LEU A 74 -6.95 7.30 11.72
C LEU A 74 -6.77 6.93 10.25
N HIS A 75 -5.61 7.22 9.69
CA HIS A 75 -5.35 6.89 8.24
C HIS A 75 -4.46 5.65 8.16
N SER A 76 -4.93 4.65 7.47
CA SER A 76 -4.13 3.39 7.34
C SER A 76 -2.93 3.66 6.42
N GLU A 77 -1.84 2.97 6.65
CA GLU A 77 -0.61 3.17 5.80
C GLU A 77 0.02 1.81 5.52
N ILE A 78 0.74 1.69 4.42
CA ILE A 78 1.40 0.40 4.07
C ILE A 78 2.78 0.71 3.46
N ARG A 79 3.70 -0.22 3.51
CA ARG A 79 5.07 0.00 2.93
C ARG A 79 5.46 -1.28 2.21
N LEU A 80 6.23 -1.17 1.16
CA LEU A 80 6.63 -2.37 0.39
C LEU A 80 7.96 -2.89 0.97
N ARG A 81 7.95 -4.10 1.48
CA ARG A 81 9.19 -4.68 2.09
C ARG A 81 10.26 -4.85 1.03
N HIS A 82 9.89 -5.29 -0.13
CA HIS A 82 10.88 -5.49 -1.23
C HIS A 82 11.90 -6.54 -0.81
N ASP A 83 12.79 -6.20 0.09
CA ASP A 83 13.82 -7.17 0.55
C ASP A 83 13.15 -8.47 1.03
N GLY A 84 12.83 -8.55 2.30
CA GLY A 84 12.17 -9.78 2.84
C GLY A 84 13.23 -10.86 3.11
N LEU A 85 14.48 -10.47 3.18
CA LEU A 85 15.57 -11.47 3.45
C LEU A 85 15.71 -11.64 4.98
N GLU A 86 14.94 -10.92 5.74
CA GLU A 86 15.04 -11.02 7.22
C GLU A 86 14.72 -12.45 7.66
N HIS A 87 15.58 -13.05 8.43
CA HIS A 87 15.34 -14.45 8.90
C HIS A 87 14.37 -14.44 10.08
N HIS A 88 13.80 -15.57 10.42
CA HIS A 88 12.84 -15.63 11.56
C HIS A 88 12.90 -17.03 12.18
N HIS A 89 12.72 -17.13 13.48
CA HIS A 89 12.78 -18.47 14.15
C HIS A 89 11.39 -19.09 14.15
N HIS A 90 11.31 -20.35 13.77
CA HIS A 90 9.99 -21.03 13.73
C HIS A 90 9.45 -21.18 15.16
N HIS A 91 10.31 -21.45 16.09
CA HIS A 91 9.85 -21.63 17.50
C HIS A 91 9.24 -20.32 18.01
N HIS A 92 9.82 -19.21 17.68
CA HIS A 92 9.27 -17.90 18.15
C HIS A 92 7.91 -17.65 17.49
N MET A 1 -3.27 1.27 -21.65
CA MET A 1 -1.84 1.61 -21.82
C MET A 1 -1.20 1.84 -20.45
N PRO A 2 -0.98 0.78 -19.69
CA PRO A 2 -0.36 0.88 -18.32
C PRO A 2 1.05 1.50 -18.35
N HIS A 3 1.42 2.20 -17.32
CA HIS A 3 2.77 2.82 -17.29
C HIS A 3 3.83 1.70 -17.38
N LYS A 4 3.62 0.61 -16.68
CA LYS A 4 4.61 -0.51 -16.73
C LYS A 4 3.92 -1.82 -16.33
N GLU A 5 2.86 -2.17 -17.02
CA GLU A 5 2.13 -3.44 -16.68
C GLU A 5 1.85 -3.50 -15.16
N LYS A 6 0.74 -2.97 -14.72
CA LYS A 6 0.42 -2.99 -13.26
C LYS A 6 -0.39 -4.25 -12.92
N HIS A 7 -0.13 -5.33 -13.62
CA HIS A 7 -0.88 -6.60 -13.34
C HIS A 7 -0.38 -7.21 -12.01
N PRO A 8 0.92 -7.25 -11.78
CA PRO A 8 1.49 -7.83 -10.51
C PRO A 8 1.01 -7.07 -9.26
N LEU A 9 0.79 -7.77 -8.19
CA LEU A 9 0.35 -7.09 -6.94
C LEU A 9 1.47 -6.19 -6.43
N GLN A 10 2.70 -6.65 -6.48
CA GLN A 10 3.83 -5.80 -6.00
C GLN A 10 3.94 -4.55 -6.85
N ASP A 11 3.83 -4.70 -8.15
CA ASP A 11 3.94 -3.50 -9.04
C ASP A 11 2.77 -2.55 -8.75
N MET A 12 1.60 -3.09 -8.50
CA MET A 12 0.43 -2.21 -8.21
C MET A 12 0.69 -1.38 -6.95
N PHE A 13 1.03 -2.01 -5.86
CA PHE A 13 1.30 -1.25 -4.61
C PHE A 13 2.61 -0.45 -4.75
N THR A 14 3.61 -1.03 -5.34
CA THR A 14 4.91 -0.30 -5.49
C THR A 14 4.71 0.94 -6.35
N SER A 15 4.02 0.80 -7.46
CA SER A 15 3.81 1.99 -8.35
C SER A 15 3.07 3.09 -7.59
N ALA A 16 2.05 2.74 -6.86
CA ALA A 16 1.28 3.78 -6.10
C ALA A 16 2.10 4.27 -4.90
N ILE A 17 2.66 3.38 -4.13
CA ILE A 17 3.45 3.80 -2.94
C ILE A 17 4.65 4.62 -3.40
N GLU A 18 5.34 4.18 -4.41
CA GLU A 18 6.53 4.93 -4.90
C GLU A 18 6.11 6.28 -5.47
N ALA A 19 4.95 6.34 -6.08
CA ALA A 19 4.48 7.63 -6.68
C ALA A 19 4.19 8.66 -5.57
N VAL A 20 3.29 8.36 -4.67
CA VAL A 20 2.95 9.34 -3.57
C VAL A 20 3.74 8.98 -2.30
N ALA A 21 4.92 8.41 -2.44
CA ALA A 21 5.72 8.06 -1.24
C ALA A 21 5.85 9.28 -0.32
N ARG A 22 5.64 10.47 -0.85
CA ARG A 22 5.74 11.70 0.00
C ARG A 22 7.15 11.81 0.59
N ASP A 23 8.17 11.54 -0.21
CA ASP A 23 9.58 11.64 0.27
C ASP A 23 9.73 11.04 1.68
N SER A 24 9.02 9.97 1.98
CA SER A 24 9.11 9.34 3.34
C SER A 24 9.00 7.81 3.19
N GLY A 25 9.05 7.32 1.99
CA GLY A 25 8.96 5.85 1.77
C GLY A 25 7.52 5.38 2.02
N TRP A 26 6.91 5.85 3.07
CA TRP A 26 5.50 5.44 3.38
C TRP A 26 4.54 6.13 2.42
N ALA A 27 3.28 5.80 2.48
CA ALA A 27 2.27 6.46 1.58
C ALA A 27 0.89 6.39 2.26
N GLU A 28 0.08 7.39 2.06
CA GLU A 28 -1.27 7.39 2.70
C GLU A 28 -2.16 6.34 2.02
N LEU A 29 -2.75 5.46 2.77
CA LEU A 29 -3.61 4.40 2.17
C LEU A 29 -4.68 5.05 1.27
N SER A 30 -5.27 6.13 1.72
CA SER A 30 -6.31 6.81 0.89
C SER A 30 -5.67 7.25 -0.43
N ALA A 31 -4.49 7.79 -0.38
CA ALA A 31 -3.82 8.24 -1.64
C ALA A 31 -3.60 7.04 -2.57
N VAL A 32 -3.28 5.90 -2.03
CA VAL A 32 -3.05 4.70 -2.89
C VAL A 32 -4.33 4.37 -3.65
N GLY A 33 -5.44 4.29 -2.97
CA GLY A 33 -6.72 3.95 -3.67
C GLY A 33 -7.03 5.01 -4.73
N SER A 34 -6.96 6.26 -4.37
CA SER A 34 -7.25 7.34 -5.37
C SER A 34 -6.19 7.32 -6.47
N TYR A 35 -4.95 7.15 -6.12
CA TYR A 35 -3.86 7.15 -7.15
C TYR A 35 -4.10 5.99 -8.13
N LEU A 36 -4.33 4.82 -7.63
CA LEU A 36 -4.58 3.67 -8.55
C LEU A 36 -5.83 3.93 -9.37
N ALA A 37 -6.86 4.45 -8.75
CA ALA A 37 -8.12 4.73 -9.51
C ALA A 37 -7.81 5.69 -10.66
N LYS A 38 -7.08 6.74 -10.37
CA LYS A 38 -6.75 7.72 -11.44
C LYS A 38 -5.86 7.06 -12.50
N ASN A 39 -4.90 6.27 -12.08
CA ASN A 39 -3.99 5.60 -13.06
C ASN A 39 -4.63 4.29 -13.52
N ASP A 40 -5.78 3.96 -12.99
CA ASP A 40 -6.47 2.70 -13.41
C ASP A 40 -7.95 2.82 -12.99
N PRO A 41 -8.73 3.57 -13.72
CA PRO A 41 -10.19 3.75 -13.41
C PRO A 41 -10.89 2.38 -13.33
N SER A 42 -10.39 1.41 -14.04
CA SER A 42 -11.02 0.06 -14.01
C SER A 42 -10.87 -0.54 -12.63
N PHE A 43 -10.12 0.10 -11.76
CA PHE A 43 -9.93 -0.43 -10.39
C PHE A 43 -11.26 -0.30 -9.61
N ASP A 44 -11.66 -1.34 -8.92
CA ASP A 44 -12.94 -1.33 -8.14
C ASP A 44 -12.63 -1.51 -6.63
N PRO A 45 -12.44 -0.45 -5.88
CA PRO A 45 -12.16 -0.54 -4.41
C PRO A 45 -13.28 -1.29 -3.68
N ARG A 46 -14.40 -1.39 -4.32
CA ARG A 46 -15.57 -2.09 -3.72
C ARG A 46 -15.22 -3.56 -3.51
N ASN A 47 -14.47 -4.13 -4.41
CA ASN A 47 -14.09 -5.56 -4.30
C ASN A 47 -13.30 -5.75 -3.01
N TRP A 48 -12.49 -4.78 -2.65
CA TRP A 48 -11.67 -4.89 -1.41
C TRP A 48 -12.56 -4.60 -0.20
N GLY A 49 -13.83 -4.39 -0.42
CA GLY A 49 -14.76 -4.11 0.71
C GLY A 49 -14.48 -2.71 1.28
N HIS A 50 -13.48 -2.03 0.76
CA HIS A 50 -13.13 -0.67 1.26
C HIS A 50 -12.77 -0.74 2.75
N GLY A 51 -11.92 0.14 3.21
CA GLY A 51 -11.52 0.13 4.65
C GLY A 51 -10.68 -1.13 4.92
N ARG A 52 -11.28 -2.28 4.80
CA ARG A 52 -10.55 -3.56 5.04
C ARG A 52 -9.36 -3.67 4.09
N LEU A 53 -9.13 -2.67 3.28
CA LEU A 53 -7.97 -2.71 2.35
C LEU A 53 -6.69 -2.90 3.16
N SER A 54 -6.59 -2.23 4.27
CA SER A 54 -5.38 -2.37 5.12
C SER A 54 -5.27 -3.83 5.59
N GLN A 55 -6.37 -4.43 5.96
CA GLN A 55 -6.33 -5.85 6.41
C GLN A 55 -6.06 -6.77 5.22
N MET A 56 -6.50 -6.39 4.05
CA MET A 56 -6.28 -7.27 2.84
C MET A 56 -4.77 -7.42 2.59
N VAL A 57 -4.04 -6.34 2.68
CA VAL A 57 -2.56 -6.41 2.44
C VAL A 57 -1.88 -7.09 3.63
N LYS A 58 -2.51 -7.08 4.78
CA LYS A 58 -1.91 -7.71 5.98
C LYS A 58 -1.72 -9.21 5.75
N LYS A 59 -2.66 -9.86 5.10
CA LYS A 59 -2.55 -11.34 4.83
C LYS A 59 -2.03 -11.58 3.41
N LEU A 60 -0.88 -11.03 3.10
CA LEU A 60 -0.29 -11.22 1.73
C LEU A 60 1.26 -11.26 1.87
N ASP A 61 1.78 -11.02 3.04
CA ASP A 61 3.26 -11.04 3.26
C ASP A 61 3.93 -9.96 2.40
N PHE A 62 5.25 -9.93 2.40
CA PHE A 62 6.04 -8.91 1.61
C PHE A 62 5.39 -7.51 1.73
N LEU A 63 4.57 -7.31 2.73
CA LEU A 63 3.87 -5.98 2.91
C LEU A 63 3.80 -5.65 4.40
N THR A 64 4.18 -4.44 4.76
CA THR A 64 4.14 -4.00 6.19
C THR A 64 2.90 -3.13 6.38
N VAL A 65 2.15 -3.35 7.44
CA VAL A 65 0.91 -2.55 7.70
C VAL A 65 1.07 -1.76 8.99
N GLN A 66 0.76 -0.48 8.97
CA GLN A 66 0.88 0.36 10.20
C GLN A 66 -0.36 1.26 10.30
N GLU A 67 -0.75 1.60 11.49
CA GLU A 67 -1.95 2.48 11.69
C GLU A 67 -1.65 3.45 12.82
N SER A 68 -2.01 4.69 12.61
CA SER A 68 -1.79 5.74 13.66
C SER A 68 -3.09 6.52 13.79
N ARG A 69 -3.32 7.07 14.94
CA ARG A 69 -4.56 7.84 15.17
C ARG A 69 -4.32 9.31 14.78
N ASN A 70 -5.19 9.90 14.01
CA ASN A 70 -5.02 11.34 13.61
C ASN A 70 -6.40 11.98 13.37
N GLY A 71 -6.77 12.93 14.18
CA GLY A 71 -8.11 13.59 13.99
C GLY A 71 -9.23 12.59 14.27
N SER A 72 -10.25 12.58 13.44
CA SER A 72 -11.39 11.64 13.64
C SER A 72 -11.18 10.36 12.82
N LYS A 73 -10.09 10.27 12.09
CA LYS A 73 -9.82 9.05 11.26
C LYS A 73 -8.36 8.62 11.43
N LEU A 74 -8.12 7.35 11.54
CA LEU A 74 -6.71 6.87 11.70
C LEU A 74 -5.99 6.96 10.35
N HIS A 75 -4.70 7.15 10.38
CA HIS A 75 -3.92 7.25 9.10
C HIS A 75 -3.23 5.91 8.84
N SER A 76 -3.79 5.12 7.96
CA SER A 76 -3.18 3.79 7.64
C SER A 76 -2.08 3.99 6.59
N GLU A 77 -1.09 3.13 6.58
CA GLU A 77 0.01 3.25 5.57
C GLU A 77 0.49 1.84 5.23
N ILE A 78 1.04 1.67 4.04
CA ILE A 78 1.53 0.32 3.61
C ILE A 78 2.93 0.46 2.99
N ARG A 79 3.74 -0.56 3.09
CA ARG A 79 5.12 -0.52 2.52
C ARG A 79 5.54 -1.93 2.14
N LEU A 80 6.43 -2.06 1.20
CA LEU A 80 6.90 -3.40 0.78
C LEU A 80 7.63 -4.07 1.95
N ARG A 81 7.63 -5.39 1.95
CA ARG A 81 8.29 -6.18 3.05
C ARG A 81 7.33 -6.34 4.23
N HIS A 82 7.52 -7.35 5.03
CA HIS A 82 6.63 -7.55 6.21
C HIS A 82 7.10 -6.65 7.35
N ASP A 83 8.37 -6.38 7.41
CA ASP A 83 8.91 -5.52 8.51
C ASP A 83 10.35 -5.10 8.17
N GLY A 84 11.20 -6.06 7.91
CA GLY A 84 12.63 -5.74 7.56
C GLY A 84 13.48 -5.75 8.83
N LEU A 85 12.89 -5.45 9.95
CA LEU A 85 13.66 -5.44 11.25
C LEU A 85 13.84 -6.88 11.75
N GLU A 86 14.96 -7.16 12.37
CA GLU A 86 15.23 -8.53 12.90
C GLU A 86 15.13 -9.56 11.77
N HIS A 87 16.25 -10.11 11.39
CA HIS A 87 16.27 -11.14 10.29
C HIS A 87 17.46 -12.08 10.51
N HIS A 88 17.47 -13.20 9.84
CA HIS A 88 18.59 -14.16 10.00
C HIS A 88 18.80 -14.47 11.49
N HIS A 89 19.96 -14.95 11.85
CA HIS A 89 20.24 -15.28 13.29
C HIS A 89 19.12 -16.17 13.84
N HIS A 90 19.24 -17.46 13.66
CA HIS A 90 18.20 -18.40 14.16
C HIS A 90 18.37 -18.60 15.67
N HIS A 91 17.30 -18.89 16.37
CA HIS A 91 17.38 -19.09 17.85
C HIS A 91 16.35 -20.14 18.27
N HIS A 92 15.83 -20.89 17.33
CA HIS A 92 14.83 -21.95 17.67
C HIS A 92 13.69 -21.34 18.51
N MET A 1 -16.90 -6.98 -10.96
CA MET A 1 -15.91 -6.50 -9.96
C MET A 1 -14.90 -7.62 -9.67
N PRO A 2 -14.25 -8.15 -10.68
CA PRO A 2 -13.25 -9.25 -10.52
C PRO A 2 -12.00 -8.77 -9.75
N HIS A 3 -11.27 -9.69 -9.17
CA HIS A 3 -10.05 -9.31 -8.40
C HIS A 3 -9.06 -8.58 -9.33
N LYS A 4 -8.97 -8.99 -10.57
CA LYS A 4 -8.01 -8.34 -11.51
C LYS A 4 -6.59 -8.38 -10.94
N GLU A 5 -5.73 -9.18 -11.51
CA GLU A 5 -4.32 -9.29 -11.03
C GLU A 5 -3.41 -9.64 -12.22
N LYS A 6 -3.59 -8.98 -13.33
CA LYS A 6 -2.76 -9.26 -14.52
C LYS A 6 -1.29 -8.96 -14.21
N HIS A 7 -1.03 -7.84 -13.57
CA HIS A 7 0.38 -7.44 -13.24
C HIS A 7 0.67 -7.83 -11.77
N PRO A 8 1.92 -8.11 -11.41
CA PRO A 8 2.27 -8.48 -10.00
C PRO A 8 1.61 -7.55 -8.98
N LEU A 9 1.12 -8.08 -7.89
CA LEU A 9 0.47 -7.23 -6.85
C LEU A 9 1.54 -6.27 -6.28
N GLN A 10 2.72 -6.75 -6.06
CA GLN A 10 3.80 -5.88 -5.50
C GLN A 10 4.02 -4.70 -6.43
N ASP A 11 3.95 -4.93 -7.72
CA ASP A 11 4.16 -3.81 -8.68
C ASP A 11 3.05 -2.77 -8.49
N MET A 12 1.83 -3.21 -8.31
CA MET A 12 0.70 -2.23 -8.13
C MET A 12 0.92 -1.43 -6.85
N PHE A 13 1.24 -2.09 -5.76
CA PHE A 13 1.45 -1.35 -4.48
C PHE A 13 2.78 -0.58 -4.53
N THR A 14 3.82 -1.19 -5.02
CA THR A 14 5.14 -0.50 -5.07
C THR A 14 5.06 0.73 -5.98
N SER A 15 4.54 0.56 -7.16
CA SER A 15 4.45 1.71 -8.10
C SER A 15 3.48 2.77 -7.55
N ALA A 16 2.37 2.35 -7.00
CA ALA A 16 1.39 3.33 -6.46
C ALA A 16 1.92 3.98 -5.18
N ILE A 17 2.40 3.20 -4.25
CA ILE A 17 2.92 3.78 -2.97
C ILE A 17 4.13 4.66 -3.26
N GLU A 18 5.02 4.22 -4.09
CA GLU A 18 6.23 5.02 -4.40
C GLU A 18 5.82 6.30 -5.14
N ALA A 19 4.79 6.24 -5.94
CA ALA A 19 4.35 7.46 -6.68
C ALA A 19 3.86 8.52 -5.70
N VAL A 20 3.15 8.10 -4.67
CA VAL A 20 2.60 9.07 -3.64
C VAL A 20 3.49 9.07 -2.40
N ALA A 21 4.69 8.54 -2.48
CA ALA A 21 5.58 8.52 -1.28
C ALA A 21 6.31 9.86 -1.19
N ARG A 22 5.90 10.82 -1.97
CA ARG A 22 6.55 12.17 -1.96
C ARG A 22 6.75 12.67 -0.52
N ASP A 23 7.84 13.34 -0.28
CA ASP A 23 8.13 13.88 1.08
C ASP A 23 8.11 12.75 2.10
N SER A 24 8.35 11.53 1.69
CA SER A 24 8.35 10.39 2.64
C SER A 24 7.06 10.40 3.47
N GLY A 25 7.09 9.85 4.65
CA GLY A 25 5.88 9.83 5.51
C GLY A 25 4.91 8.74 5.01
N TRP A 26 5.39 7.52 4.95
CA TRP A 26 4.52 6.38 4.48
C TRP A 26 3.67 6.80 3.27
N ALA A 27 2.42 6.40 3.23
CA ALA A 27 1.54 6.78 2.09
C ALA A 27 0.07 6.64 2.54
N GLU A 28 -0.76 7.56 2.18
CA GLU A 28 -2.20 7.49 2.57
C GLU A 28 -2.90 6.41 1.74
N LEU A 29 -3.53 5.46 2.39
CA LEU A 29 -4.20 4.35 1.65
C LEU A 29 -5.18 4.95 0.62
N SER A 30 -5.86 6.00 0.97
CA SER A 30 -6.80 6.61 -0.02
C SER A 30 -6.02 7.06 -1.25
N ALA A 31 -4.88 7.68 -1.04
CA ALA A 31 -4.06 8.13 -2.20
C ALA A 31 -3.56 6.92 -2.99
N VAL A 32 -3.16 5.88 -2.32
CA VAL A 32 -2.65 4.67 -3.04
C VAL A 32 -3.79 4.07 -3.89
N GLY A 33 -4.92 3.83 -3.30
CA GLY A 33 -6.04 3.23 -4.06
C GLY A 33 -6.47 4.18 -5.19
N SER A 34 -6.54 5.45 -4.93
CA SER A 34 -6.96 6.41 -5.98
C SER A 34 -5.94 6.37 -7.13
N TYR A 35 -4.68 6.38 -6.82
CA TYR A 35 -3.64 6.36 -7.90
C TYR A 35 -3.86 5.14 -8.79
N LEU A 36 -4.12 4.00 -8.20
CA LEU A 36 -4.34 2.77 -9.01
C LEU A 36 -5.59 2.98 -9.88
N ALA A 37 -6.61 3.61 -9.35
CA ALA A 37 -7.85 3.83 -10.17
C ALA A 37 -7.48 4.49 -11.51
N LYS A 38 -6.67 5.51 -11.48
CA LYS A 38 -6.28 6.18 -12.75
C LYS A 38 -5.50 5.19 -13.63
N ASN A 39 -4.64 4.40 -13.05
CA ASN A 39 -3.84 3.41 -13.84
C ASN A 39 -4.60 2.08 -13.91
N ASP A 40 -5.82 2.07 -13.42
CA ASP A 40 -6.63 0.82 -13.45
C ASP A 40 -8.10 1.18 -13.18
N PRO A 41 -8.68 2.03 -13.99
CA PRO A 41 -10.11 2.46 -13.80
C PRO A 41 -11.06 1.28 -13.89
N SER A 42 -12.32 1.52 -13.62
CA SER A 42 -13.33 0.43 -13.64
C SER A 42 -13.03 -0.56 -12.51
N PHE A 43 -11.92 -0.39 -11.82
CA PHE A 43 -11.56 -1.31 -10.69
C PHE A 43 -12.07 -0.69 -9.38
N ASP A 44 -11.38 0.33 -8.91
CA ASP A 44 -11.79 0.98 -7.64
C ASP A 44 -11.65 -0.03 -6.48
N PRO A 45 -10.50 -0.09 -5.82
CA PRO A 45 -10.30 -1.05 -4.70
C PRO A 45 -11.38 -0.93 -3.63
N ARG A 46 -11.80 0.27 -3.35
CA ARG A 46 -12.86 0.47 -2.33
C ARG A 46 -14.10 -0.37 -2.68
N ASN A 47 -14.45 -0.45 -3.93
CA ASN A 47 -15.65 -1.24 -4.33
C ASN A 47 -15.61 -2.64 -3.69
N TRP A 48 -14.46 -3.30 -3.72
CA TRP A 48 -14.33 -4.66 -3.10
C TRP A 48 -13.34 -4.60 -1.94
N GLY A 49 -13.04 -3.43 -1.46
CA GLY A 49 -12.07 -3.29 -0.33
C GLY A 49 -12.25 -1.93 0.33
N HIS A 50 -13.40 -1.67 0.88
CA HIS A 50 -13.64 -0.35 1.55
C HIS A 50 -12.81 -0.29 2.82
N GLY A 51 -11.68 0.37 2.77
CA GLY A 51 -10.81 0.48 3.97
C GLY A 51 -10.23 -0.90 4.33
N ARG A 52 -11.01 -1.94 4.21
CA ARG A 52 -10.51 -3.31 4.55
C ARG A 52 -9.42 -3.70 3.57
N LEU A 53 -9.13 -2.86 2.61
CA LEU A 53 -8.06 -3.18 1.63
C LEU A 53 -6.73 -3.31 2.37
N SER A 54 -6.48 -2.42 3.30
CA SER A 54 -5.20 -2.47 4.06
C SER A 54 -5.12 -3.79 4.83
N GLN A 55 -6.25 -4.35 5.18
CA GLN A 55 -6.25 -5.64 5.94
C GLN A 55 -6.07 -6.81 4.95
N MET A 56 -6.62 -6.69 3.77
CA MET A 56 -6.48 -7.79 2.77
C MET A 56 -4.99 -7.99 2.42
N VAL A 57 -4.27 -6.91 2.28
CA VAL A 57 -2.82 -7.03 1.93
C VAL A 57 -2.04 -7.51 3.16
N LYS A 58 -2.68 -7.57 4.30
CA LYS A 58 -1.98 -8.01 5.53
C LYS A 58 -1.42 -9.43 5.33
N LYS A 59 -2.08 -10.23 4.54
CA LYS A 59 -1.58 -11.62 4.31
C LYS A 59 -0.30 -11.57 3.46
N LEU A 60 0.04 -10.40 2.97
CA LEU A 60 1.28 -10.26 2.14
C LEU A 60 2.44 -9.83 3.05
N ASP A 61 3.38 -10.71 3.27
CA ASP A 61 4.53 -10.39 4.16
C ASP A 61 5.39 -9.26 3.57
N PHE A 62 5.57 -9.22 2.27
CA PHE A 62 6.44 -8.16 1.67
C PHE A 62 5.74 -6.79 1.73
N LEU A 63 4.77 -6.63 2.60
CA LEU A 63 4.05 -5.31 2.75
C LEU A 63 3.84 -5.02 4.23
N THR A 64 4.28 -3.88 4.70
CA THR A 64 4.11 -3.51 6.14
C THR A 64 2.76 -2.83 6.32
N VAL A 65 2.07 -3.08 7.41
CA VAL A 65 0.73 -2.46 7.67
C VAL A 65 0.82 -1.57 8.92
N GLN A 66 0.36 -0.35 8.82
CA GLN A 66 0.40 0.58 9.99
C GLN A 66 -0.67 1.64 9.78
N GLU A 67 -1.15 2.25 10.85
CA GLU A 67 -2.23 3.29 10.71
C GLU A 67 -2.03 4.40 11.76
N SER A 68 -2.36 5.62 11.43
CA SER A 68 -2.18 6.73 12.39
C SER A 68 -2.93 7.99 11.89
N ARG A 69 -3.34 8.83 12.80
CA ARG A 69 -4.03 10.08 12.41
C ARG A 69 -4.25 10.94 13.67
N ASN A 70 -4.68 12.16 13.49
CA ASN A 70 -4.92 13.07 14.65
C ASN A 70 -6.15 12.62 15.45
N GLY A 71 -6.31 13.19 16.62
CA GLY A 71 -7.47 12.83 17.47
C GLY A 71 -7.41 11.34 17.81
N SER A 72 -8.55 10.73 18.01
CA SER A 72 -8.60 9.27 18.33
C SER A 72 -8.85 8.48 17.05
N LYS A 73 -8.84 9.12 15.91
CA LYS A 73 -9.10 8.39 14.63
C LYS A 73 -7.79 7.83 14.08
N LEU A 74 -7.85 6.72 13.37
CA LEU A 74 -6.62 6.09 12.79
C LEU A 74 -6.79 5.94 11.27
N HIS A 75 -5.89 6.50 10.51
CA HIS A 75 -5.96 6.40 9.00
C HIS A 75 -5.19 5.17 8.56
N SER A 76 -5.70 4.39 7.63
CA SER A 76 -4.94 3.19 7.17
C SER A 76 -3.75 3.64 6.34
N GLU A 77 -2.61 2.99 6.50
CA GLU A 77 -1.40 3.36 5.70
C GLU A 77 -0.54 2.11 5.48
N ILE A 78 -0.04 1.91 4.28
CA ILE A 78 0.85 0.72 3.99
C ILE A 78 2.17 1.18 3.38
N ARG A 79 3.22 0.38 3.53
CA ARG A 79 4.54 0.77 2.95
C ARG A 79 5.25 -0.49 2.46
N LEU A 80 6.01 -0.38 1.39
CA LEU A 80 6.71 -1.58 0.86
C LEU A 80 7.91 -1.91 1.79
N ARG A 81 8.12 -3.17 2.07
CA ARG A 81 9.24 -3.56 2.97
C ARG A 81 10.59 -3.21 2.29
N HIS A 82 10.56 -2.60 1.14
CA HIS A 82 11.84 -2.22 0.44
C HIS A 82 12.35 -0.89 0.99
N ASP A 83 11.80 -0.44 2.08
CA ASP A 83 12.24 0.86 2.67
C ASP A 83 13.51 0.66 3.50
N GLY A 84 13.99 -0.55 3.56
CA GLY A 84 15.23 -0.83 4.35
C GLY A 84 14.86 -1.04 5.83
N LEU A 85 15.85 -1.17 6.69
CA LEU A 85 15.57 -1.38 8.15
C LEU A 85 16.76 -0.85 8.96
N GLU A 86 17.71 -0.23 8.31
CA GLU A 86 18.90 0.30 9.03
C GLU A 86 18.45 1.21 10.18
N HIS A 87 18.28 0.65 11.35
CA HIS A 87 17.86 1.47 12.53
C HIS A 87 19.07 2.22 13.09
N HIS A 88 20.25 1.79 12.73
CA HIS A 88 21.47 2.48 13.25
C HIS A 88 21.63 3.82 12.55
N HIS A 89 21.45 4.91 13.26
CA HIS A 89 21.57 6.26 12.64
C HIS A 89 23.04 6.68 12.60
N HIS A 90 23.43 7.43 11.60
CA HIS A 90 24.86 7.88 11.51
C HIS A 90 25.13 8.93 12.58
N HIS A 91 26.11 8.70 13.42
CA HIS A 91 26.44 9.70 14.49
C HIS A 91 27.25 10.85 13.91
N HIS A 92 27.11 12.02 14.45
CA HIS A 92 27.89 13.19 13.93
C HIS A 92 29.35 13.06 14.35
N MET A 1 11.35 -2.37 -21.43
CA MET A 1 12.16 -1.98 -20.24
C MET A 1 11.27 -2.05 -18.99
N PRO A 2 11.03 -3.24 -18.48
CA PRO A 2 10.19 -3.44 -17.26
C PRO A 2 10.80 -2.76 -16.02
N HIS A 3 9.97 -2.26 -15.14
CA HIS A 3 10.50 -1.59 -13.90
C HIS A 3 9.40 -1.56 -12.84
N LYS A 4 8.18 -1.30 -13.24
CA LYS A 4 7.05 -1.24 -12.27
C LYS A 4 5.71 -1.40 -13.01
N GLU A 5 5.55 -2.48 -13.72
CA GLU A 5 4.27 -2.70 -14.47
C GLU A 5 3.09 -2.58 -13.50
N LYS A 6 1.89 -2.45 -14.02
CA LYS A 6 0.68 -2.33 -13.13
C LYS A 6 0.01 -3.69 -12.96
N HIS A 7 0.54 -4.72 -13.56
CA HIS A 7 -0.08 -6.08 -13.45
C HIS A 7 0.41 -6.78 -12.14
N PRO A 8 1.69 -6.70 -11.84
CA PRO A 8 2.25 -7.35 -10.61
C PRO A 8 1.71 -6.70 -9.32
N LEU A 9 1.43 -7.48 -8.31
CA LEU A 9 0.92 -6.90 -7.04
C LEU A 9 2.00 -6.01 -6.41
N GLN A 10 3.21 -6.46 -6.39
CA GLN A 10 4.32 -5.66 -5.78
C GLN A 10 4.50 -4.35 -6.55
N ASP A 11 4.55 -4.43 -7.85
CA ASP A 11 4.74 -3.17 -8.64
C ASP A 11 3.52 -2.27 -8.48
N MET A 12 2.35 -2.85 -8.36
CA MET A 12 1.12 -2.02 -8.20
C MET A 12 1.21 -1.18 -6.94
N PHE A 13 1.49 -1.78 -5.81
CA PHE A 13 1.61 -1.00 -4.54
C PHE A 13 2.86 -0.12 -4.59
N THR A 14 3.94 -0.61 -5.11
CA THR A 14 5.19 0.20 -5.16
C THR A 14 4.94 1.47 -5.98
N SER A 15 4.31 1.34 -7.11
CA SER A 15 4.06 2.56 -7.95
C SER A 15 3.17 3.54 -7.19
N ALA A 16 2.16 3.07 -6.53
CA ALA A 16 1.25 3.98 -5.78
C ALA A 16 1.94 4.51 -4.52
N ILE A 17 2.57 3.67 -3.76
CA ILE A 17 3.24 4.13 -2.51
C ILE A 17 4.34 5.14 -2.85
N GLU A 18 5.16 4.84 -3.81
CA GLU A 18 6.25 5.77 -4.19
C GLU A 18 5.67 7.04 -4.81
N ALA A 19 4.58 6.92 -5.52
CA ALA A 19 3.97 8.12 -6.15
C ALA A 19 3.45 9.08 -5.08
N VAL A 20 2.86 8.56 -4.02
CA VAL A 20 2.31 9.45 -2.93
C VAL A 20 3.30 9.48 -1.75
N ALA A 21 4.45 8.88 -1.90
CA ALA A 21 5.44 8.89 -0.79
C ALA A 21 5.94 10.32 -0.58
N ARG A 22 5.58 11.22 -1.46
CA ARG A 22 6.04 12.64 -1.31
C ARG A 22 5.53 13.22 0.01
N ASP A 23 6.21 12.92 1.08
CA ASP A 23 5.80 13.45 2.41
C ASP A 23 6.87 13.06 3.44
N SER A 24 7.22 11.80 3.47
CA SER A 24 8.26 11.35 4.45
C SER A 24 8.70 9.93 4.12
N GLY A 25 7.80 9.14 3.57
CA GLY A 25 8.15 7.73 3.20
C GLY A 25 6.88 6.88 3.17
N TRP A 26 6.23 6.73 4.28
CA TRP A 26 4.98 5.92 4.33
C TRP A 26 3.98 6.42 3.29
N ALA A 27 2.79 5.87 3.29
CA ALA A 27 1.75 6.30 2.31
C ALA A 27 0.37 5.99 2.89
N GLU A 28 -0.56 6.90 2.78
CA GLU A 28 -1.93 6.65 3.33
C GLU A 28 -2.67 5.65 2.44
N LEU A 29 -3.28 4.65 3.03
CA LEU A 29 -4.01 3.63 2.23
C LEU A 29 -5.05 4.32 1.36
N SER A 30 -5.74 5.30 1.89
CA SER A 30 -6.77 6.01 1.07
C SER A 30 -6.10 6.58 -0.19
N ALA A 31 -4.94 7.16 -0.04
CA ALA A 31 -4.24 7.72 -1.22
C ALA A 31 -3.89 6.60 -2.21
N VAL A 32 -3.51 5.46 -1.70
CA VAL A 32 -3.14 4.32 -2.60
C VAL A 32 -4.38 3.90 -3.42
N GLY A 33 -5.48 3.70 -2.77
CA GLY A 33 -6.72 3.28 -3.50
C GLY A 33 -7.11 4.37 -4.51
N SER A 34 -7.09 5.60 -4.11
CA SER A 34 -7.47 6.70 -5.05
C SER A 34 -6.41 6.83 -6.15
N TYR A 35 -5.17 6.75 -5.80
CA TYR A 35 -4.09 6.88 -6.83
C TYR A 35 -4.22 5.76 -7.87
N LEU A 36 -4.38 4.54 -7.41
CA LEU A 36 -4.51 3.41 -8.37
C LEU A 36 -5.78 3.61 -9.18
N ALA A 37 -6.84 4.04 -8.57
CA ALA A 37 -8.11 4.26 -9.32
C ALA A 37 -7.86 5.22 -10.49
N LYS A 38 -7.11 6.27 -10.26
CA LYS A 38 -6.83 7.23 -11.37
C LYS A 38 -6.07 6.51 -12.48
N ASN A 39 -5.06 5.76 -12.13
CA ASN A 39 -4.27 5.04 -13.17
C ASN A 39 -5.16 3.99 -13.85
N ASP A 40 -6.00 3.33 -13.09
CA ASP A 40 -6.92 2.28 -13.65
C ASP A 40 -8.33 2.50 -13.08
N PRO A 41 -9.10 3.40 -13.66
CA PRO A 41 -10.50 3.68 -13.18
C PRO A 41 -11.34 2.40 -13.15
N SER A 42 -11.03 1.47 -14.01
CA SER A 42 -11.80 0.20 -14.03
C SER A 42 -11.53 -0.60 -12.76
N PHE A 43 -10.59 -0.15 -11.95
CA PHE A 43 -10.28 -0.88 -10.67
C PHE A 43 -11.17 -0.32 -9.56
N ASP A 44 -11.93 -1.19 -8.93
CA ASP A 44 -12.86 -0.78 -7.83
C ASP A 44 -12.56 -1.60 -6.57
N PRO A 45 -11.56 -1.22 -5.79
CA PRO A 45 -11.21 -1.97 -4.55
C PRO A 45 -12.23 -1.70 -3.44
N ARG A 46 -12.75 -0.51 -3.39
CA ARG A 46 -13.75 -0.18 -2.34
C ARG A 46 -14.99 -1.08 -2.54
N ASN A 47 -15.43 -1.24 -3.77
CA ASN A 47 -16.63 -2.09 -4.04
C ASN A 47 -16.52 -3.43 -3.32
N TRP A 48 -15.32 -3.93 -3.14
CA TRP A 48 -15.12 -5.24 -2.42
C TRP A 48 -14.00 -5.06 -1.41
N GLY A 49 -13.76 -3.85 -0.98
CA GLY A 49 -12.68 -3.60 0.01
C GLY A 49 -12.78 -2.18 0.53
N HIS A 50 -13.91 -1.81 1.07
CA HIS A 50 -14.07 -0.43 1.62
C HIS A 50 -13.05 -0.19 2.73
N GLY A 51 -12.92 -1.12 3.64
CA GLY A 51 -11.96 -0.98 4.77
C GLY A 51 -11.19 -2.29 4.95
N ARG A 52 -11.82 -3.39 4.61
CA ARG A 52 -11.15 -4.71 4.75
C ARG A 52 -9.90 -4.75 3.84
N LEU A 53 -9.72 -3.73 3.04
CA LEU A 53 -8.54 -3.70 2.12
C LEU A 53 -7.27 -3.71 2.96
N SER A 54 -7.26 -2.99 4.04
CA SER A 54 -6.05 -2.94 4.91
C SER A 54 -5.70 -4.36 5.38
N GLN A 55 -6.70 -5.14 5.72
CA GLN A 55 -6.42 -6.53 6.19
C GLN A 55 -6.06 -7.42 4.99
N MET A 56 -6.53 -7.11 3.81
CA MET A 56 -6.20 -7.96 2.62
C MET A 56 -4.69 -7.90 2.36
N VAL A 57 -4.10 -6.74 2.43
CA VAL A 57 -2.63 -6.61 2.17
C VAL A 57 -1.85 -7.26 3.32
N LYS A 58 -2.47 -7.38 4.46
CA LYS A 58 -1.78 -7.99 5.63
C LYS A 58 -1.44 -9.45 5.31
N LYS A 59 -2.23 -10.10 4.51
CA LYS A 59 -1.94 -11.51 4.14
C LYS A 59 -0.61 -11.58 3.39
N LEU A 60 -0.31 -10.58 2.62
CA LEU A 60 0.97 -10.58 1.84
C LEU A 60 2.13 -10.30 2.78
N ASP A 61 3.02 -11.26 2.93
CA ASP A 61 4.18 -11.10 3.84
C ASP A 61 5.12 -9.96 3.38
N PHE A 62 5.38 -9.86 2.10
CA PHE A 62 6.33 -8.79 1.62
C PHE A 62 5.72 -7.39 1.77
N LEU A 63 4.71 -7.24 2.59
CA LEU A 63 4.05 -5.90 2.81
C LEU A 63 3.80 -5.70 4.30
N THR A 64 4.35 -4.66 4.87
CA THR A 64 4.14 -4.38 6.33
C THR A 64 2.92 -3.47 6.48
N VAL A 65 2.07 -3.74 7.45
CA VAL A 65 0.83 -2.89 7.67
C VAL A 65 0.91 -2.21 9.03
N GLN A 66 0.72 -0.91 9.06
CA GLN A 66 0.76 -0.15 10.36
C GLN A 66 -0.26 0.98 10.28
N GLU A 67 -0.88 1.32 11.38
CA GLU A 67 -1.90 2.41 11.39
C GLU A 67 -1.23 3.72 11.83
N SER A 68 -1.69 4.85 11.33
CA SER A 68 -1.09 6.17 11.70
C SER A 68 -2.19 7.11 12.18
N ARG A 69 -1.89 7.88 13.21
CA ARG A 69 -2.91 8.83 13.74
C ARG A 69 -3.00 10.06 12.83
N ASN A 70 -4.21 10.45 12.47
CA ASN A 70 -4.41 11.63 11.56
C ASN A 70 -5.73 12.35 11.89
N GLY A 71 -5.66 13.44 12.60
CA GLY A 71 -6.91 14.19 12.92
C GLY A 71 -7.87 13.31 13.71
N SER A 72 -9.15 13.44 13.46
CA SER A 72 -10.16 12.61 14.19
C SER A 72 -10.34 11.25 13.49
N LYS A 73 -9.61 11.01 12.42
CA LYS A 73 -9.74 9.71 11.69
C LYS A 73 -8.35 9.20 11.28
N LEU A 74 -7.95 8.06 11.80
CA LEU A 74 -6.61 7.50 11.45
C LEU A 74 -6.67 6.93 10.02
N HIS A 75 -5.55 6.50 9.51
CA HIS A 75 -5.52 5.93 8.11
C HIS A 75 -4.52 4.79 8.04
N SER A 76 -4.88 3.72 7.38
CA SER A 76 -3.94 2.56 7.27
C SER A 76 -2.77 2.93 6.36
N GLU A 77 -1.63 2.34 6.60
CA GLU A 77 -0.41 2.63 5.76
C GLU A 77 0.26 1.31 5.41
N ILE A 78 0.93 1.26 4.28
CA ILE A 78 1.63 0.01 3.84
C ILE A 78 3.04 0.36 3.38
N ARG A 79 3.96 -0.58 3.49
CA ARG A 79 5.37 -0.32 3.06
C ARG A 79 5.99 -1.62 2.58
N LEU A 80 6.94 -1.56 1.70
CA LEU A 80 7.58 -2.80 1.19
C LEU A 80 8.62 -3.28 2.21
N ARG A 81 8.34 -4.37 2.87
CA ARG A 81 9.29 -4.90 3.89
C ARG A 81 10.55 -5.45 3.21
N HIS A 82 10.49 -5.65 1.91
CA HIS A 82 11.68 -6.18 1.18
C HIS A 82 12.14 -7.49 1.84
N ASP A 83 11.48 -8.58 1.53
CA ASP A 83 11.86 -9.89 2.13
C ASP A 83 13.12 -10.43 1.45
N GLY A 84 13.64 -9.73 0.47
CA GLY A 84 14.86 -10.21 -0.24
C GLY A 84 15.95 -10.56 0.78
N LEU A 85 16.65 -9.58 1.29
CA LEU A 85 17.73 -9.85 2.30
C LEU A 85 18.69 -10.92 1.75
N GLU A 86 18.83 -12.03 2.43
CA GLU A 86 19.76 -13.10 1.96
C GLU A 86 19.10 -13.90 0.84
N HIS A 87 17.85 -13.64 0.57
CA HIS A 87 17.14 -14.38 -0.52
C HIS A 87 17.36 -15.89 -0.36
N HIS A 88 16.46 -16.55 0.33
CA HIS A 88 16.60 -18.03 0.52
C HIS A 88 15.30 -18.59 1.09
N HIS A 89 14.36 -18.94 0.24
CA HIS A 89 13.06 -19.50 0.72
C HIS A 89 12.49 -20.44 -0.35
N HIS A 90 11.86 -21.52 0.08
CA HIS A 90 11.27 -22.50 -0.89
C HIS A 90 9.82 -22.11 -1.18
N HIS A 91 9.52 -21.82 -2.41
CA HIS A 91 8.12 -21.43 -2.78
C HIS A 91 7.20 -22.63 -2.60
N HIS A 92 7.61 -23.79 -3.04
CA HIS A 92 6.76 -25.01 -2.91
C HIS A 92 6.72 -25.45 -1.44
N MET A 1 3.80 -9.89 -23.77
CA MET A 1 3.18 -8.67 -24.33
C MET A 1 2.43 -7.94 -23.21
N PRO A 2 2.28 -6.63 -23.29
CA PRO A 2 1.56 -5.84 -22.24
C PRO A 2 0.06 -6.18 -22.19
N HIS A 3 -0.55 -6.01 -21.05
CA HIS A 3 -2.01 -6.31 -20.90
C HIS A 3 -2.60 -5.45 -19.78
N LYS A 4 -3.86 -5.12 -19.88
CA LYS A 4 -4.52 -4.27 -18.81
C LYS A 4 -5.06 -5.16 -17.69
N GLU A 5 -4.87 -6.44 -17.80
CA GLU A 5 -5.37 -7.36 -16.73
C GLU A 5 -4.80 -6.93 -15.37
N LYS A 6 -5.02 -7.70 -14.34
CA LYS A 6 -4.49 -7.32 -13.00
C LYS A 6 -2.96 -7.53 -13.04
N HIS A 7 -2.21 -6.47 -12.82
CA HIS A 7 -0.72 -6.58 -12.86
C HIS A 7 -0.23 -7.28 -11.57
N PRO A 8 1.06 -7.49 -11.42
CA PRO A 8 1.62 -8.17 -10.20
C PRO A 8 1.26 -7.41 -8.92
N LEU A 9 1.02 -8.11 -7.85
CA LEU A 9 0.68 -7.43 -6.57
C LEU A 9 1.87 -6.59 -6.10
N GLN A 10 3.06 -7.11 -6.22
CA GLN A 10 4.26 -6.35 -5.78
C GLN A 10 4.44 -5.11 -6.65
N ASP A 11 4.32 -5.27 -7.93
CA ASP A 11 4.47 -4.11 -8.85
C ASP A 11 3.33 -3.12 -8.61
N MET A 12 2.21 -3.61 -8.15
CA MET A 12 1.04 -2.72 -7.90
C MET A 12 1.34 -1.77 -6.74
N PHE A 13 1.53 -2.29 -5.56
CA PHE A 13 1.79 -1.41 -4.38
C PHE A 13 3.08 -0.61 -4.59
N THR A 14 4.13 -1.24 -5.03
CA THR A 14 5.41 -0.51 -5.22
C THR A 14 5.24 0.63 -6.23
N SER A 15 4.55 0.39 -7.32
CA SER A 15 4.36 1.47 -8.32
C SER A 15 3.61 2.64 -7.70
N ALA A 16 2.56 2.37 -7.00
CA ALA A 16 1.76 3.47 -6.37
C ALA A 16 2.52 4.09 -5.20
N ILE A 17 3.04 3.29 -4.32
CA ILE A 17 3.76 3.84 -3.14
C ILE A 17 4.98 4.65 -3.61
N GLU A 18 5.76 4.09 -4.50
CA GLU A 18 6.97 4.83 -4.99
C GLU A 18 6.52 6.05 -5.79
N ALA A 19 5.35 6.02 -6.35
CA ALA A 19 4.86 7.18 -7.16
C ALA A 19 4.38 8.31 -6.25
N VAL A 20 3.83 8.00 -5.09
CA VAL A 20 3.32 9.06 -4.16
C VAL A 20 4.23 9.15 -2.93
N ALA A 21 5.27 8.35 -2.87
CA ALA A 21 6.20 8.43 -1.70
C ALA A 21 7.02 9.71 -1.81
N ARG A 22 6.61 10.65 -2.62
CA ARG A 22 7.39 11.93 -2.77
C ARG A 22 7.73 12.51 -1.39
N ASP A 23 7.11 12.01 -0.36
CA ASP A 23 7.40 12.51 1.01
C ASP A 23 8.76 11.98 1.47
N SER A 24 9.36 11.11 0.69
CA SER A 24 10.69 10.54 1.06
C SER A 24 10.52 9.61 2.27
N GLY A 25 9.45 8.84 2.28
CA GLY A 25 9.23 7.92 3.44
C GLY A 25 7.94 7.13 3.21
N TRP A 26 7.18 6.93 4.25
CA TRP A 26 5.91 6.16 4.14
C TRP A 26 5.02 6.78 3.05
N ALA A 27 3.79 6.32 2.97
CA ALA A 27 2.86 6.87 1.92
C ALA A 27 1.41 6.78 2.46
N GLU A 28 0.61 7.78 2.21
CA GLU A 28 -0.80 7.74 2.70
C GLU A 28 -1.58 6.70 1.90
N LEU A 29 -2.24 5.79 2.57
CA LEU A 29 -3.01 4.73 1.87
C LEU A 29 -4.07 5.40 0.97
N SER A 30 -4.69 6.44 1.42
CA SER A 30 -5.73 7.11 0.59
C SER A 30 -5.12 7.50 -0.76
N ALA A 31 -3.94 8.04 -0.75
CA ALA A 31 -3.29 8.43 -2.04
C ALA A 31 -3.02 7.17 -2.87
N VAL A 32 -2.64 6.10 -2.23
CA VAL A 32 -2.35 4.84 -2.98
C VAL A 32 -3.63 4.35 -3.68
N GLY A 33 -4.72 4.28 -2.95
CA GLY A 33 -5.98 3.80 -3.58
C GLY A 33 -6.40 4.73 -4.72
N SER A 34 -6.34 6.01 -4.50
CA SER A 34 -6.73 6.96 -5.58
C SER A 34 -5.79 6.81 -6.77
N TYR A 35 -4.51 6.72 -6.54
CA TYR A 35 -3.56 6.59 -7.67
C TYR A 35 -3.86 5.30 -8.44
N LEU A 36 -4.00 4.20 -7.74
CA LEU A 36 -4.29 2.92 -8.43
C LEU A 36 -5.66 3.01 -9.09
N ALA A 37 -6.63 3.59 -8.43
CA ALA A 37 -7.99 3.68 -9.04
C ALA A 37 -7.90 4.39 -10.39
N LYS A 38 -7.18 5.48 -10.46
CA LYS A 38 -7.04 6.21 -11.76
C LYS A 38 -6.31 5.35 -12.79
N ASN A 39 -5.27 4.67 -12.37
CA ASN A 39 -4.50 3.80 -13.32
C ASN A 39 -5.13 2.42 -13.40
N ASP A 40 -6.13 2.17 -12.60
CA ASP A 40 -6.81 0.85 -12.59
C ASP A 40 -8.25 1.03 -12.09
N PRO A 41 -9.08 1.76 -12.81
CA PRO A 41 -10.49 2.00 -12.38
C PRO A 41 -11.24 0.70 -12.11
N SER A 42 -12.54 0.77 -12.00
CA SER A 42 -13.35 -0.45 -11.71
C SER A 42 -13.05 -0.93 -10.28
N PHE A 43 -12.10 -0.31 -9.62
CA PHE A 43 -11.77 -0.71 -8.22
C PHE A 43 -12.84 -0.14 -7.27
N ASP A 44 -13.30 -0.94 -6.34
CA ASP A 44 -14.35 -0.49 -5.38
C ASP A 44 -13.83 -0.69 -3.94
N PRO A 45 -13.09 0.25 -3.41
CA PRO A 45 -12.52 0.13 -2.02
C PRO A 45 -13.66 0.07 -0.99
N ARG A 46 -14.77 0.61 -1.35
CA ARG A 46 -15.95 0.62 -0.45
C ARG A 46 -16.46 -0.80 -0.25
N ASN A 47 -16.43 -1.60 -1.28
CA ASN A 47 -16.92 -3.00 -1.15
C ASN A 47 -16.19 -3.71 -0.01
N TRP A 48 -15.18 -3.10 0.55
CA TRP A 48 -14.42 -3.74 1.68
C TRP A 48 -14.94 -3.23 3.03
N GLY A 49 -15.68 -2.14 3.00
CA GLY A 49 -16.24 -1.58 4.27
C GLY A 49 -15.15 -1.44 5.34
N HIS A 50 -14.65 -0.25 5.53
CA HIS A 50 -13.59 -0.04 6.57
C HIS A 50 -12.45 -1.05 6.39
N GLY A 51 -11.51 -0.75 5.53
CA GLY A 51 -10.38 -1.69 5.31
C GLY A 51 -9.75 -1.38 3.94
N ARG A 52 -10.53 -1.43 2.91
CA ARG A 52 -10.00 -1.12 1.54
C ARG A 52 -8.68 -1.87 1.29
N LEU A 53 -7.70 -1.18 0.79
CA LEU A 53 -6.39 -1.82 0.53
C LEU A 53 -5.79 -2.28 1.86
N SER A 54 -5.99 -1.52 2.90
CA SER A 54 -5.42 -1.90 4.23
C SER A 54 -5.78 -3.36 4.54
N GLN A 55 -6.91 -3.81 4.06
CA GLN A 55 -7.31 -5.22 4.30
C GLN A 55 -6.62 -6.12 3.26
N MET A 56 -6.54 -5.67 2.04
CA MET A 56 -5.88 -6.50 0.98
C MET A 56 -4.40 -6.70 1.33
N VAL A 57 -3.71 -5.66 1.71
CA VAL A 57 -2.26 -5.79 2.05
C VAL A 57 -2.11 -6.69 3.28
N LYS A 58 -3.03 -6.60 4.20
CA LYS A 58 -2.95 -7.42 5.44
C LYS A 58 -2.87 -8.90 5.06
N LYS A 59 -3.67 -9.32 4.12
CA LYS A 59 -3.62 -10.76 3.70
C LYS A 59 -2.28 -11.03 3.02
N LEU A 60 -1.85 -10.15 2.15
CA LEU A 60 -0.57 -10.36 1.43
C LEU A 60 0.61 -10.06 2.37
N ASP A 61 1.68 -10.82 2.24
CA ASP A 61 2.87 -10.61 3.13
C ASP A 61 3.88 -9.66 2.44
N PHE A 62 5.15 -9.80 2.73
CA PHE A 62 6.21 -8.93 2.11
C PHE A 62 5.75 -7.46 2.09
N LEU A 63 4.78 -7.10 2.90
CA LEU A 63 4.28 -5.69 2.95
C LEU A 63 4.18 -5.23 4.42
N THR A 64 4.73 -4.07 4.71
CA THR A 64 4.68 -3.54 6.11
C THR A 64 3.40 -2.70 6.26
N VAL A 65 2.68 -2.88 7.36
CA VAL A 65 1.42 -2.09 7.59
C VAL A 65 1.56 -1.30 8.89
N GLN A 66 1.25 -0.03 8.83
CA GLN A 66 1.33 0.82 10.06
C GLN A 66 0.31 1.94 9.93
N GLU A 67 -0.65 2.00 10.83
CA GLU A 67 -1.71 3.05 10.78
C GLU A 67 -1.74 3.83 12.10
N SER A 68 -1.84 5.13 12.02
CA SER A 68 -1.89 5.99 13.24
C SER A 68 -3.35 6.36 13.49
N ARG A 69 -3.84 6.08 14.66
CA ARG A 69 -5.26 6.42 14.97
C ARG A 69 -5.42 7.94 15.03
N ASN A 70 -6.45 8.47 14.41
CA ASN A 70 -6.67 9.96 14.41
C ASN A 70 -8.17 10.26 14.34
N GLY A 71 -8.75 10.65 15.44
CA GLY A 71 -10.21 10.97 15.43
C GLY A 71 -11.02 9.76 14.96
N SER A 72 -12.06 9.99 14.21
CA SER A 72 -12.90 8.86 13.70
C SER A 72 -12.30 8.27 12.43
N LYS A 73 -11.30 8.92 11.86
CA LYS A 73 -10.65 8.41 10.60
C LYS A 73 -9.16 8.18 10.88
N LEU A 74 -8.71 6.96 10.79
CA LEU A 74 -7.26 6.66 11.02
C LEU A 74 -6.52 6.79 9.69
N HIS A 75 -5.25 7.14 9.73
CA HIS A 75 -4.46 7.27 8.46
C HIS A 75 -3.62 6.01 8.26
N SER A 76 -4.08 5.12 7.42
CA SER A 76 -3.32 3.86 7.16
C SER A 76 -2.12 4.18 6.28
N GLU A 77 -1.03 3.48 6.46
CA GLU A 77 0.19 3.70 5.63
C GLU A 77 0.85 2.35 5.38
N ILE A 78 1.39 2.16 4.22
CA ILE A 78 2.07 0.87 3.86
C ILE A 78 3.42 1.16 3.21
N ARG A 79 4.32 0.23 3.29
CA ARG A 79 5.66 0.41 2.65
C ARG A 79 6.20 -0.96 2.23
N LEU A 80 7.00 -1.00 1.20
CA LEU A 80 7.57 -2.31 0.75
C LEU A 80 8.62 -2.74 1.77
N ARG A 81 8.44 -3.90 2.36
CA ARG A 81 9.40 -4.39 3.39
C ARG A 81 10.83 -4.40 2.83
N HIS A 82 11.78 -3.94 3.60
CA HIS A 82 13.19 -3.93 3.10
C HIS A 82 13.59 -5.36 2.73
N ASP A 83 13.40 -5.74 1.49
CA ASP A 83 13.75 -7.13 1.06
C ASP A 83 15.25 -7.20 0.74
N GLY A 84 16.01 -7.91 1.53
CA GLY A 84 17.47 -8.01 1.27
C GLY A 84 18.12 -8.87 2.36
N LEU A 85 19.36 -8.62 2.67
CA LEU A 85 20.06 -9.42 3.71
C LEU A 85 20.03 -10.90 3.30
N GLU A 86 21.08 -11.38 2.66
CA GLU A 86 21.13 -12.80 2.22
C GLU A 86 21.94 -13.63 3.23
N HIS A 87 21.55 -13.60 4.47
CA HIS A 87 22.28 -14.37 5.52
C HIS A 87 23.77 -14.06 5.48
N HIS A 88 24.15 -12.93 6.02
CA HIS A 88 25.61 -12.56 6.03
C HIS A 88 26.33 -13.41 7.08
N HIS A 89 27.59 -13.70 6.87
CA HIS A 89 28.36 -14.51 7.87
C HIS A 89 29.86 -14.18 7.76
N HIS A 90 30.57 -14.26 8.85
CA HIS A 90 32.04 -13.96 8.82
C HIS A 90 32.75 -14.82 9.87
N HIS A 91 33.93 -15.28 9.55
CA HIS A 91 34.71 -16.14 10.52
C HIS A 91 33.81 -17.24 11.08
N HIS A 92 33.70 -18.34 10.39
CA HIS A 92 32.85 -19.46 10.87
C HIS A 92 33.33 -19.91 12.25
#